data_3KNV
# 
_entry.id   3KNV 
# 
_audit_conform.dict_name       mmcif_pdbx.dic 
_audit_conform.dict_version    5.387 
_audit_conform.dict_location   http://mmcif.pdb.org/dictionaries/ascii/mmcif_pdbx.dic 
# 
loop_
_database_2.database_id 
_database_2.database_code 
_database_2.pdbx_database_accession 
_database_2.pdbx_DOI 
PDB   3KNV         pdb_00003knv 10.2210/pdb3knv/pdb 
RCSB  RCSB056225   ?            ?                   
WWPDB D_1000056225 ?            ?                   
# 
loop_
_pdbx_audit_revision_history.ordinal 
_pdbx_audit_revision_history.data_content_type 
_pdbx_audit_revision_history.major_revision 
_pdbx_audit_revision_history.minor_revision 
_pdbx_audit_revision_history.revision_date 
1 'Structure model' 1 0 2009-11-24 
2 'Structure model' 1 1 2011-07-13 
3 'Structure model' 1 2 2017-11-01 
4 'Structure model' 1 3 2024-02-21 
# 
_pdbx_audit_revision_details.ordinal             1 
_pdbx_audit_revision_details.revision_ordinal    1 
_pdbx_audit_revision_details.data_content_type   'Structure model' 
_pdbx_audit_revision_details.provider            repository 
_pdbx_audit_revision_details.type                'Initial release' 
_pdbx_audit_revision_details.description         ? 
_pdbx_audit_revision_details.details             ? 
# 
loop_
_pdbx_audit_revision_group.ordinal 
_pdbx_audit_revision_group.revision_ordinal 
_pdbx_audit_revision_group.data_content_type 
_pdbx_audit_revision_group.group 
1 2 'Structure model' 'Version format compliance' 
2 3 'Structure model' 'Refinement description'    
3 4 'Structure model' 'Data collection'           
4 4 'Structure model' 'Database references'       
5 4 'Structure model' 'Derived calculations'      
# 
loop_
_pdbx_audit_revision_category.ordinal 
_pdbx_audit_revision_category.revision_ordinal 
_pdbx_audit_revision_category.data_content_type 
_pdbx_audit_revision_category.category 
1 3 'Structure model' software           
2 4 'Structure model' chem_comp_atom     
3 4 'Structure model' chem_comp_bond     
4 4 'Structure model' database_2         
5 4 'Structure model' struct_ref_seq_dif 
6 4 'Structure model' struct_site        
# 
loop_
_pdbx_audit_revision_item.ordinal 
_pdbx_audit_revision_item.revision_ordinal 
_pdbx_audit_revision_item.data_content_type 
_pdbx_audit_revision_item.item 
1 4 'Structure model' '_database_2.pdbx_DOI'                
2 4 'Structure model' '_database_2.pdbx_database_accession' 
3 4 'Structure model' '_struct_ref_seq_dif.details'         
4 4 'Structure model' '_struct_site.pdbx_auth_asym_id'      
5 4 'Structure model' '_struct_site.pdbx_auth_comp_id'      
6 4 'Structure model' '_struct_site.pdbx_auth_seq_id'       
# 
_pdbx_database_status.entry_id                        3KNV 
_pdbx_database_status.status_code                     REL 
_pdbx_database_status.deposit_site                    RCSB 
_pdbx_database_status.process_site                    RCSB 
_pdbx_database_status.recvd_initial_deposition_date   2009-11-12 
_pdbx_database_status.status_code_sf                  REL 
_pdbx_database_status.status_code_mr                  ? 
_pdbx_database_status.SG_entry                        ? 
_pdbx_database_status.pdb_format_compatible           Y 
_pdbx_database_status.status_code_cs                  ? 
_pdbx_database_status.methods_development_category    ? 
_pdbx_database_status.status_code_nmr_data            ? 
# 
_pdbx_database_related.db_name        PDB 
_pdbx_database_related.db_id          3HCS 
_pdbx_database_related.details        'Crystal structure of the N-terminal domain of TRAF6' 
_pdbx_database_related.content_type   unspecified 
# 
loop_
_audit_author.name 
_audit_author.pdbx_ordinal 
'Yin, Q.' 1 
'Wu, H.'  2 
# 
_citation.id                        primary 
_citation.title                     'Structural basis for the lack of E2 interaction in the RING domain of TRAF2.' 
_citation.journal_abbrev            Biochemistry 
_citation.journal_volume            48 
_citation.page_first                10558 
_citation.page_last                 10567 
_citation.year                      2009 
_citation.journal_id_ASTM           BICHAW 
_citation.country                   US 
_citation.journal_id_ISSN           0006-2960 
_citation.journal_id_CSD            0033 
_citation.book_publisher            ? 
_citation.pdbx_database_id_PubMed   19810754 
_citation.pdbx_database_id_DOI      10.1021/bi901462e 
# 
loop_
_citation_author.citation_id 
_citation_author.name 
_citation_author.ordinal 
_citation_author.identifier_ORCID 
primary 'Yin, Q.'      1 ? 
primary 'Lamothe, B.'  2 ? 
primary 'Darnay, B.G.' 3 ? 
primary 'Wu, H.'       4 ? 
# 
loop_
_entity.id 
_entity.type 
_entity.src_method 
_entity.pdbx_description 
_entity.formula_weight 
_entity.pdbx_number_of_molecules 
_entity.pdbx_ec 
_entity.pdbx_mutation 
_entity.pdbx_fragment 
_entity.details 
1 polymer     man 'TNF receptor-associated factor 2' 15405.579 1  ? ? 'RING and the first zinc finger domains: UNP residues 1-133' 
? 
2 non-polymer syn 'ZINC ION'                         65.409    3  ? ? ?                                                            
? 
3 water       nat water                              18.015    92 ? ? ?                                                            
? 
# 
_entity_name_com.entity_id   1 
_entity_name_com.name        'Tumor necrosis factor type 2 receptor-associated protein 3' 
# 
_entity_poly.entity_id                      1 
_entity_poly.type                           'polypeptide(L)' 
_entity_poly.nstd_linkage                   no 
_entity_poly.nstd_monomer                   no 
_entity_poly.pdbx_seq_one_letter_code       
;MAAASVTPPGSLELLQPGFSKTLLGTKLEAKYLCSACRNVLRRPFQAQCGHRYCSFCLASILSSGPQNCAACVHEGIYEE
GISILESSSAFPDNAARREVESLPAVCPSDGCTWKGTLKEYESCHEGRCPLMLLEHHHHHH
;
_entity_poly.pdbx_seq_one_letter_code_can   
;MAAASVTPPGSLELLQPGFSKTLLGTKLEAKYLCSACRNVLRRPFQAQCGHRYCSFCLASILSSGPQNCAACVHEGIYEE
GISILESSSAFPDNAARREVESLPAVCPSDGCTWKGTLKEYESCHEGRCPLMLLEHHHHHH
;
_entity_poly.pdbx_strand_id                 A 
_entity_poly.pdbx_target_identifier         ? 
# 
loop_
_pdbx_entity_nonpoly.entity_id 
_pdbx_entity_nonpoly.name 
_pdbx_entity_nonpoly.comp_id 
2 'ZINC ION' ZN  
3 water      HOH 
# 
loop_
_entity_poly_seq.entity_id 
_entity_poly_seq.num 
_entity_poly_seq.mon_id 
_entity_poly_seq.hetero 
1 1   MET n 
1 2   ALA n 
1 3   ALA n 
1 4   ALA n 
1 5   SER n 
1 6   VAL n 
1 7   THR n 
1 8   PRO n 
1 9   PRO n 
1 10  GLY n 
1 11  SER n 
1 12  LEU n 
1 13  GLU n 
1 14  LEU n 
1 15  LEU n 
1 16  GLN n 
1 17  PRO n 
1 18  GLY n 
1 19  PHE n 
1 20  SER n 
1 21  LYS n 
1 22  THR n 
1 23  LEU n 
1 24  LEU n 
1 25  GLY n 
1 26  THR n 
1 27  LYS n 
1 28  LEU n 
1 29  GLU n 
1 30  ALA n 
1 31  LYS n 
1 32  TYR n 
1 33  LEU n 
1 34  CYS n 
1 35  SER n 
1 36  ALA n 
1 37  CYS n 
1 38  ARG n 
1 39  ASN n 
1 40  VAL n 
1 41  LEU n 
1 42  ARG n 
1 43  ARG n 
1 44  PRO n 
1 45  PHE n 
1 46  GLN n 
1 47  ALA n 
1 48  GLN n 
1 49  CYS n 
1 50  GLY n 
1 51  HIS n 
1 52  ARG n 
1 53  TYR n 
1 54  CYS n 
1 55  SER n 
1 56  PHE n 
1 57  CYS n 
1 58  LEU n 
1 59  ALA n 
1 60  SER n 
1 61  ILE n 
1 62  LEU n 
1 63  SER n 
1 64  SER n 
1 65  GLY n 
1 66  PRO n 
1 67  GLN n 
1 68  ASN n 
1 69  CYS n 
1 70  ALA n 
1 71  ALA n 
1 72  CYS n 
1 73  VAL n 
1 74  HIS n 
1 75  GLU n 
1 76  GLY n 
1 77  ILE n 
1 78  TYR n 
1 79  GLU n 
1 80  GLU n 
1 81  GLY n 
1 82  ILE n 
1 83  SER n 
1 84  ILE n 
1 85  LEU n 
1 86  GLU n 
1 87  SER n 
1 88  SER n 
1 89  SER n 
1 90  ALA n 
1 91  PHE n 
1 92  PRO n 
1 93  ASP n 
1 94  ASN n 
1 95  ALA n 
1 96  ALA n 
1 97  ARG n 
1 98  ARG n 
1 99  GLU n 
1 100 VAL n 
1 101 GLU n 
1 102 SER n 
1 103 LEU n 
1 104 PRO n 
1 105 ALA n 
1 106 VAL n 
1 107 CYS n 
1 108 PRO n 
1 109 SER n 
1 110 ASP n 
1 111 GLY n 
1 112 CYS n 
1 113 THR n 
1 114 TRP n 
1 115 LYS n 
1 116 GLY n 
1 117 THR n 
1 118 LEU n 
1 119 LYS n 
1 120 GLU n 
1 121 TYR n 
1 122 GLU n 
1 123 SER n 
1 124 CYS n 
1 125 HIS n 
1 126 GLU n 
1 127 GLY n 
1 128 ARG n 
1 129 CYS n 
1 130 PRO n 
1 131 LEU n 
1 132 MET n 
1 133 LEU n 
1 134 LEU n 
1 135 GLU n 
1 136 HIS n 
1 137 HIS n 
1 138 HIS n 
1 139 HIS n 
1 140 HIS n 
1 141 HIS n 
# 
_entity_src_gen.entity_id                          1 
_entity_src_gen.pdbx_src_id                        1 
_entity_src_gen.pdbx_alt_source_flag               sample 
_entity_src_gen.pdbx_seq_type                      ? 
_entity_src_gen.pdbx_beg_seq_num                   ? 
_entity_src_gen.pdbx_end_seq_num                   ? 
_entity_src_gen.gene_src_common_name               human 
_entity_src_gen.gene_src_genus                     ? 
_entity_src_gen.pdbx_gene_src_gene                 'TRAF2, TRAP3' 
_entity_src_gen.gene_src_species                   ? 
_entity_src_gen.gene_src_strain                    ? 
_entity_src_gen.gene_src_tissue                    ? 
_entity_src_gen.gene_src_tissue_fraction           ? 
_entity_src_gen.gene_src_details                   ? 
_entity_src_gen.pdbx_gene_src_fragment             ? 
_entity_src_gen.pdbx_gene_src_scientific_name      'Homo sapiens' 
_entity_src_gen.pdbx_gene_src_ncbi_taxonomy_id     9606 
_entity_src_gen.pdbx_gene_src_variant              ? 
_entity_src_gen.pdbx_gene_src_cell_line            ? 
_entity_src_gen.pdbx_gene_src_atcc                 ? 
_entity_src_gen.pdbx_gene_src_organ                ? 
_entity_src_gen.pdbx_gene_src_organelle            ? 
_entity_src_gen.pdbx_gene_src_cell                 ? 
_entity_src_gen.pdbx_gene_src_cellular_location    ? 
_entity_src_gen.host_org_common_name               ? 
_entity_src_gen.pdbx_host_org_scientific_name      'Escherichia coli' 
_entity_src_gen.pdbx_host_org_ncbi_taxonomy_id     562 
_entity_src_gen.host_org_genus                     ? 
_entity_src_gen.pdbx_host_org_gene                 ? 
_entity_src_gen.pdbx_host_org_organ                ? 
_entity_src_gen.host_org_species                   ? 
_entity_src_gen.pdbx_host_org_tissue               ? 
_entity_src_gen.pdbx_host_org_tissue_fraction      ? 
_entity_src_gen.pdbx_host_org_strain               'BL21(DE3) CodonPlus RIPL' 
_entity_src_gen.pdbx_host_org_variant              ? 
_entity_src_gen.pdbx_host_org_cell_line            ? 
_entity_src_gen.pdbx_host_org_atcc                 ? 
_entity_src_gen.pdbx_host_org_culture_collection   ? 
_entity_src_gen.pdbx_host_org_cell                 ? 
_entity_src_gen.pdbx_host_org_organelle            ? 
_entity_src_gen.pdbx_host_org_cellular_location    ? 
_entity_src_gen.pdbx_host_org_vector_type          Plasmid 
_entity_src_gen.pdbx_host_org_vector               ? 
_entity_src_gen.host_org_details                   ? 
_entity_src_gen.expression_system_id               ? 
_entity_src_gen.plasmid_name                       pET26b 
_entity_src_gen.plasmid_details                    ? 
_entity_src_gen.pdbx_description                   ? 
# 
loop_
_chem_comp.id 
_chem_comp.type 
_chem_comp.mon_nstd_flag 
_chem_comp.name 
_chem_comp.pdbx_synonyms 
_chem_comp.formula 
_chem_comp.formula_weight 
ALA 'L-peptide linking' y ALANINE         ? 'C3 H7 N O2'     89.093  
ARG 'L-peptide linking' y ARGININE        ? 'C6 H15 N4 O2 1' 175.209 
ASN 'L-peptide linking' y ASPARAGINE      ? 'C4 H8 N2 O3'    132.118 
ASP 'L-peptide linking' y 'ASPARTIC ACID' ? 'C4 H7 N O4'     133.103 
CYS 'L-peptide linking' y CYSTEINE        ? 'C3 H7 N O2 S'   121.158 
GLN 'L-peptide linking' y GLUTAMINE       ? 'C5 H10 N2 O3'   146.144 
GLU 'L-peptide linking' y 'GLUTAMIC ACID' ? 'C5 H9 N O4'     147.129 
GLY 'peptide linking'   y GLYCINE         ? 'C2 H5 N O2'     75.067  
HIS 'L-peptide linking' y HISTIDINE       ? 'C6 H10 N3 O2 1' 156.162 
HOH non-polymer         . WATER           ? 'H2 O'           18.015  
ILE 'L-peptide linking' y ISOLEUCINE      ? 'C6 H13 N O2'    131.173 
LEU 'L-peptide linking' y LEUCINE         ? 'C6 H13 N O2'    131.173 
LYS 'L-peptide linking' y LYSINE          ? 'C6 H15 N2 O2 1' 147.195 
MET 'L-peptide linking' y METHIONINE      ? 'C5 H11 N O2 S'  149.211 
PHE 'L-peptide linking' y PHENYLALANINE   ? 'C9 H11 N O2'    165.189 
PRO 'L-peptide linking' y PROLINE         ? 'C5 H9 N O2'     115.130 
SER 'L-peptide linking' y SERINE          ? 'C3 H7 N O3'     105.093 
THR 'L-peptide linking' y THREONINE       ? 'C4 H9 N O3'     119.119 
TRP 'L-peptide linking' y TRYPTOPHAN      ? 'C11 H12 N2 O2'  204.225 
TYR 'L-peptide linking' y TYROSINE        ? 'C9 H11 N O3'    181.189 
VAL 'L-peptide linking' y VALINE          ? 'C5 H11 N O2'    117.146 
ZN  non-polymer         . 'ZINC ION'      ? 'Zn 2'           65.409  
# 
loop_
_pdbx_poly_seq_scheme.asym_id 
_pdbx_poly_seq_scheme.entity_id 
_pdbx_poly_seq_scheme.seq_id 
_pdbx_poly_seq_scheme.mon_id 
_pdbx_poly_seq_scheme.ndb_seq_num 
_pdbx_poly_seq_scheme.pdb_seq_num 
_pdbx_poly_seq_scheme.auth_seq_num 
_pdbx_poly_seq_scheme.pdb_mon_id 
_pdbx_poly_seq_scheme.auth_mon_id 
_pdbx_poly_seq_scheme.pdb_strand_id 
_pdbx_poly_seq_scheme.pdb_ins_code 
_pdbx_poly_seq_scheme.hetero 
A 1 1   MET 1   1   ?   ?   ?   A . n 
A 1 2   ALA 2   2   ?   ?   ?   A . n 
A 1 3   ALA 3   3   ?   ?   ?   A . n 
A 1 4   ALA 4   4   ?   ?   ?   A . n 
A 1 5   SER 5   5   ?   ?   ?   A . n 
A 1 6   VAL 6   6   ?   ?   ?   A . n 
A 1 7   THR 7   7   ?   ?   ?   A . n 
A 1 8   PRO 8   8   ?   ?   ?   A . n 
A 1 9   PRO 9   9   ?   ?   ?   A . n 
A 1 10  GLY 10  10  ?   ?   ?   A . n 
A 1 11  SER 11  11  ?   ?   ?   A . n 
A 1 12  LEU 12  12  ?   ?   ?   A . n 
A 1 13  GLU 13  13  ?   ?   ?   A . n 
A 1 14  LEU 14  14  ?   ?   ?   A . n 
A 1 15  LEU 15  15  15  LEU LEU A . n 
A 1 16  GLN 16  16  16  GLN GLN A . n 
A 1 17  PRO 17  17  17  PRO PRO A . n 
A 1 18  GLY 18  18  18  GLY GLY A . n 
A 1 19  PHE 19  19  19  PHE PHE A . n 
A 1 20  SER 20  20  20  SER SER A . n 
A 1 21  LYS 21  21  21  LYS LYS A . n 
A 1 22  THR 22  22  22  THR THR A . n 
A 1 23  LEU 23  23  23  LEU LEU A . n 
A 1 24  LEU 24  24  24  LEU LEU A . n 
A 1 25  GLY 25  25  25  GLY GLY A . n 
A 1 26  THR 26  26  26  THR THR A . n 
A 1 27  LYS 27  27  27  LYS LYS A . n 
A 1 28  LEU 28  28  28  LEU LEU A . n 
A 1 29  GLU 29  29  29  GLU GLU A . n 
A 1 30  ALA 30  30  30  ALA ALA A . n 
A 1 31  LYS 31  31  31  LYS LYS A . n 
A 1 32  TYR 32  32  32  TYR TYR A . n 
A 1 33  LEU 33  33  33  LEU LEU A . n 
A 1 34  CYS 34  34  34  CYS CYS A . n 
A 1 35  SER 35  35  35  SER SER A . n 
A 1 36  ALA 36  36  36  ALA ALA A . n 
A 1 37  CYS 37  37  37  CYS CYS A . n 
A 1 38  ARG 38  38  38  ARG ARG A . n 
A 1 39  ASN 39  39  39  ASN ASN A . n 
A 1 40  VAL 40  40  40  VAL VAL A . n 
A 1 41  LEU 41  41  41  LEU LEU A . n 
A 1 42  ARG 42  42  42  ARG ARG A . n 
A 1 43  ARG 43  43  43  ARG ARG A . n 
A 1 44  PRO 44  44  44  PRO PRO A . n 
A 1 45  PHE 45  45  45  PHE PHE A . n 
A 1 46  GLN 46  46  46  GLN GLN A . n 
A 1 47  ALA 47  47  47  ALA ALA A . n 
A 1 48  GLN 48  48  48  GLN GLN A . n 
A 1 49  CYS 49  49  49  CYS CYS A . n 
A 1 50  GLY 50  50  50  GLY GLY A . n 
A 1 51  HIS 51  51  51  HIS HIS A . n 
A 1 52  ARG 52  52  52  ARG ARG A . n 
A 1 53  TYR 53  53  53  TYR TYR A . n 
A 1 54  CYS 54  54  54  CYS CYS A . n 
A 1 55  SER 55  55  55  SER SER A . n 
A 1 56  PHE 56  56  56  PHE PHE A . n 
A 1 57  CYS 57  57  57  CYS CYS A . n 
A 1 58  LEU 58  58  58  LEU LEU A . n 
A 1 59  ALA 59  59  59  ALA ALA A . n 
A 1 60  SER 60  60  60  SER SER A . n 
A 1 61  ILE 61  61  61  ILE ILE A . n 
A 1 62  LEU 62  62  62  LEU LEU A . n 
A 1 63  SER 63  63  63  SER SER A . n 
A 1 64  SER 64  64  64  SER SER A . n 
A 1 65  GLY 65  65  65  GLY GLY A . n 
A 1 66  PRO 66  66  66  PRO PRO A . n 
A 1 67  GLN 67  67  67  GLN GLN A . n 
A 1 68  ASN 68  68  68  ASN ASN A . n 
A 1 69  CYS 69  69  69  CYS CYS A . n 
A 1 70  ALA 70  70  70  ALA ALA A . n 
A 1 71  ALA 71  71  71  ALA ALA A . n 
A 1 72  CYS 72  72  72  CYS CYS A . n 
A 1 73  VAL 73  73  73  VAL VAL A . n 
A 1 74  HIS 74  74  74  HIS HIS A . n 
A 1 75  GLU 75  75  75  GLU GLU A . n 
A 1 76  GLY 76  76  76  GLY GLY A . n 
A 1 77  ILE 77  77  77  ILE ILE A . n 
A 1 78  TYR 78  78  78  TYR TYR A . n 
A 1 79  GLU 79  79  79  GLU GLU A . n 
A 1 80  GLU 80  80  80  GLU GLU A . n 
A 1 81  GLY 81  81  81  GLY GLY A . n 
A 1 82  ILE 82  82  82  ILE ILE A . n 
A 1 83  SER 83  83  83  SER SER A . n 
A 1 84  ILE 84  84  84  ILE ILE A . n 
A 1 85  LEU 85  85  85  LEU LEU A . n 
A 1 86  GLU 86  86  86  GLU GLU A . n 
A 1 87  SER 87  87  87  SER SER A . n 
A 1 88  SER 88  88  88  SER SER A . n 
A 1 89  SER 89  89  89  SER SER A . n 
A 1 90  ALA 90  90  90  ALA ALA A . n 
A 1 91  PHE 91  91  91  PHE PHE A . n 
A 1 92  PRO 92  92  92  PRO PRO A . n 
A 1 93  ASP 93  93  93  ASP ASP A . n 
A 1 94  ASN 94  94  94  ASN ASN A . n 
A 1 95  ALA 95  95  95  ALA ALA A . n 
A 1 96  ALA 96  96  96  ALA ALA A . n 
A 1 97  ARG 97  97  97  ARG ARG A . n 
A 1 98  ARG 98  98  98  ARG ARG A . n 
A 1 99  GLU 99  99  99  GLU GLU A . n 
A 1 100 VAL 100 100 100 VAL VAL A . n 
A 1 101 GLU 101 101 101 GLU GLU A . n 
A 1 102 SER 102 102 102 SER SER A . n 
A 1 103 LEU 103 103 103 LEU LEU A . n 
A 1 104 PRO 104 104 104 PRO PRO A . n 
A 1 105 ALA 105 105 105 ALA ALA A . n 
A 1 106 VAL 106 106 106 VAL VAL A . n 
A 1 107 CYS 107 107 107 CYS CYS A . n 
A 1 108 PRO 108 108 108 PRO PRO A . n 
A 1 109 SER 109 109 109 SER SER A . n 
A 1 110 ASP 110 110 110 ASP ASP A . n 
A 1 111 GLY 111 111 111 GLY GLY A . n 
A 1 112 CYS 112 112 112 CYS CYS A . n 
A 1 113 THR 113 113 113 THR THR A . n 
A 1 114 TRP 114 114 114 TRP TRP A . n 
A 1 115 LYS 115 115 115 LYS LYS A . n 
A 1 116 GLY 116 116 116 GLY GLY A . n 
A 1 117 THR 117 117 117 THR THR A . n 
A 1 118 LEU 118 118 118 LEU LEU A . n 
A 1 119 LYS 119 119 119 LYS LYS A . n 
A 1 120 GLU 120 120 120 GLU GLU A . n 
A 1 121 TYR 121 121 121 TYR TYR A . n 
A 1 122 GLU 122 122 122 GLU GLU A . n 
A 1 123 SER 123 123 123 SER SER A . n 
A 1 124 CYS 124 124 124 CYS CYS A . n 
A 1 125 HIS 125 125 125 HIS HIS A . n 
A 1 126 GLU 126 126 126 GLU GLU A . n 
A 1 127 GLY 127 127 127 GLY GLY A . n 
A 1 128 ARG 128 128 128 ARG ARG A . n 
A 1 129 CYS 129 129 129 CYS CYS A . n 
A 1 130 PRO 130 130 130 PRO PRO A . n 
A 1 131 LEU 131 131 131 LEU LEU A . n 
A 1 132 MET 132 132 132 MET MET A . n 
A 1 133 LEU 133 133 133 LEU LEU A . n 
A 1 134 LEU 134 134 134 LEU LEU A . n 
A 1 135 GLU 135 135 135 GLU GLU A . n 
A 1 136 HIS 136 136 136 HIS HIS A . n 
A 1 137 HIS 137 137 137 HIS HIS A . n 
A 1 138 HIS 138 138 ?   ?   ?   A . n 
A 1 139 HIS 139 139 ?   ?   ?   A . n 
A 1 140 HIS 140 140 ?   ?   ?   A . n 
A 1 141 HIS 141 141 ?   ?   ?   A . n 
# 
loop_
_pdbx_nonpoly_scheme.asym_id 
_pdbx_nonpoly_scheme.entity_id 
_pdbx_nonpoly_scheme.mon_id 
_pdbx_nonpoly_scheme.ndb_seq_num 
_pdbx_nonpoly_scheme.pdb_seq_num 
_pdbx_nonpoly_scheme.auth_seq_num 
_pdbx_nonpoly_scheme.pdb_mon_id 
_pdbx_nonpoly_scheme.auth_mon_id 
_pdbx_nonpoly_scheme.pdb_strand_id 
_pdbx_nonpoly_scheme.pdb_ins_code 
B 2 ZN  1  201 201 ZN  ZN  A . 
C 2 ZN  1  202 202 ZN  ZN  A . 
D 2 ZN  1  203 203 ZN  ZN  A . 
E 3 HOH 1  142 1   HOH HOH A . 
E 3 HOH 2  143 2   HOH HOH A . 
E 3 HOH 3  144 3   HOH HOH A . 
E 3 HOH 4  145 4   HOH HOH A . 
E 3 HOH 5  146 5   HOH HOH A . 
E 3 HOH 6  147 6   HOH HOH A . 
E 3 HOH 7  148 7   HOH HOH A . 
E 3 HOH 8  149 8   HOH HOH A . 
E 3 HOH 9  150 9   HOH HOH A . 
E 3 HOH 10 151 10  HOH HOH A . 
E 3 HOH 11 152 11  HOH HOH A . 
E 3 HOH 12 153 12  HOH HOH A . 
E 3 HOH 13 154 13  HOH HOH A . 
E 3 HOH 14 155 14  HOH HOH A . 
E 3 HOH 15 156 15  HOH HOH A . 
E 3 HOH 16 157 16  HOH HOH A . 
E 3 HOH 17 158 17  HOH HOH A . 
E 3 HOH 18 159 18  HOH HOH A . 
E 3 HOH 19 160 19  HOH HOH A . 
E 3 HOH 20 161 20  HOH HOH A . 
E 3 HOH 21 162 21  HOH HOH A . 
E 3 HOH 22 163 22  HOH HOH A . 
E 3 HOH 23 164 23  HOH HOH A . 
E 3 HOH 24 165 24  HOH HOH A . 
E 3 HOH 25 166 25  HOH HOH A . 
E 3 HOH 26 167 26  HOH HOH A . 
E 3 HOH 27 168 27  HOH HOH A . 
E 3 HOH 28 169 28  HOH HOH A . 
E 3 HOH 29 170 29  HOH HOH A . 
E 3 HOH 30 171 30  HOH HOH A . 
E 3 HOH 31 172 31  HOH HOH A . 
E 3 HOH 32 173 32  HOH HOH A . 
E 3 HOH 33 174 33  HOH HOH A . 
E 3 HOH 34 175 34  HOH HOH A . 
E 3 HOH 35 176 35  HOH HOH A . 
E 3 HOH 36 177 36  HOH HOH A . 
E 3 HOH 37 178 37  HOH HOH A . 
E 3 HOH 38 179 38  HOH HOH A . 
E 3 HOH 39 180 39  HOH HOH A . 
E 3 HOH 40 181 40  HOH HOH A . 
E 3 HOH 41 182 41  HOH HOH A . 
E 3 HOH 42 183 42  HOH HOH A . 
E 3 HOH 43 184 43  HOH HOH A . 
E 3 HOH 44 185 44  HOH HOH A . 
E 3 HOH 45 186 45  HOH HOH A . 
E 3 HOH 46 187 46  HOH HOH A . 
E 3 HOH 47 188 47  HOH HOH A . 
E 3 HOH 48 189 48  HOH HOH A . 
E 3 HOH 49 190 49  HOH HOH A . 
E 3 HOH 50 191 50  HOH HOH A . 
E 3 HOH 51 192 51  HOH HOH A . 
E 3 HOH 52 193 52  HOH HOH A . 
E 3 HOH 53 194 53  HOH HOH A . 
E 3 HOH 54 195 54  HOH HOH A . 
E 3 HOH 55 196 55  HOH HOH A . 
E 3 HOH 56 197 56  HOH HOH A . 
E 3 HOH 57 198 57  HOH HOH A . 
E 3 HOH 58 199 58  HOH HOH A . 
E 3 HOH 59 200 59  HOH HOH A . 
E 3 HOH 60 204 60  HOH HOH A . 
E 3 HOH 61 205 61  HOH HOH A . 
E 3 HOH 62 206 62  HOH HOH A . 
E 3 HOH 63 207 63  HOH HOH A . 
E 3 HOH 64 208 64  HOH HOH A . 
E 3 HOH 65 209 65  HOH HOH A . 
E 3 HOH 66 210 66  HOH HOH A . 
E 3 HOH 67 211 67  HOH HOH A . 
E 3 HOH 68 212 68  HOH HOH A . 
E 3 HOH 69 213 69  HOH HOH A . 
E 3 HOH 70 214 70  HOH HOH A . 
E 3 HOH 71 215 71  HOH HOH A . 
E 3 HOH 72 216 72  HOH HOH A . 
E 3 HOH 73 217 73  HOH HOH A . 
E 3 HOH 74 218 74  HOH HOH A . 
E 3 HOH 75 219 75  HOH HOH A . 
E 3 HOH 76 220 76  HOH HOH A . 
E 3 HOH 77 221 77  HOH HOH A . 
E 3 HOH 78 222 78  HOH HOH A . 
E 3 HOH 79 223 79  HOH HOH A . 
E 3 HOH 80 224 80  HOH HOH A . 
E 3 HOH 81 225 81  HOH HOH A . 
E 3 HOH 82 226 82  HOH HOH A . 
E 3 HOH 83 227 83  HOH HOH A . 
E 3 HOH 84 228 84  HOH HOH A . 
E 3 HOH 85 229 85  HOH HOH A . 
E 3 HOH 86 230 86  HOH HOH A . 
E 3 HOH 87 231 87  HOH HOH A . 
E 3 HOH 88 232 88  HOH HOH A . 
E 3 HOH 89 233 89  HOH HOH A . 
E 3 HOH 90 234 90  HOH HOH A . 
E 3 HOH 91 235 91  HOH HOH A . 
E 3 HOH 92 236 92  HOH HOH A . 
# 
loop_
_software.pdbx_ordinal 
_software.name 
_software.version 
_software.date 
_software.type 
_software.contact_author 
_software.contact_author_email 
_software.classification 
_software.location 
_software.language 
_software.citation_id 
1 DENZO       .     ?               package 'Zbyszek Otwinowski'  hkl@hkl-xray.com             'data reduction'  
http://www.hkl-xray.com/                  ?          ? 
2 SCALEPACK   .     ?               package 'Zbyszek Otwinowski'  hkl@hkl-xray.com             'data scaling'    
http://www.hkl-xray.com/                  ?          ? 
3 SHELX       .     ?               package 'George M. Sheldrick' gsheldr@shelx.uni-ac.gwdg.de phasing           
http://shelx.uni-ac.gwdg.de/SHELX/        Fortran_77 ? 
4 CNS         .     ?               package 'Axel T. Brunger'     axel.brunger@yale.edu        refinement        
http://cns-online.org/                    Fortran_77 ? 
5 PDB_EXTRACT 3.005 'June 11, 2008' package PDB                   help@deposit.rcsb.org        'data extraction' 
http://sw-tools.pdb.org/apps/PDB_EXTRACT/ C++        ? 
6 HKL-2000    .     ?               ?       ?                     ?                            'data collection' ? ?          ? 
7 SHELXD      .     ?               ?       ?                     ?                            phasing           ? ?          ? 
# 
_cell.length_a           43.669 
_cell.length_b           43.669 
_cell.length_c           284.393 
_cell.angle_alpha        90.000 
_cell.angle_beta         90.000 
_cell.angle_gamma        120.000 
_cell.entry_id           3KNV 
_cell.pdbx_unique_axis   ? 
_cell.Z_PDB              12 
_cell.length_a_esd       ? 
_cell.length_b_esd       ? 
_cell.length_c_esd       ? 
_cell.angle_alpha_esd    ? 
_cell.angle_beta_esd     ? 
_cell.angle_gamma_esd    ? 
# 
_symmetry.space_group_name_H-M             'P 65 2 2' 
_symmetry.entry_id                         3KNV 
_symmetry.Int_Tables_number                179 
_symmetry.pdbx_full_space_group_name_H-M   ? 
_symmetry.cell_setting                     ? 
_symmetry.space_group_name_Hall            ? 
# 
_exptl.crystals_number   1 
_exptl.entry_id          3KNV 
_exptl.method            'X-RAY DIFFRACTION' 
# 
_exptl_crystal.id                    1 
_exptl_crystal.density_Matthews      2.54 
_exptl_crystal.density_meas          ? 
_exptl_crystal.density_percent_sol   51.59 
_exptl_crystal.description           'The structure factor file contains Friedel pairs' 
_exptl_crystal.F_000                 ? 
_exptl_crystal.preparation           ? 
# 
_exptl_crystal_grow.crystal_id      1 
_exptl_crystal_grow.method          'VAPOR DIFFUSION, SITTING DROP' 
_exptl_crystal_grow.pH              7.5 
_exptl_crystal_grow.temp            293 
_exptl_crystal_grow.pdbx_details    
'10% PEG 8000, 0.1 M HEPES pH 7.5, 8% Ethylene glycol, VAPOR DIFFUSION, SITTING DROP, temperature 293K' 
_exptl_crystal_grow.temp_details    ? 
_exptl_crystal_grow.pdbx_pH_range   ? 
# 
_diffrn.id                     1 
_diffrn.ambient_temp           100 
_diffrn.ambient_temp_details   ? 
_diffrn.crystal_id             1 
# 
_diffrn_detector.diffrn_id              1 
_diffrn_detector.detector               CCD 
_diffrn_detector.type                   'ADSC QUANTUM 4' 
_diffrn_detector.pdbx_collection_date   2008-06-21 
_diffrn_detector.details                'Sagitally focused second crystal. Two spherical mirrors, one rhodium coated' 
# 
_diffrn_radiation.diffrn_id                        1 
_diffrn_radiation.pdbx_diffrn_protocol             'SINGLE WAVELENGTH' 
_diffrn_radiation.monochromator                    'KOHZU double crystal' 
_diffrn_radiation.wavelength_id                    1 
_diffrn_radiation.pdbx_monochromatic_or_laue_m_l   ? 
_diffrn_radiation.pdbx_scattering_type             x-ray 
# 
_diffrn_radiation_wavelength.id           1 
_diffrn_radiation_wavelength.wavelength   1.0000 
_diffrn_radiation_wavelength.wt           1.0 
# 
_diffrn_source.diffrn_id                   1 
_diffrn_source.source                      SYNCHROTRON 
_diffrn_source.type                        'NSLS BEAMLINE X4A' 
_diffrn_source.pdbx_wavelength_list        1.0000 
_diffrn_source.pdbx_wavelength             ? 
_diffrn_source.pdbx_synchrotron_site       NSLS 
_diffrn_source.pdbx_synchrotron_beamline   X4A 
# 
_reflns.entry_id                     3KNV 
_reflns.d_resolution_high            1.83 
_reflns.d_resolution_low             50.0 
_reflns.number_obs                   23319 
_reflns.pdbx_Rmerge_I_obs            0.074 
_reflns.pdbx_netI_over_sigmaI        14.200 
_reflns.pdbx_chi_squared             1.992 
_reflns.pdbx_redundancy              22.900 
_reflns.percent_possible_obs         99.000 
_reflns.observed_criterion_sigma_F   ? 
_reflns.observed_criterion_sigma_I   ? 
_reflns.number_all                   ? 
_reflns.pdbx_Rsym_value              ? 
_reflns.B_iso_Wilson_estimate        ? 
_reflns.R_free_details               ? 
_reflns.limit_h_max                  ? 
_reflns.limit_h_min                  ? 
_reflns.limit_k_max                  ? 
_reflns.limit_k_min                  ? 
_reflns.limit_l_max                  ? 
_reflns.limit_l_min                  ? 
_reflns.observed_criterion_F_max     ? 
_reflns.observed_criterion_F_min     ? 
_reflns.pdbx_scaling_rejects         ? 
_reflns.pdbx_diffrn_id               1 
_reflns.pdbx_ordinal                 1 
# 
loop_
_reflns_shell.d_res_high 
_reflns_shell.d_res_low 
_reflns_shell.number_measured_obs 
_reflns_shell.number_measured_all 
_reflns_shell.number_unique_obs 
_reflns_shell.Rmerge_I_obs 
_reflns_shell.meanI_over_sigI_obs 
_reflns_shell.pdbx_Rsym_value 
_reflns_shell.pdbx_chi_squared 
_reflns_shell.pdbx_redundancy 
_reflns_shell.percent_possible_obs 
_reflns_shell.number_unique_all 
_reflns_shell.percent_possible_all 
_reflns_shell.pdbx_diffrn_id 
_reflns_shell.pdbx_ordinal 
1.83 1.86  ? ? ? 0.331 ? ? 0.907 6.30  ? 610 84.70  ? 1  
1.86 1.90  ? ? ? 0.371 ? ? 0.825 12.80 ? 775 99.70  ? 2  
1.90 1.93  ? ? ? 0.341 ? ? 0.779 14.80 ? 704 99.60  ? 3  
1.93 1.97  ? ? ? 0.316 ? ? 0.868 15.70 ? 753 99.60  ? 4  
1.97 2.01  ? ? ? 0.287 ? ? 0.973 16.40 ? 736 99.60  ? 5  
2.01 2.06  ? ? ? 0.270 ? ? 1.047 17.80 ? 753 99.60  ? 6  
2.06 2.11  ? ? ? 0.253 ? ? 1.103 18.20 ? 742 99.50  ? 7  
2.11 2.17  ? ? ? 0.242 ? ? 1.210 19.40 ? 760 99.90  ? 8  
2.17 2.23  ? ? ? 0.216 ? ? 1.278 19.60 ? 748 100.00 ? 9  
2.23 2.31  ? ? ? 0.194 ? ? 1.433 20.60 ? 771 100.00 ? 10 
2.31 2.39  ? ? ? 0.180 ? ? 1.610 20.40 ? 743 100.00 ? 11 
2.39 2.48  ? ? ? 0.154 ? ? 1.757 20.40 ? 762 100.00 ? 12 
2.48 2.60  ? ? ? 0.148 ? ? 1.748 20.50 ? 773 99.90  ? 13 
2.60 2.73  ? ? ? 0.136 ? ? 2.127 20.10 ? 792 99.90  ? 14 
2.73 2.90  ? ? ? 0.121 ? ? 2.313 20.30 ? 776 100.00 ? 15 
2.90 3.13  ? ? ? 0.096 ? ? 2.445 37.40 ? 789 100.00 ? 16 
3.13 3.44  ? ? ? 0.082 ? ? 2.723 39.40 ? 780 100.00 ? 17 
3.44 3.94  ? ? ? 0.067 ? ? 2.933 38.80 ? 815 100.00 ? 18 
3.94 4.97  ? ? ? 0.058 ? ? 2.893 37.00 ? 833 99.50  ? 19 
4.97 50.00 ? ? ? 0.049 ? ? 2.587 32.00 ? 951 97.70  ? 20 
# 
_refine.entry_id                                 3KNV 
_refine.ls_d_res_high                            1.900 
_refine.ls_d_res_low                             37.8 
_refine.pdbx_ls_sigma_F                          0.00 
_refine.pdbx_data_cutoff_high_absF               ? 
_refine.pdbx_data_cutoff_low_absF                ? 
_refine.ls_percent_reflns_obs                    97.600 
_refine.ls_number_reflns_obs                     23319 
_refine.ls_number_reflns_all                     ? 
_refine.pdbx_ls_cross_valid_method               ? 
_refine.pdbx_R_Free_selection_details            ? 
_refine.details                                  ? 
_refine.ls_R_factor_all                          ? 
_refine.ls_R_factor_obs                          0.216 
_refine.ls_R_factor_R_work                       0.216 
_refine.ls_wR_factor_R_work                      ? 
_refine.ls_R_factor_R_free                       0.239 
_refine.ls_wR_factor_R_free                      ? 
_refine.ls_percent_reflns_R_free                 9.200 
_refine.ls_number_reflns_R_free                  2196 
_refine.ls_R_factor_R_free_error                 ? 
_refine.B_iso_mean                               37.527 
_refine.solvent_model_param_bsol                 58.397 
_refine.solvent_model_param_ksol                 ? 
_refine.pdbx_isotropic_thermal_model             ? 
_refine.aniso_B[1][1]                            5.938 
_refine.aniso_B[2][2]                            5.938 
_refine.aniso_B[3][3]                            -11.875 
_refine.aniso_B[1][2]                            0.000 
_refine.aniso_B[1][3]                            0.000 
_refine.aniso_B[2][3]                            0.000 
_refine.correlation_coeff_Fo_to_Fc               ? 
_refine.correlation_coeff_Fo_to_Fc_free          ? 
_refine.overall_SU_R_Cruickshank_DPI             ? 
_refine.overall_SU_R_free                        ? 
_refine.pdbx_overall_ESU_R                       ? 
_refine.pdbx_overall_ESU_R_Free                  ? 
_refine.overall_SU_ML                            ? 
_refine.overall_SU_B                             ? 
_refine.solvent_model_details                    ? 
_refine.pdbx_solvent_vdw_probe_radii             ? 
_refine.pdbx_solvent_ion_probe_radii             ? 
_refine.pdbx_solvent_shrinkage_radii             ? 
_refine.ls_number_parameters                     ? 
_refine.ls_number_restraints                     ? 
_refine.pdbx_starting_model                      ? 
_refine.pdbx_method_to_determine_struct          SAD 
_refine.pdbx_stereochemistry_target_values       ? 
_refine.pdbx_stereochem_target_val_spec_case     ? 
_refine.overall_FOM_work_R_set                   ? 
_refine.B_iso_max                                84.12 
_refine.B_iso_min                                18.79 
_refine.occupancy_max                            1.23 
_refine.occupancy_min                            1.00 
_refine.pdbx_ls_sigma_I                          ? 
_refine.ls_redundancy_reflns_obs                 ? 
_refine.ls_R_factor_R_free_error_details         ? 
_refine.pdbx_data_cutoff_high_rms_absF           ? 
_refine.overall_FOM_free_R_set                   ? 
_refine.pdbx_overall_phase_error                 ? 
_refine.pdbx_refine_id                           'X-RAY DIFFRACTION' 
_refine.pdbx_diffrn_id                           1 
_refine.pdbx_TLS_residual_ADP_flag               ? 
_refine.pdbx_overall_SU_R_free_Cruickshank_DPI   ? 
_refine.pdbx_overall_SU_R_Blow_DPI               ? 
_refine.pdbx_overall_SU_R_free_Blow_DPI          ? 
# 
_refine_hist.pdbx_refine_id                   'X-RAY DIFFRACTION' 
_refine_hist.cycle_id                         LAST 
_refine_hist.pdbx_number_atoms_protein        940 
_refine_hist.pdbx_number_atoms_nucleic_acid   0 
_refine_hist.pdbx_number_atoms_ligand         3 
_refine_hist.number_atoms_solvent             92 
_refine_hist.number_atoms_total               1035 
_refine_hist.d_res_high                       1.900 
_refine_hist.d_res_low                        37.8 
# 
loop_
_refine_ls_restr.type 
_refine_ls_restr.number 
_refine_ls_restr.dev_ideal 
_refine_ls_restr.dev_ideal_target 
_refine_ls_restr.weight 
_refine_ls_restr.pdbx_refine_id 
_refine_ls_restr.pdbx_restraint_function 
c_mcbond_it  ? 1.426 1.500 ? 'X-RAY DIFFRACTION' ? 
c_scbond_it  ? 2.175 2.000 ? 'X-RAY DIFFRACTION' ? 
c_mcangle_it ? 2.235 2.000 ? 'X-RAY DIFFRACTION' ? 
c_scangle_it ? 3.365 2.500 ? 'X-RAY DIFFRACTION' ? 
# 
loop_
_pdbx_xplor_file.serial_no 
_pdbx_xplor_file.param_file 
_pdbx_xplor_file.topol_file 
_pdbx_xplor_file.pdbx_refine_id 
1 CNS_TOPPAR:protein_rep.param ? 'X-RAY DIFFRACTION' 
2 CNS_TOPPAR:ion.param         ? 'X-RAY DIFFRACTION' 
3 CNS_TOPPAR:water_rep.param   ? 'X-RAY DIFFRACTION' 
# 
_struct.entry_id                  3KNV 
_struct.title                     'Crystal structure of the RING and first zinc finger domains of TRAF2' 
_struct.pdbx_model_details        ? 
_struct.pdbx_CASP_flag            ? 
_struct.pdbx_model_type_details   ? 
# 
_struct_keywords.entry_id        3KNV 
_struct_keywords.text            
'Cross-brace, Alternative splicing, Apoptosis, Cytoplasm, Metal-binding, Ubl conjugation, Zinc, Zinc-finger, SIGNALING PROTEIN' 
_struct_keywords.pdbx_keywords   'SIGNALING PROTEIN' 
# 
loop_
_struct_asym.id 
_struct_asym.pdbx_blank_PDB_chainid_flag 
_struct_asym.pdbx_modified 
_struct_asym.entity_id 
_struct_asym.details 
A N N 1 ? 
B N N 2 ? 
C N N 2 ? 
D N N 2 ? 
E N N 3 ? 
# 
_struct_ref.id                         1 
_struct_ref.db_name                    UNP 
_struct_ref.db_code                    TRAF2_HUMAN 
_struct_ref.pdbx_db_accession          Q12933 
_struct_ref.entity_id                  1 
_struct_ref.pdbx_seq_one_letter_code   
;MAAASVTPPGSLELLQPGFSKTLLGTKLEAKYLCSACRNVLRRPFQAQCGHRYCSFCLASILSSGPQNCAACVHEGIYEE
GISILESSSAFPDNAARREVESLPAVCPSDGCTWKGTLKEYESCHEGRCPLML
;
_struct_ref.pdbx_align_begin           1 
_struct_ref.pdbx_db_isoform            ? 
# 
_struct_ref_seq.align_id                      1 
_struct_ref_seq.ref_id                        1 
_struct_ref_seq.pdbx_PDB_id_code              3KNV 
_struct_ref_seq.pdbx_strand_id                A 
_struct_ref_seq.seq_align_beg                 1 
_struct_ref_seq.pdbx_seq_align_beg_ins_code   ? 
_struct_ref_seq.seq_align_end                 133 
_struct_ref_seq.pdbx_seq_align_end_ins_code   ? 
_struct_ref_seq.pdbx_db_accession             Q12933 
_struct_ref_seq.db_align_beg                  1 
_struct_ref_seq.pdbx_db_align_beg_ins_code    ? 
_struct_ref_seq.db_align_end                  133 
_struct_ref_seq.pdbx_db_align_end_ins_code    ? 
_struct_ref_seq.pdbx_auth_seq_align_beg       1 
_struct_ref_seq.pdbx_auth_seq_align_end       133 
# 
loop_
_struct_ref_seq_dif.align_id 
_struct_ref_seq_dif.pdbx_pdb_id_code 
_struct_ref_seq_dif.mon_id 
_struct_ref_seq_dif.pdbx_pdb_strand_id 
_struct_ref_seq_dif.seq_num 
_struct_ref_seq_dif.pdbx_pdb_ins_code 
_struct_ref_seq_dif.pdbx_seq_db_name 
_struct_ref_seq_dif.pdbx_seq_db_accession_code 
_struct_ref_seq_dif.db_mon_id 
_struct_ref_seq_dif.pdbx_seq_db_seq_num 
_struct_ref_seq_dif.details 
_struct_ref_seq_dif.pdbx_auth_seq_num 
_struct_ref_seq_dif.pdbx_ordinal 
1 3KNV LEU A 134 ? UNP Q12933 ? ? 'expression tag' 134 1 
1 3KNV GLU A 135 ? UNP Q12933 ? ? 'expression tag' 135 2 
1 3KNV HIS A 136 ? UNP Q12933 ? ? 'expression tag' 136 3 
1 3KNV HIS A 137 ? UNP Q12933 ? ? 'expression tag' 137 4 
1 3KNV HIS A 138 ? UNP Q12933 ? ? 'expression tag' 138 5 
1 3KNV HIS A 139 ? UNP Q12933 ? ? 'expression tag' 139 6 
1 3KNV HIS A 140 ? UNP Q12933 ? ? 'expression tag' 140 7 
1 3KNV HIS A 141 ? UNP Q12933 ? ? 'expression tag' 141 8 
# 
_pdbx_struct_assembly.id                   1 
_pdbx_struct_assembly.details              software_defined_assembly 
_pdbx_struct_assembly.method_details       PISA 
_pdbx_struct_assembly.oligomeric_details   monomeric 
_pdbx_struct_assembly.oligomeric_count     1 
# 
_pdbx_struct_assembly_gen.assembly_id       1 
_pdbx_struct_assembly_gen.oper_expression   1 
_pdbx_struct_assembly_gen.asym_id_list      A,B,C,D,E 
# 
_pdbx_struct_oper_list.id                   1 
_pdbx_struct_oper_list.type                 'identity operation' 
_pdbx_struct_oper_list.name                 1_555 
_pdbx_struct_oper_list.symmetry_operation   x,y,z 
_pdbx_struct_oper_list.matrix[1][1]         1.0000000000 
_pdbx_struct_oper_list.matrix[1][2]         0.0000000000 
_pdbx_struct_oper_list.matrix[1][3]         0.0000000000 
_pdbx_struct_oper_list.vector[1]            0.0000000000 
_pdbx_struct_oper_list.matrix[2][1]         0.0000000000 
_pdbx_struct_oper_list.matrix[2][2]         1.0000000000 
_pdbx_struct_oper_list.matrix[2][3]         0.0000000000 
_pdbx_struct_oper_list.vector[2]            0.0000000000 
_pdbx_struct_oper_list.matrix[3][1]         0.0000000000 
_pdbx_struct_oper_list.matrix[3][2]         0.0000000000 
_pdbx_struct_oper_list.matrix[3][3]         1.0000000000 
_pdbx_struct_oper_list.vector[3]            0.0000000000 
# 
_struct_biol.id        1 
_struct_biol.details   
;The molecule exists in solution mainly as a dimer. The two-fold axis coincides with a crystallographic two-fold axis. Therefore, the asymmetric unit contains half of the biological unit.
;
# 
loop_
_struct_conf.conf_type_id 
_struct_conf.id 
_struct_conf.pdbx_PDB_helix_id 
_struct_conf.beg_label_comp_id 
_struct_conf.beg_label_asym_id 
_struct_conf.beg_label_seq_id 
_struct_conf.pdbx_beg_PDB_ins_code 
_struct_conf.end_label_comp_id 
_struct_conf.end_label_asym_id 
_struct_conf.end_label_seq_id 
_struct_conf.pdbx_end_PDB_ins_code 
_struct_conf.beg_auth_comp_id 
_struct_conf.beg_auth_asym_id 
_struct_conf.beg_auth_seq_id 
_struct_conf.end_auth_comp_id 
_struct_conf.end_auth_asym_id 
_struct_conf.end_auth_seq_id 
_struct_conf.pdbx_PDB_helix_class 
_struct_conf.details 
_struct_conf.pdbx_PDB_helix_length 
HELX_P HELX_P1 1 SER A 20  ? LEU A 28  ? SER A 20  LEU A 28  5 ? 9  
HELX_P HELX_P2 2 GLU A 29  ? LEU A 33  ? GLU A 29  LEU A 33  5 ? 5  
HELX_P HELX_P3 3 SER A 55  ? LEU A 62  ? SER A 55  LEU A 62  1 ? 8  
HELX_P HELX_P4 4 SER A 63  ? GLY A 65  ? SER A 63  GLY A 65  5 ? 3  
HELX_P HELX_P5 5 CYS A 69  ? GLU A 75  ? CYS A 69  GLU A 75  1 ? 7  
HELX_P HELX_P6 6 GLU A 86  ? ALA A 90  ? GLU A 86  ALA A 90  5 ? 5  
HELX_P HELX_P7 7 ASP A 93  ? SER A 102 ? ASP A 93  SER A 102 1 ? 10 
HELX_P HELX_P8 8 LEU A 118 ? HIS A 125 ? LEU A 118 HIS A 125 1 ? 8  
HELX_P HELX_P9 9 CYS A 129 ? LEU A 134 ? CYS A 129 LEU A 134 1 ? 6  
# 
_struct_conf_type.id          HELX_P 
_struct_conf_type.criteria    ? 
_struct_conf_type.reference   ? 
# 
loop_
_struct_conn.id 
_struct_conn.conn_type_id 
_struct_conn.pdbx_leaving_atom_flag 
_struct_conn.pdbx_PDB_id 
_struct_conn.ptnr1_label_asym_id 
_struct_conn.ptnr1_label_comp_id 
_struct_conn.ptnr1_label_seq_id 
_struct_conn.ptnr1_label_atom_id 
_struct_conn.pdbx_ptnr1_label_alt_id 
_struct_conn.pdbx_ptnr1_PDB_ins_code 
_struct_conn.pdbx_ptnr1_standard_comp_id 
_struct_conn.ptnr1_symmetry 
_struct_conn.ptnr2_label_asym_id 
_struct_conn.ptnr2_label_comp_id 
_struct_conn.ptnr2_label_seq_id 
_struct_conn.ptnr2_label_atom_id 
_struct_conn.pdbx_ptnr2_label_alt_id 
_struct_conn.pdbx_ptnr2_PDB_ins_code 
_struct_conn.ptnr1_auth_asym_id 
_struct_conn.ptnr1_auth_comp_id 
_struct_conn.ptnr1_auth_seq_id 
_struct_conn.ptnr2_auth_asym_id 
_struct_conn.ptnr2_auth_comp_id 
_struct_conn.ptnr2_auth_seq_id 
_struct_conn.ptnr2_symmetry 
_struct_conn.pdbx_ptnr3_label_atom_id 
_struct_conn.pdbx_ptnr3_label_seq_id 
_struct_conn.pdbx_ptnr3_label_comp_id 
_struct_conn.pdbx_ptnr3_label_asym_id 
_struct_conn.pdbx_ptnr3_label_alt_id 
_struct_conn.pdbx_ptnr3_PDB_ins_code 
_struct_conn.details 
_struct_conn.pdbx_dist_value 
_struct_conn.pdbx_value_order 
_struct_conn.pdbx_role 
metalc1  metalc ? ? A CYS 34  SG  ? ? ? 1_555 C ZN . ZN ? ? A CYS 34  A ZN 202 1_555 ? ? ? ? ? ? ? 2.473 ? ? 
metalc2  metalc ? ? A CYS 37  SG  ? ? ? 1_555 C ZN . ZN ? ? A CYS 37  A ZN 202 1_555 ? ? ? ? ? ? ? 2.481 ? ? 
metalc3  metalc ? ? A CYS 49  SG  ? ? ? 1_555 B ZN . ZN ? ? A CYS 49  A ZN 201 1_555 ? ? ? ? ? ? ? 2.366 ? ? 
metalc4  metalc ? ? A HIS 51  ND1 ? ? ? 1_555 B ZN . ZN ? ? A HIS 51  A ZN 201 1_555 ? ? ? ? ? ? ? 2.163 ? ? 
metalc5  metalc ? ? A CYS 54  SG  ? ? ? 1_555 C ZN . ZN ? ? A CYS 54  A ZN 202 1_555 ? ? ? ? ? ? ? 2.438 ? ? 
metalc6  metalc ? ? A CYS 57  SG  ? ? ? 1_555 C ZN . ZN ? ? A CYS 57  A ZN 202 1_555 ? ? ? ? ? ? ? 2.237 ? ? 
metalc7  metalc ? ? A CYS 69  SG  ? ? ? 1_555 B ZN . ZN ? ? A CYS 69  A ZN 201 1_555 ? ? ? ? ? ? ? 2.285 ? ? 
metalc8  metalc ? ? A CYS 72  SG  ? ? ? 1_555 B ZN . ZN ? ? A CYS 72  A ZN 201 1_555 ? ? ? ? ? ? ? 2.362 ? ? 
metalc9  metalc ? ? A CYS 107 SG  ? ? ? 1_555 D ZN . ZN ? ? A CYS 107 A ZN 203 1_555 ? ? ? ? ? ? ? 2.405 ? ? 
metalc10 metalc ? ? A CYS 112 SG  ? ? ? 1_555 D ZN . ZN ? ? A CYS 112 A ZN 203 1_555 ? ? ? ? ? ? ? 2.462 ? ? 
metalc11 metalc ? ? A HIS 125 NE2 ? ? ? 1_555 D ZN . ZN ? ? A HIS 125 A ZN 203 1_555 ? ? ? ? ? ? ? 2.151 ? ? 
metalc12 metalc ? ? A CYS 129 SG  ? ? ? 1_555 D ZN . ZN ? ? A CYS 129 A ZN 203 1_555 ? ? ? ? ? ? ? 2.389 ? ? 
# 
_struct_conn_type.id          metalc 
_struct_conn_type.criteria    ? 
_struct_conn_type.reference   ? 
# 
loop_
_pdbx_struct_conn_angle.id 
_pdbx_struct_conn_angle.ptnr1_label_atom_id 
_pdbx_struct_conn_angle.ptnr1_label_alt_id 
_pdbx_struct_conn_angle.ptnr1_label_asym_id 
_pdbx_struct_conn_angle.ptnr1_label_comp_id 
_pdbx_struct_conn_angle.ptnr1_label_seq_id 
_pdbx_struct_conn_angle.ptnr1_auth_atom_id 
_pdbx_struct_conn_angle.ptnr1_auth_asym_id 
_pdbx_struct_conn_angle.ptnr1_auth_comp_id 
_pdbx_struct_conn_angle.ptnr1_auth_seq_id 
_pdbx_struct_conn_angle.ptnr1_PDB_ins_code 
_pdbx_struct_conn_angle.ptnr1_symmetry 
_pdbx_struct_conn_angle.ptnr2_label_atom_id 
_pdbx_struct_conn_angle.ptnr2_label_alt_id 
_pdbx_struct_conn_angle.ptnr2_label_asym_id 
_pdbx_struct_conn_angle.ptnr2_label_comp_id 
_pdbx_struct_conn_angle.ptnr2_label_seq_id 
_pdbx_struct_conn_angle.ptnr2_auth_atom_id 
_pdbx_struct_conn_angle.ptnr2_auth_asym_id 
_pdbx_struct_conn_angle.ptnr2_auth_comp_id 
_pdbx_struct_conn_angle.ptnr2_auth_seq_id 
_pdbx_struct_conn_angle.ptnr2_PDB_ins_code 
_pdbx_struct_conn_angle.ptnr2_symmetry 
_pdbx_struct_conn_angle.ptnr3_label_atom_id 
_pdbx_struct_conn_angle.ptnr3_label_alt_id 
_pdbx_struct_conn_angle.ptnr3_label_asym_id 
_pdbx_struct_conn_angle.ptnr3_label_comp_id 
_pdbx_struct_conn_angle.ptnr3_label_seq_id 
_pdbx_struct_conn_angle.ptnr3_auth_atom_id 
_pdbx_struct_conn_angle.ptnr3_auth_asym_id 
_pdbx_struct_conn_angle.ptnr3_auth_comp_id 
_pdbx_struct_conn_angle.ptnr3_auth_seq_id 
_pdbx_struct_conn_angle.ptnr3_PDB_ins_code 
_pdbx_struct_conn_angle.ptnr3_symmetry 
_pdbx_struct_conn_angle.value 
_pdbx_struct_conn_angle.value_esd 
1  SG  ? A CYS 34  ? A CYS 34  ? 1_555 ZN ? C ZN . ? A ZN 202 ? 1_555 SG  ? A CYS 37  ? A CYS 37  ? 1_555 104.8 ? 
2  SG  ? A CYS 34  ? A CYS 34  ? 1_555 ZN ? C ZN . ? A ZN 202 ? 1_555 SG  ? A CYS 54  ? A CYS 54  ? 1_555 101.1 ? 
3  SG  ? A CYS 37  ? A CYS 37  ? 1_555 ZN ? C ZN . ? A ZN 202 ? 1_555 SG  ? A CYS 54  ? A CYS 54  ? 1_555 108.8 ? 
4  SG  ? A CYS 34  ? A CYS 34  ? 1_555 ZN ? C ZN . ? A ZN 202 ? 1_555 SG  ? A CYS 57  ? A CYS 57  ? 1_555 112.2 ? 
5  SG  ? A CYS 37  ? A CYS 37  ? 1_555 ZN ? C ZN . ? A ZN 202 ? 1_555 SG  ? A CYS 57  ? A CYS 57  ? 1_555 112.0 ? 
6  SG  ? A CYS 54  ? A CYS 54  ? 1_555 ZN ? C ZN . ? A ZN 202 ? 1_555 SG  ? A CYS 57  ? A CYS 57  ? 1_555 116.7 ? 
7  SG  ? A CYS 49  ? A CYS 49  ? 1_555 ZN ? B ZN . ? A ZN 201 ? 1_555 ND1 ? A HIS 51  ? A HIS 51  ? 1_555 108.9 ? 
8  SG  ? A CYS 49  ? A CYS 49  ? 1_555 ZN ? B ZN . ? A ZN 201 ? 1_555 SG  ? A CYS 69  ? A CYS 69  ? 1_555 113.5 ? 
9  ND1 ? A HIS 51  ? A HIS 51  ? 1_555 ZN ? B ZN . ? A ZN 201 ? 1_555 SG  ? A CYS 69  ? A CYS 69  ? 1_555 105.8 ? 
10 SG  ? A CYS 49  ? A CYS 49  ? 1_555 ZN ? B ZN . ? A ZN 201 ? 1_555 SG  ? A CYS 72  ? A CYS 72  ? 1_555 108.1 ? 
11 ND1 ? A HIS 51  ? A HIS 51  ? 1_555 ZN ? B ZN . ? A ZN 201 ? 1_555 SG  ? A CYS 72  ? A CYS 72  ? 1_555 104.6 ? 
12 SG  ? A CYS 69  ? A CYS 69  ? 1_555 ZN ? B ZN . ? A ZN 201 ? 1_555 SG  ? A CYS 72  ? A CYS 72  ? 1_555 115.4 ? 
13 SG  ? A CYS 107 ? A CYS 107 ? 1_555 ZN ? D ZN . ? A ZN 203 ? 1_555 SG  ? A CYS 112 ? A CYS 112 ? 1_555 110.7 ? 
14 SG  ? A CYS 107 ? A CYS 107 ? 1_555 ZN ? D ZN . ? A ZN 203 ? 1_555 NE2 ? A HIS 125 ? A HIS 125 ? 1_555 108.2 ? 
15 SG  ? A CYS 112 ? A CYS 112 ? 1_555 ZN ? D ZN . ? A ZN 203 ? 1_555 NE2 ? A HIS 125 ? A HIS 125 ? 1_555 100.5 ? 
16 SG  ? A CYS 107 ? A CYS 107 ? 1_555 ZN ? D ZN . ? A ZN 203 ? 1_555 SG  ? A CYS 129 ? A CYS 129 ? 1_555 103.9 ? 
17 SG  ? A CYS 112 ? A CYS 112 ? 1_555 ZN ? D ZN . ? A ZN 203 ? 1_555 SG  ? A CYS 129 ? A CYS 129 ? 1_555 117.3 ? 
18 NE2 ? A HIS 125 ? A HIS 125 ? 1_555 ZN ? D ZN . ? A ZN 203 ? 1_555 SG  ? A CYS 129 ? A CYS 129 ? 1_555 116.2 ? 
# 
loop_
_struct_sheet.id 
_struct_sheet.type 
_struct_sheet.number_strands 
_struct_sheet.details 
A ? 3 ? 
B ? 2 ? 
C ? 2 ? 
# 
loop_
_struct_sheet_order.sheet_id 
_struct_sheet_order.range_id_1 
_struct_sheet_order.range_id_2 
_struct_sheet_order.offset 
_struct_sheet_order.sense 
A 1 2 ? anti-parallel 
A 2 3 ? anti-parallel 
B 1 2 ? anti-parallel 
C 1 2 ? anti-parallel 
# 
loop_
_struct_sheet_range.sheet_id 
_struct_sheet_range.id 
_struct_sheet_range.beg_label_comp_id 
_struct_sheet_range.beg_label_asym_id 
_struct_sheet_range.beg_label_seq_id 
_struct_sheet_range.pdbx_beg_PDB_ins_code 
_struct_sheet_range.end_label_comp_id 
_struct_sheet_range.end_label_asym_id 
_struct_sheet_range.end_label_seq_id 
_struct_sheet_range.pdbx_end_PDB_ins_code 
_struct_sheet_range.beg_auth_comp_id 
_struct_sheet_range.beg_auth_asym_id 
_struct_sheet_range.beg_auth_seq_id 
_struct_sheet_range.end_auth_comp_id 
_struct_sheet_range.end_auth_asym_id 
_struct_sheet_range.end_auth_seq_id 
A 1 ARG A 52  ? CYS A 54  ? ARG A 52  CYS A 54  
A 2 PRO A 44  ? GLN A 46  ? PRO A 44  GLN A 46  
A 3 PHE A 91  ? PRO A 92  ? PHE A 91  PRO A 92  
B 1 GLN A 67  ? ASN A 68  ? GLN A 67  ASN A 68  
B 2 ILE A 84  ? LEU A 85  ? ILE A 84  LEU A 85  
C 1 PRO A 104 ? VAL A 106 ? PRO A 104 VAL A 106 
C 2 LYS A 115 ? THR A 117 ? LYS A 115 THR A 117 
# 
loop_
_pdbx_struct_sheet_hbond.sheet_id 
_pdbx_struct_sheet_hbond.range_id_1 
_pdbx_struct_sheet_hbond.range_id_2 
_pdbx_struct_sheet_hbond.range_1_label_atom_id 
_pdbx_struct_sheet_hbond.range_1_label_comp_id 
_pdbx_struct_sheet_hbond.range_1_label_asym_id 
_pdbx_struct_sheet_hbond.range_1_label_seq_id 
_pdbx_struct_sheet_hbond.range_1_PDB_ins_code 
_pdbx_struct_sheet_hbond.range_1_auth_atom_id 
_pdbx_struct_sheet_hbond.range_1_auth_comp_id 
_pdbx_struct_sheet_hbond.range_1_auth_asym_id 
_pdbx_struct_sheet_hbond.range_1_auth_seq_id 
_pdbx_struct_sheet_hbond.range_2_label_atom_id 
_pdbx_struct_sheet_hbond.range_2_label_comp_id 
_pdbx_struct_sheet_hbond.range_2_label_asym_id 
_pdbx_struct_sheet_hbond.range_2_label_seq_id 
_pdbx_struct_sheet_hbond.range_2_PDB_ins_code 
_pdbx_struct_sheet_hbond.range_2_auth_atom_id 
_pdbx_struct_sheet_hbond.range_2_auth_comp_id 
_pdbx_struct_sheet_hbond.range_2_auth_asym_id 
_pdbx_struct_sheet_hbond.range_2_auth_seq_id 
A 1 2 O TYR A 53  ? O TYR A 53  N PHE A 45  ? N PHE A 45  
A 2 3 N GLN A 46  ? N GLN A 46  O PHE A 91  ? O PHE A 91  
B 1 2 N GLN A 67  ? N GLN A 67  O LEU A 85  ? O LEU A 85  
C 1 2 N ALA A 105 ? N ALA A 105 O GLY A 116 ? O GLY A 116 
# 
loop_
_struct_site.id 
_struct_site.pdbx_evidence_code 
_struct_site.pdbx_auth_asym_id 
_struct_site.pdbx_auth_comp_id 
_struct_site.pdbx_auth_seq_id 
_struct_site.pdbx_auth_ins_code 
_struct_site.pdbx_num_residues 
_struct_site.details 
AC1 Software A ZN 201 ? 4 'BINDING SITE FOR RESIDUE ZN A 201' 
AC2 Software A ZN 202 ? 4 'BINDING SITE FOR RESIDUE ZN A 202' 
AC3 Software A ZN 203 ? 4 'BINDING SITE FOR RESIDUE ZN A 203' 
# 
loop_
_struct_site_gen.id 
_struct_site_gen.site_id 
_struct_site_gen.pdbx_num_res 
_struct_site_gen.label_comp_id 
_struct_site_gen.label_asym_id 
_struct_site_gen.label_seq_id 
_struct_site_gen.pdbx_auth_ins_code 
_struct_site_gen.auth_comp_id 
_struct_site_gen.auth_asym_id 
_struct_site_gen.auth_seq_id 
_struct_site_gen.label_atom_id 
_struct_site_gen.label_alt_id 
_struct_site_gen.symmetry 
_struct_site_gen.details 
1  AC1 4 CYS A 49  ? CYS A 49  . ? 1_555 ? 
2  AC1 4 HIS A 51  ? HIS A 51  . ? 1_555 ? 
3  AC1 4 CYS A 69  ? CYS A 69  . ? 1_555 ? 
4  AC1 4 CYS A 72  ? CYS A 72  . ? 1_555 ? 
5  AC2 4 CYS A 34  ? CYS A 34  . ? 1_555 ? 
6  AC2 4 CYS A 37  ? CYS A 37  . ? 1_555 ? 
7  AC2 4 CYS A 54  ? CYS A 54  . ? 1_555 ? 
8  AC2 4 CYS A 57  ? CYS A 57  . ? 1_555 ? 
9  AC3 4 CYS A 107 ? CYS A 107 . ? 1_555 ? 
10 AC3 4 CYS A 112 ? CYS A 112 . ? 1_555 ? 
11 AC3 4 HIS A 125 ? HIS A 125 . ? 1_555 ? 
12 AC3 4 CYS A 129 ? CYS A 129 . ? 1_555 ? 
# 
loop_
_pdbx_validate_symm_contact.id 
_pdbx_validate_symm_contact.PDB_model_num 
_pdbx_validate_symm_contact.auth_atom_id_1 
_pdbx_validate_symm_contact.auth_asym_id_1 
_pdbx_validate_symm_contact.auth_comp_id_1 
_pdbx_validate_symm_contact.auth_seq_id_1 
_pdbx_validate_symm_contact.PDB_ins_code_1 
_pdbx_validate_symm_contact.label_alt_id_1 
_pdbx_validate_symm_contact.site_symmetry_1 
_pdbx_validate_symm_contact.auth_atom_id_2 
_pdbx_validate_symm_contact.auth_asym_id_2 
_pdbx_validate_symm_contact.auth_comp_id_2 
_pdbx_validate_symm_contact.auth_seq_id_2 
_pdbx_validate_symm_contact.PDB_ins_code_2 
_pdbx_validate_symm_contact.label_alt_id_2 
_pdbx_validate_symm_contact.site_symmetry_2 
_pdbx_validate_symm_contact.dist 
1 1 O A HOH 185 ? ? 1_555 O A HOH 185 ? ? 10_665 1.33 
2 1 O A HOH 229 ? ? 1_555 O A HOH 229 ? ? 10_775 2.14 
# 
loop_
_pdbx_validate_torsion.id 
_pdbx_validate_torsion.PDB_model_num 
_pdbx_validate_torsion.auth_comp_id 
_pdbx_validate_torsion.auth_asym_id 
_pdbx_validate_torsion.auth_seq_id 
_pdbx_validate_torsion.PDB_ins_code 
_pdbx_validate_torsion.label_alt_id 
_pdbx_validate_torsion.phi 
_pdbx_validate_torsion.psi 
1 1 ALA A 36  ? ? -102.96 -63.56 
2 1 ASP A 110 ? ? -61.51  99.07  
# 
_pdbx_struct_special_symmetry.id              1 
_pdbx_struct_special_symmetry.PDB_model_num   1 
_pdbx_struct_special_symmetry.auth_asym_id    A 
_pdbx_struct_special_symmetry.auth_comp_id    HOH 
_pdbx_struct_special_symmetry.auth_seq_id     174 
_pdbx_struct_special_symmetry.PDB_ins_code    ? 
_pdbx_struct_special_symmetry.label_asym_id   E 
_pdbx_struct_special_symmetry.label_comp_id   HOH 
_pdbx_struct_special_symmetry.label_seq_id    . 
# 
_phasing.method   SAD 
# 
loop_
_pdbx_unobs_or_zero_occ_residues.id 
_pdbx_unobs_or_zero_occ_residues.PDB_model_num 
_pdbx_unobs_or_zero_occ_residues.polymer_flag 
_pdbx_unobs_or_zero_occ_residues.occupancy_flag 
_pdbx_unobs_or_zero_occ_residues.auth_asym_id 
_pdbx_unobs_or_zero_occ_residues.auth_comp_id 
_pdbx_unobs_or_zero_occ_residues.auth_seq_id 
_pdbx_unobs_or_zero_occ_residues.PDB_ins_code 
_pdbx_unobs_or_zero_occ_residues.label_asym_id 
_pdbx_unobs_or_zero_occ_residues.label_comp_id 
_pdbx_unobs_or_zero_occ_residues.label_seq_id 
1  1 Y 1 A MET 1   ? A MET 1   
2  1 Y 1 A ALA 2   ? A ALA 2   
3  1 Y 1 A ALA 3   ? A ALA 3   
4  1 Y 1 A ALA 4   ? A ALA 4   
5  1 Y 1 A SER 5   ? A SER 5   
6  1 Y 1 A VAL 6   ? A VAL 6   
7  1 Y 1 A THR 7   ? A THR 7   
8  1 Y 1 A PRO 8   ? A PRO 8   
9  1 Y 1 A PRO 9   ? A PRO 9   
10 1 Y 1 A GLY 10  ? A GLY 10  
11 1 Y 1 A SER 11  ? A SER 11  
12 1 Y 1 A LEU 12  ? A LEU 12  
13 1 Y 1 A GLU 13  ? A GLU 13  
14 1 Y 1 A LEU 14  ? A LEU 14  
15 1 Y 1 A HIS 138 ? A HIS 138 
16 1 Y 1 A HIS 139 ? A HIS 139 
17 1 Y 1 A HIS 140 ? A HIS 140 
18 1 Y 1 A HIS 141 ? A HIS 141 
# 
loop_
_chem_comp_atom.comp_id 
_chem_comp_atom.atom_id 
_chem_comp_atom.type_symbol 
_chem_comp_atom.pdbx_aromatic_flag 
_chem_comp_atom.pdbx_stereo_config 
_chem_comp_atom.pdbx_ordinal 
ALA N    N  N N 1   
ALA CA   C  N S 2   
ALA C    C  N N 3   
ALA O    O  N N 4   
ALA CB   C  N N 5   
ALA OXT  O  N N 6   
ALA H    H  N N 7   
ALA H2   H  N N 8   
ALA HA   H  N N 9   
ALA HB1  H  N N 10  
ALA HB2  H  N N 11  
ALA HB3  H  N N 12  
ALA HXT  H  N N 13  
ARG N    N  N N 14  
ARG CA   C  N S 15  
ARG C    C  N N 16  
ARG O    O  N N 17  
ARG CB   C  N N 18  
ARG CG   C  N N 19  
ARG CD   C  N N 20  
ARG NE   N  N N 21  
ARG CZ   C  N N 22  
ARG NH1  N  N N 23  
ARG NH2  N  N N 24  
ARG OXT  O  N N 25  
ARG H    H  N N 26  
ARG H2   H  N N 27  
ARG HA   H  N N 28  
ARG HB2  H  N N 29  
ARG HB3  H  N N 30  
ARG HG2  H  N N 31  
ARG HG3  H  N N 32  
ARG HD2  H  N N 33  
ARG HD3  H  N N 34  
ARG HE   H  N N 35  
ARG HH11 H  N N 36  
ARG HH12 H  N N 37  
ARG HH21 H  N N 38  
ARG HH22 H  N N 39  
ARG HXT  H  N N 40  
ASN N    N  N N 41  
ASN CA   C  N S 42  
ASN C    C  N N 43  
ASN O    O  N N 44  
ASN CB   C  N N 45  
ASN CG   C  N N 46  
ASN OD1  O  N N 47  
ASN ND2  N  N N 48  
ASN OXT  O  N N 49  
ASN H    H  N N 50  
ASN H2   H  N N 51  
ASN HA   H  N N 52  
ASN HB2  H  N N 53  
ASN HB3  H  N N 54  
ASN HD21 H  N N 55  
ASN HD22 H  N N 56  
ASN HXT  H  N N 57  
ASP N    N  N N 58  
ASP CA   C  N S 59  
ASP C    C  N N 60  
ASP O    O  N N 61  
ASP CB   C  N N 62  
ASP CG   C  N N 63  
ASP OD1  O  N N 64  
ASP OD2  O  N N 65  
ASP OXT  O  N N 66  
ASP H    H  N N 67  
ASP H2   H  N N 68  
ASP HA   H  N N 69  
ASP HB2  H  N N 70  
ASP HB3  H  N N 71  
ASP HD2  H  N N 72  
ASP HXT  H  N N 73  
CYS N    N  N N 74  
CYS CA   C  N R 75  
CYS C    C  N N 76  
CYS O    O  N N 77  
CYS CB   C  N N 78  
CYS SG   S  N N 79  
CYS OXT  O  N N 80  
CYS H    H  N N 81  
CYS H2   H  N N 82  
CYS HA   H  N N 83  
CYS HB2  H  N N 84  
CYS HB3  H  N N 85  
CYS HG   H  N N 86  
CYS HXT  H  N N 87  
GLN N    N  N N 88  
GLN CA   C  N S 89  
GLN C    C  N N 90  
GLN O    O  N N 91  
GLN CB   C  N N 92  
GLN CG   C  N N 93  
GLN CD   C  N N 94  
GLN OE1  O  N N 95  
GLN NE2  N  N N 96  
GLN OXT  O  N N 97  
GLN H    H  N N 98  
GLN H2   H  N N 99  
GLN HA   H  N N 100 
GLN HB2  H  N N 101 
GLN HB3  H  N N 102 
GLN HG2  H  N N 103 
GLN HG3  H  N N 104 
GLN HE21 H  N N 105 
GLN HE22 H  N N 106 
GLN HXT  H  N N 107 
GLU N    N  N N 108 
GLU CA   C  N S 109 
GLU C    C  N N 110 
GLU O    O  N N 111 
GLU CB   C  N N 112 
GLU CG   C  N N 113 
GLU CD   C  N N 114 
GLU OE1  O  N N 115 
GLU OE2  O  N N 116 
GLU OXT  O  N N 117 
GLU H    H  N N 118 
GLU H2   H  N N 119 
GLU HA   H  N N 120 
GLU HB2  H  N N 121 
GLU HB3  H  N N 122 
GLU HG2  H  N N 123 
GLU HG3  H  N N 124 
GLU HE2  H  N N 125 
GLU HXT  H  N N 126 
GLY N    N  N N 127 
GLY CA   C  N N 128 
GLY C    C  N N 129 
GLY O    O  N N 130 
GLY OXT  O  N N 131 
GLY H    H  N N 132 
GLY H2   H  N N 133 
GLY HA2  H  N N 134 
GLY HA3  H  N N 135 
GLY HXT  H  N N 136 
HIS N    N  N N 137 
HIS CA   C  N S 138 
HIS C    C  N N 139 
HIS O    O  N N 140 
HIS CB   C  N N 141 
HIS CG   C  Y N 142 
HIS ND1  N  Y N 143 
HIS CD2  C  Y N 144 
HIS CE1  C  Y N 145 
HIS NE2  N  Y N 146 
HIS OXT  O  N N 147 
HIS H    H  N N 148 
HIS H2   H  N N 149 
HIS HA   H  N N 150 
HIS HB2  H  N N 151 
HIS HB3  H  N N 152 
HIS HD1  H  N N 153 
HIS HD2  H  N N 154 
HIS HE1  H  N N 155 
HIS HE2  H  N N 156 
HIS HXT  H  N N 157 
HOH O    O  N N 158 
HOH H1   H  N N 159 
HOH H2   H  N N 160 
ILE N    N  N N 161 
ILE CA   C  N S 162 
ILE C    C  N N 163 
ILE O    O  N N 164 
ILE CB   C  N S 165 
ILE CG1  C  N N 166 
ILE CG2  C  N N 167 
ILE CD1  C  N N 168 
ILE OXT  O  N N 169 
ILE H    H  N N 170 
ILE H2   H  N N 171 
ILE HA   H  N N 172 
ILE HB   H  N N 173 
ILE HG12 H  N N 174 
ILE HG13 H  N N 175 
ILE HG21 H  N N 176 
ILE HG22 H  N N 177 
ILE HG23 H  N N 178 
ILE HD11 H  N N 179 
ILE HD12 H  N N 180 
ILE HD13 H  N N 181 
ILE HXT  H  N N 182 
LEU N    N  N N 183 
LEU CA   C  N S 184 
LEU C    C  N N 185 
LEU O    O  N N 186 
LEU CB   C  N N 187 
LEU CG   C  N N 188 
LEU CD1  C  N N 189 
LEU CD2  C  N N 190 
LEU OXT  O  N N 191 
LEU H    H  N N 192 
LEU H2   H  N N 193 
LEU HA   H  N N 194 
LEU HB2  H  N N 195 
LEU HB3  H  N N 196 
LEU HG   H  N N 197 
LEU HD11 H  N N 198 
LEU HD12 H  N N 199 
LEU HD13 H  N N 200 
LEU HD21 H  N N 201 
LEU HD22 H  N N 202 
LEU HD23 H  N N 203 
LEU HXT  H  N N 204 
LYS N    N  N N 205 
LYS CA   C  N S 206 
LYS C    C  N N 207 
LYS O    O  N N 208 
LYS CB   C  N N 209 
LYS CG   C  N N 210 
LYS CD   C  N N 211 
LYS CE   C  N N 212 
LYS NZ   N  N N 213 
LYS OXT  O  N N 214 
LYS H    H  N N 215 
LYS H2   H  N N 216 
LYS HA   H  N N 217 
LYS HB2  H  N N 218 
LYS HB3  H  N N 219 
LYS HG2  H  N N 220 
LYS HG3  H  N N 221 
LYS HD2  H  N N 222 
LYS HD3  H  N N 223 
LYS HE2  H  N N 224 
LYS HE3  H  N N 225 
LYS HZ1  H  N N 226 
LYS HZ2  H  N N 227 
LYS HZ3  H  N N 228 
LYS HXT  H  N N 229 
MET N    N  N N 230 
MET CA   C  N S 231 
MET C    C  N N 232 
MET O    O  N N 233 
MET CB   C  N N 234 
MET CG   C  N N 235 
MET SD   S  N N 236 
MET CE   C  N N 237 
MET OXT  O  N N 238 
MET H    H  N N 239 
MET H2   H  N N 240 
MET HA   H  N N 241 
MET HB2  H  N N 242 
MET HB3  H  N N 243 
MET HG2  H  N N 244 
MET HG3  H  N N 245 
MET HE1  H  N N 246 
MET HE2  H  N N 247 
MET HE3  H  N N 248 
MET HXT  H  N N 249 
PHE N    N  N N 250 
PHE CA   C  N S 251 
PHE C    C  N N 252 
PHE O    O  N N 253 
PHE CB   C  N N 254 
PHE CG   C  Y N 255 
PHE CD1  C  Y N 256 
PHE CD2  C  Y N 257 
PHE CE1  C  Y N 258 
PHE CE2  C  Y N 259 
PHE CZ   C  Y N 260 
PHE OXT  O  N N 261 
PHE H    H  N N 262 
PHE H2   H  N N 263 
PHE HA   H  N N 264 
PHE HB2  H  N N 265 
PHE HB3  H  N N 266 
PHE HD1  H  N N 267 
PHE HD2  H  N N 268 
PHE HE1  H  N N 269 
PHE HE2  H  N N 270 
PHE HZ   H  N N 271 
PHE HXT  H  N N 272 
PRO N    N  N N 273 
PRO CA   C  N S 274 
PRO C    C  N N 275 
PRO O    O  N N 276 
PRO CB   C  N N 277 
PRO CG   C  N N 278 
PRO CD   C  N N 279 
PRO OXT  O  N N 280 
PRO H    H  N N 281 
PRO HA   H  N N 282 
PRO HB2  H  N N 283 
PRO HB3  H  N N 284 
PRO HG2  H  N N 285 
PRO HG3  H  N N 286 
PRO HD2  H  N N 287 
PRO HD3  H  N N 288 
PRO HXT  H  N N 289 
SER N    N  N N 290 
SER CA   C  N S 291 
SER C    C  N N 292 
SER O    O  N N 293 
SER CB   C  N N 294 
SER OG   O  N N 295 
SER OXT  O  N N 296 
SER H    H  N N 297 
SER H2   H  N N 298 
SER HA   H  N N 299 
SER HB2  H  N N 300 
SER HB3  H  N N 301 
SER HG   H  N N 302 
SER HXT  H  N N 303 
THR N    N  N N 304 
THR CA   C  N S 305 
THR C    C  N N 306 
THR O    O  N N 307 
THR CB   C  N R 308 
THR OG1  O  N N 309 
THR CG2  C  N N 310 
THR OXT  O  N N 311 
THR H    H  N N 312 
THR H2   H  N N 313 
THR HA   H  N N 314 
THR HB   H  N N 315 
THR HG1  H  N N 316 
THR HG21 H  N N 317 
THR HG22 H  N N 318 
THR HG23 H  N N 319 
THR HXT  H  N N 320 
TRP N    N  N N 321 
TRP CA   C  N S 322 
TRP C    C  N N 323 
TRP O    O  N N 324 
TRP CB   C  N N 325 
TRP CG   C  Y N 326 
TRP CD1  C  Y N 327 
TRP CD2  C  Y N 328 
TRP NE1  N  Y N 329 
TRP CE2  C  Y N 330 
TRP CE3  C  Y N 331 
TRP CZ2  C  Y N 332 
TRP CZ3  C  Y N 333 
TRP CH2  C  Y N 334 
TRP OXT  O  N N 335 
TRP H    H  N N 336 
TRP H2   H  N N 337 
TRP HA   H  N N 338 
TRP HB2  H  N N 339 
TRP HB3  H  N N 340 
TRP HD1  H  N N 341 
TRP HE1  H  N N 342 
TRP HE3  H  N N 343 
TRP HZ2  H  N N 344 
TRP HZ3  H  N N 345 
TRP HH2  H  N N 346 
TRP HXT  H  N N 347 
TYR N    N  N N 348 
TYR CA   C  N S 349 
TYR C    C  N N 350 
TYR O    O  N N 351 
TYR CB   C  N N 352 
TYR CG   C  Y N 353 
TYR CD1  C  Y N 354 
TYR CD2  C  Y N 355 
TYR CE1  C  Y N 356 
TYR CE2  C  Y N 357 
TYR CZ   C  Y N 358 
TYR OH   O  N N 359 
TYR OXT  O  N N 360 
TYR H    H  N N 361 
TYR H2   H  N N 362 
TYR HA   H  N N 363 
TYR HB2  H  N N 364 
TYR HB3  H  N N 365 
TYR HD1  H  N N 366 
TYR HD2  H  N N 367 
TYR HE1  H  N N 368 
TYR HE2  H  N N 369 
TYR HH   H  N N 370 
TYR HXT  H  N N 371 
VAL N    N  N N 372 
VAL CA   C  N S 373 
VAL C    C  N N 374 
VAL O    O  N N 375 
VAL CB   C  N N 376 
VAL CG1  C  N N 377 
VAL CG2  C  N N 378 
VAL OXT  O  N N 379 
VAL H    H  N N 380 
VAL H2   H  N N 381 
VAL HA   H  N N 382 
VAL HB   H  N N 383 
VAL HG11 H  N N 384 
VAL HG12 H  N N 385 
VAL HG13 H  N N 386 
VAL HG21 H  N N 387 
VAL HG22 H  N N 388 
VAL HG23 H  N N 389 
VAL HXT  H  N N 390 
ZN  ZN   ZN N N 391 
# 
loop_
_chem_comp_bond.comp_id 
_chem_comp_bond.atom_id_1 
_chem_comp_bond.atom_id_2 
_chem_comp_bond.value_order 
_chem_comp_bond.pdbx_aromatic_flag 
_chem_comp_bond.pdbx_stereo_config 
_chem_comp_bond.pdbx_ordinal 
ALA N   CA   sing N N 1   
ALA N   H    sing N N 2   
ALA N   H2   sing N N 3   
ALA CA  C    sing N N 4   
ALA CA  CB   sing N N 5   
ALA CA  HA   sing N N 6   
ALA C   O    doub N N 7   
ALA C   OXT  sing N N 8   
ALA CB  HB1  sing N N 9   
ALA CB  HB2  sing N N 10  
ALA CB  HB3  sing N N 11  
ALA OXT HXT  sing N N 12  
ARG N   CA   sing N N 13  
ARG N   H    sing N N 14  
ARG N   H2   sing N N 15  
ARG CA  C    sing N N 16  
ARG CA  CB   sing N N 17  
ARG CA  HA   sing N N 18  
ARG C   O    doub N N 19  
ARG C   OXT  sing N N 20  
ARG CB  CG   sing N N 21  
ARG CB  HB2  sing N N 22  
ARG CB  HB3  sing N N 23  
ARG CG  CD   sing N N 24  
ARG CG  HG2  sing N N 25  
ARG CG  HG3  sing N N 26  
ARG CD  NE   sing N N 27  
ARG CD  HD2  sing N N 28  
ARG CD  HD3  sing N N 29  
ARG NE  CZ   sing N N 30  
ARG NE  HE   sing N N 31  
ARG CZ  NH1  sing N N 32  
ARG CZ  NH2  doub N N 33  
ARG NH1 HH11 sing N N 34  
ARG NH1 HH12 sing N N 35  
ARG NH2 HH21 sing N N 36  
ARG NH2 HH22 sing N N 37  
ARG OXT HXT  sing N N 38  
ASN N   CA   sing N N 39  
ASN N   H    sing N N 40  
ASN N   H2   sing N N 41  
ASN CA  C    sing N N 42  
ASN CA  CB   sing N N 43  
ASN CA  HA   sing N N 44  
ASN C   O    doub N N 45  
ASN C   OXT  sing N N 46  
ASN CB  CG   sing N N 47  
ASN CB  HB2  sing N N 48  
ASN CB  HB3  sing N N 49  
ASN CG  OD1  doub N N 50  
ASN CG  ND2  sing N N 51  
ASN ND2 HD21 sing N N 52  
ASN ND2 HD22 sing N N 53  
ASN OXT HXT  sing N N 54  
ASP N   CA   sing N N 55  
ASP N   H    sing N N 56  
ASP N   H2   sing N N 57  
ASP CA  C    sing N N 58  
ASP CA  CB   sing N N 59  
ASP CA  HA   sing N N 60  
ASP C   O    doub N N 61  
ASP C   OXT  sing N N 62  
ASP CB  CG   sing N N 63  
ASP CB  HB2  sing N N 64  
ASP CB  HB3  sing N N 65  
ASP CG  OD1  doub N N 66  
ASP CG  OD2  sing N N 67  
ASP OD2 HD2  sing N N 68  
ASP OXT HXT  sing N N 69  
CYS N   CA   sing N N 70  
CYS N   H    sing N N 71  
CYS N   H2   sing N N 72  
CYS CA  C    sing N N 73  
CYS CA  CB   sing N N 74  
CYS CA  HA   sing N N 75  
CYS C   O    doub N N 76  
CYS C   OXT  sing N N 77  
CYS CB  SG   sing N N 78  
CYS CB  HB2  sing N N 79  
CYS CB  HB3  sing N N 80  
CYS SG  HG   sing N N 81  
CYS OXT HXT  sing N N 82  
GLN N   CA   sing N N 83  
GLN N   H    sing N N 84  
GLN N   H2   sing N N 85  
GLN CA  C    sing N N 86  
GLN CA  CB   sing N N 87  
GLN CA  HA   sing N N 88  
GLN C   O    doub N N 89  
GLN C   OXT  sing N N 90  
GLN CB  CG   sing N N 91  
GLN CB  HB2  sing N N 92  
GLN CB  HB3  sing N N 93  
GLN CG  CD   sing N N 94  
GLN CG  HG2  sing N N 95  
GLN CG  HG3  sing N N 96  
GLN CD  OE1  doub N N 97  
GLN CD  NE2  sing N N 98  
GLN NE2 HE21 sing N N 99  
GLN NE2 HE22 sing N N 100 
GLN OXT HXT  sing N N 101 
GLU N   CA   sing N N 102 
GLU N   H    sing N N 103 
GLU N   H2   sing N N 104 
GLU CA  C    sing N N 105 
GLU CA  CB   sing N N 106 
GLU CA  HA   sing N N 107 
GLU C   O    doub N N 108 
GLU C   OXT  sing N N 109 
GLU CB  CG   sing N N 110 
GLU CB  HB2  sing N N 111 
GLU CB  HB3  sing N N 112 
GLU CG  CD   sing N N 113 
GLU CG  HG2  sing N N 114 
GLU CG  HG3  sing N N 115 
GLU CD  OE1  doub N N 116 
GLU CD  OE2  sing N N 117 
GLU OE2 HE2  sing N N 118 
GLU OXT HXT  sing N N 119 
GLY N   CA   sing N N 120 
GLY N   H    sing N N 121 
GLY N   H2   sing N N 122 
GLY CA  C    sing N N 123 
GLY CA  HA2  sing N N 124 
GLY CA  HA3  sing N N 125 
GLY C   O    doub N N 126 
GLY C   OXT  sing N N 127 
GLY OXT HXT  sing N N 128 
HIS N   CA   sing N N 129 
HIS N   H    sing N N 130 
HIS N   H2   sing N N 131 
HIS CA  C    sing N N 132 
HIS CA  CB   sing N N 133 
HIS CA  HA   sing N N 134 
HIS C   O    doub N N 135 
HIS C   OXT  sing N N 136 
HIS CB  CG   sing N N 137 
HIS CB  HB2  sing N N 138 
HIS CB  HB3  sing N N 139 
HIS CG  ND1  sing Y N 140 
HIS CG  CD2  doub Y N 141 
HIS ND1 CE1  doub Y N 142 
HIS ND1 HD1  sing N N 143 
HIS CD2 NE2  sing Y N 144 
HIS CD2 HD2  sing N N 145 
HIS CE1 NE2  sing Y N 146 
HIS CE1 HE1  sing N N 147 
HIS NE2 HE2  sing N N 148 
HIS OXT HXT  sing N N 149 
HOH O   H1   sing N N 150 
HOH O   H2   sing N N 151 
ILE N   CA   sing N N 152 
ILE N   H    sing N N 153 
ILE N   H2   sing N N 154 
ILE CA  C    sing N N 155 
ILE CA  CB   sing N N 156 
ILE CA  HA   sing N N 157 
ILE C   O    doub N N 158 
ILE C   OXT  sing N N 159 
ILE CB  CG1  sing N N 160 
ILE CB  CG2  sing N N 161 
ILE CB  HB   sing N N 162 
ILE CG1 CD1  sing N N 163 
ILE CG1 HG12 sing N N 164 
ILE CG1 HG13 sing N N 165 
ILE CG2 HG21 sing N N 166 
ILE CG2 HG22 sing N N 167 
ILE CG2 HG23 sing N N 168 
ILE CD1 HD11 sing N N 169 
ILE CD1 HD12 sing N N 170 
ILE CD1 HD13 sing N N 171 
ILE OXT HXT  sing N N 172 
LEU N   CA   sing N N 173 
LEU N   H    sing N N 174 
LEU N   H2   sing N N 175 
LEU CA  C    sing N N 176 
LEU CA  CB   sing N N 177 
LEU CA  HA   sing N N 178 
LEU C   O    doub N N 179 
LEU C   OXT  sing N N 180 
LEU CB  CG   sing N N 181 
LEU CB  HB2  sing N N 182 
LEU CB  HB3  sing N N 183 
LEU CG  CD1  sing N N 184 
LEU CG  CD2  sing N N 185 
LEU CG  HG   sing N N 186 
LEU CD1 HD11 sing N N 187 
LEU CD1 HD12 sing N N 188 
LEU CD1 HD13 sing N N 189 
LEU CD2 HD21 sing N N 190 
LEU CD2 HD22 sing N N 191 
LEU CD2 HD23 sing N N 192 
LEU OXT HXT  sing N N 193 
LYS N   CA   sing N N 194 
LYS N   H    sing N N 195 
LYS N   H2   sing N N 196 
LYS CA  C    sing N N 197 
LYS CA  CB   sing N N 198 
LYS CA  HA   sing N N 199 
LYS C   O    doub N N 200 
LYS C   OXT  sing N N 201 
LYS CB  CG   sing N N 202 
LYS CB  HB2  sing N N 203 
LYS CB  HB3  sing N N 204 
LYS CG  CD   sing N N 205 
LYS CG  HG2  sing N N 206 
LYS CG  HG3  sing N N 207 
LYS CD  CE   sing N N 208 
LYS CD  HD2  sing N N 209 
LYS CD  HD3  sing N N 210 
LYS CE  NZ   sing N N 211 
LYS CE  HE2  sing N N 212 
LYS CE  HE3  sing N N 213 
LYS NZ  HZ1  sing N N 214 
LYS NZ  HZ2  sing N N 215 
LYS NZ  HZ3  sing N N 216 
LYS OXT HXT  sing N N 217 
MET N   CA   sing N N 218 
MET N   H    sing N N 219 
MET N   H2   sing N N 220 
MET CA  C    sing N N 221 
MET CA  CB   sing N N 222 
MET CA  HA   sing N N 223 
MET C   O    doub N N 224 
MET C   OXT  sing N N 225 
MET CB  CG   sing N N 226 
MET CB  HB2  sing N N 227 
MET CB  HB3  sing N N 228 
MET CG  SD   sing N N 229 
MET CG  HG2  sing N N 230 
MET CG  HG3  sing N N 231 
MET SD  CE   sing N N 232 
MET CE  HE1  sing N N 233 
MET CE  HE2  sing N N 234 
MET CE  HE3  sing N N 235 
MET OXT HXT  sing N N 236 
PHE N   CA   sing N N 237 
PHE N   H    sing N N 238 
PHE N   H2   sing N N 239 
PHE CA  C    sing N N 240 
PHE CA  CB   sing N N 241 
PHE CA  HA   sing N N 242 
PHE C   O    doub N N 243 
PHE C   OXT  sing N N 244 
PHE CB  CG   sing N N 245 
PHE CB  HB2  sing N N 246 
PHE CB  HB3  sing N N 247 
PHE CG  CD1  doub Y N 248 
PHE CG  CD2  sing Y N 249 
PHE CD1 CE1  sing Y N 250 
PHE CD1 HD1  sing N N 251 
PHE CD2 CE2  doub Y N 252 
PHE CD2 HD2  sing N N 253 
PHE CE1 CZ   doub Y N 254 
PHE CE1 HE1  sing N N 255 
PHE CE2 CZ   sing Y N 256 
PHE CE2 HE2  sing N N 257 
PHE CZ  HZ   sing N N 258 
PHE OXT HXT  sing N N 259 
PRO N   CA   sing N N 260 
PRO N   CD   sing N N 261 
PRO N   H    sing N N 262 
PRO CA  C    sing N N 263 
PRO CA  CB   sing N N 264 
PRO CA  HA   sing N N 265 
PRO C   O    doub N N 266 
PRO C   OXT  sing N N 267 
PRO CB  CG   sing N N 268 
PRO CB  HB2  sing N N 269 
PRO CB  HB3  sing N N 270 
PRO CG  CD   sing N N 271 
PRO CG  HG2  sing N N 272 
PRO CG  HG3  sing N N 273 
PRO CD  HD2  sing N N 274 
PRO CD  HD3  sing N N 275 
PRO OXT HXT  sing N N 276 
SER N   CA   sing N N 277 
SER N   H    sing N N 278 
SER N   H2   sing N N 279 
SER CA  C    sing N N 280 
SER CA  CB   sing N N 281 
SER CA  HA   sing N N 282 
SER C   O    doub N N 283 
SER C   OXT  sing N N 284 
SER CB  OG   sing N N 285 
SER CB  HB2  sing N N 286 
SER CB  HB3  sing N N 287 
SER OG  HG   sing N N 288 
SER OXT HXT  sing N N 289 
THR N   CA   sing N N 290 
THR N   H    sing N N 291 
THR N   H2   sing N N 292 
THR CA  C    sing N N 293 
THR CA  CB   sing N N 294 
THR CA  HA   sing N N 295 
THR C   O    doub N N 296 
THR C   OXT  sing N N 297 
THR CB  OG1  sing N N 298 
THR CB  CG2  sing N N 299 
THR CB  HB   sing N N 300 
THR OG1 HG1  sing N N 301 
THR CG2 HG21 sing N N 302 
THR CG2 HG22 sing N N 303 
THR CG2 HG23 sing N N 304 
THR OXT HXT  sing N N 305 
TRP N   CA   sing N N 306 
TRP N   H    sing N N 307 
TRP N   H2   sing N N 308 
TRP CA  C    sing N N 309 
TRP CA  CB   sing N N 310 
TRP CA  HA   sing N N 311 
TRP C   O    doub N N 312 
TRP C   OXT  sing N N 313 
TRP CB  CG   sing N N 314 
TRP CB  HB2  sing N N 315 
TRP CB  HB3  sing N N 316 
TRP CG  CD1  doub Y N 317 
TRP CG  CD2  sing Y N 318 
TRP CD1 NE1  sing Y N 319 
TRP CD1 HD1  sing N N 320 
TRP CD2 CE2  doub Y N 321 
TRP CD2 CE3  sing Y N 322 
TRP NE1 CE2  sing Y N 323 
TRP NE1 HE1  sing N N 324 
TRP CE2 CZ2  sing Y N 325 
TRP CE3 CZ3  doub Y N 326 
TRP CE3 HE3  sing N N 327 
TRP CZ2 CH2  doub Y N 328 
TRP CZ2 HZ2  sing N N 329 
TRP CZ3 CH2  sing Y N 330 
TRP CZ3 HZ3  sing N N 331 
TRP CH2 HH2  sing N N 332 
TRP OXT HXT  sing N N 333 
TYR N   CA   sing N N 334 
TYR N   H    sing N N 335 
TYR N   H2   sing N N 336 
TYR CA  C    sing N N 337 
TYR CA  CB   sing N N 338 
TYR CA  HA   sing N N 339 
TYR C   O    doub N N 340 
TYR C   OXT  sing N N 341 
TYR CB  CG   sing N N 342 
TYR CB  HB2  sing N N 343 
TYR CB  HB3  sing N N 344 
TYR CG  CD1  doub Y N 345 
TYR CG  CD2  sing Y N 346 
TYR CD1 CE1  sing Y N 347 
TYR CD1 HD1  sing N N 348 
TYR CD2 CE2  doub Y N 349 
TYR CD2 HD2  sing N N 350 
TYR CE1 CZ   doub Y N 351 
TYR CE1 HE1  sing N N 352 
TYR CE2 CZ   sing Y N 353 
TYR CE2 HE2  sing N N 354 
TYR CZ  OH   sing N N 355 
TYR OH  HH   sing N N 356 
TYR OXT HXT  sing N N 357 
VAL N   CA   sing N N 358 
VAL N   H    sing N N 359 
VAL N   H2   sing N N 360 
VAL CA  C    sing N N 361 
VAL CA  CB   sing N N 362 
VAL CA  HA   sing N N 363 
VAL C   O    doub N N 364 
VAL C   OXT  sing N N 365 
VAL CB  CG1  sing N N 366 
VAL CB  CG2  sing N N 367 
VAL CB  HB   sing N N 368 
VAL CG1 HG11 sing N N 369 
VAL CG1 HG12 sing N N 370 
VAL CG1 HG13 sing N N 371 
VAL CG2 HG21 sing N N 372 
VAL CG2 HG22 sing N N 373 
VAL CG2 HG23 sing N N 374 
VAL OXT HXT  sing N N 375 
# 
_atom_sites.entry_id                    3KNV 
_atom_sites.fract_transf_matrix[1][1]   -0.02054249 
_atom_sites.fract_transf_matrix[1][2]   0.01658542 
_atom_sites.fract_transf_matrix[1][3]   0.00146118 
_atom_sites.fract_transf_matrix[2][1]   -0.02283488 
_atom_sites.fract_transf_matrix[2][2]   -0.00813540 
_atom_sites.fract_transf_matrix[2][3]   0.01056235 
_atom_sites.fract_transf_matrix[3][1]   0.00108622 
_atom_sites.fract_transf_matrix[3][2]   0.00106615 
_atom_sites.fract_transf_matrix[3][3]   0.00316950 
_atom_sites.fract_transf_vector[1]      0.494523 
_atom_sites.fract_transf_vector[2]      0.665987 
_atom_sites.fract_transf_vector[3]      0.037443 
# 
loop_
_atom_type.symbol 
C  
N  
O  
S  
ZN 
# 
loop_
_atom_site.group_PDB 
_atom_site.id 
_atom_site.type_symbol 
_atom_site.label_atom_id 
_atom_site.label_alt_id 
_atom_site.label_comp_id 
_atom_site.label_asym_id 
_atom_site.label_entity_id 
_atom_site.label_seq_id 
_atom_site.pdbx_PDB_ins_code 
_atom_site.Cartn_x 
_atom_site.Cartn_y 
_atom_site.Cartn_z 
_atom_site.occupancy 
_atom_site.B_iso_or_equiv 
_atom_site.pdbx_formal_charge 
_atom_site.auth_seq_id 
_atom_site.auth_comp_id 
_atom_site.auth_asym_id 
_atom_site.auth_atom_id 
_atom_site.pdbx_PDB_model_num 
ATOM   1    N  N   . LEU A 1 15  ? -9.592  -0.208  -8.614  1.00 63.79 ? 15  LEU A N   1 
ATOM   2    C  CA  . LEU A 1 15  ? -9.425  1.058   -7.842  1.00 63.71 ? 15  LEU A CA  1 
ATOM   3    C  C   . LEU A 1 15  ? -8.601  0.809   -6.580  1.00 62.35 ? 15  LEU A C   1 
ATOM   4    O  O   . LEU A 1 15  ? -8.688  1.560   -5.608  1.00 63.16 ? 15  LEU A O   1 
ATOM   5    C  CB  . LEU A 1 15  ? -10.800 1.628   -7.469  1.00 65.35 ? 15  LEU A CB  1 
ATOM   6    C  CG  . LEU A 1 15  ? -10.846 2.995   -6.776  1.00 66.57 ? 15  LEU A CG  1 
ATOM   7    C  CD1 . LEU A 1 15  ? -10.203 4.049   -7.668  1.00 67.52 ? 15  LEU A CD1 1 
ATOM   8    C  CD2 . LEU A 1 15  ? -12.291 3.363   -6.468  1.00 66.83 ? 15  LEU A CD2 1 
ATOM   9    N  N   . GLN A 1 16  ? -7.803  -0.255  -6.605  1.00 59.99 ? 16  GLN A N   1 
ATOM   10   C  CA  . GLN A 1 16  ? -6.951  -0.619  -5.476  1.00 57.11 ? 16  GLN A CA  1 
ATOM   11   C  C   . GLN A 1 16  ? -5.482  -0.424  -5.847  1.00 52.63 ? 16  GLN A C   1 
ATOM   12   O  O   . GLN A 1 16  ? -4.856  -1.321  -6.410  1.00 51.93 ? 16  GLN A O   1 
ATOM   13   C  CB  . GLN A 1 16  ? -7.185  -2.082  -5.090  1.00 60.33 ? 16  GLN A CB  1 
ATOM   14   C  CG  . GLN A 1 16  ? -8.619  -2.405  -4.719  1.00 63.30 ? 16  GLN A CG  1 
ATOM   15   C  CD  . GLN A 1 16  ? -9.093  -1.618  -3.519  1.00 64.47 ? 16  GLN A CD  1 
ATOM   16   O  OE1 . GLN A 1 16  ? -8.560  -1.762  -2.420  1.00 66.87 ? 16  GLN A OE1 1 
ATOM   17   N  NE2 . GLN A 1 16  ? -10.097 -0.775  -3.725  1.00 66.60 ? 16  GLN A NE2 1 
ATOM   18   N  N   . PRO A 1 17  ? -4.916  0.753   -5.535  1.00 48.89 ? 17  PRO A N   1 
ATOM   19   C  CA  . PRO A 1 17  ? -3.511  1.033   -5.854  1.00 45.56 ? 17  PRO A CA  1 
ATOM   20   C  C   . PRO A 1 17  ? -2.539  0.089   -5.149  1.00 41.78 ? 17  PRO A C   1 
ATOM   21   O  O   . PRO A 1 17  ? -1.554  -0.355  -5.737  1.00 41.73 ? 17  PRO A O   1 
ATOM   22   C  CB  . PRO A 1 17  ? -3.335  2.482   -5.400  1.00 47.16 ? 17  PRO A CB  1 
ATOM   23   C  CG  . PRO A 1 17  ? -4.717  3.060   -5.545  1.00 47.50 ? 17  PRO A CG  1 
ATOM   24   C  CD  . PRO A 1 17  ? -5.573  1.952   -4.986  1.00 48.42 ? 17  PRO A CD  1 
ATOM   25   N  N   . GLY A 1 18  ? -2.820  -0.211  -3.887  1.00 38.07 ? 18  GLY A N   1 
ATOM   26   C  CA  . GLY A 1 18  ? -1.954  -1.094  -3.128  1.00 35.84 ? 18  GLY A CA  1 
ATOM   27   C  C   . GLY A 1 18  ? -1.852  -2.496  -3.696  1.00 33.92 ? 18  GLY A C   1 
ATOM   28   O  O   . GLY A 1 18  ? -2.667  -2.907  -4.524  1.00 34.05 ? 18  GLY A O   1 
ATOM   29   N  N   . PHE A 1 19  ? -0.848  -3.237  -3.240  1.00 33.39 ? 19  PHE A N   1 
ATOM   30   C  CA  . PHE A 1 19  ? -0.624  -4.605  -3.694  1.00 31.67 ? 19  PHE A CA  1 
ATOM   31   C  C   . PHE A 1 19  ? -1.679  -5.544  -3.120  1.00 33.68 ? 19  PHE A C   1 
ATOM   32   O  O   . PHE A 1 19  ? -2.032  -5.450  -1.942  1.00 31.37 ? 19  PHE A O   1 
ATOM   33   C  CB  . PHE A 1 19  ? 0.759   -5.092  -3.248  1.00 30.45 ? 19  PHE A CB  1 
ATOM   34   C  CG  . PHE A 1 19  ? 1.898   -4.317  -3.839  1.00 29.01 ? 19  PHE A CG  1 
ATOM   35   C  CD1 . PHE A 1 19  ? 2.264   -4.498  -5.170  1.00 27.19 ? 19  PHE A CD1 1 
ATOM   36   C  CD2 . PHE A 1 19  ? 2.607   -3.405  -3.067  1.00 26.55 ? 19  PHE A CD2 1 
ATOM   37   C  CE1 . PHE A 1 19  ? 3.320   -3.779  -5.723  1.00 28.10 ? 19  PHE A CE1 1 
ATOM   38   C  CE2 . PHE A 1 19  ? 3.665   -2.679  -3.612  1.00 28.35 ? 19  PHE A CE2 1 
ATOM   39   C  CZ  . PHE A 1 19  ? 4.021   -2.869  -4.944  1.00 28.81 ? 19  PHE A CZ  1 
ATOM   40   N  N   . SER A 1 20  ? -2.177  -6.454  -3.951  1.00 34.84 ? 20  SER A N   1 
ATOM   41   C  CA  . SER A 1 20  ? -3.168  -7.425  -3.499  1.00 35.36 ? 20  SER A CA  1 
ATOM   42   C  C   . SER A 1 20  ? -2.636  -8.137  -2.257  1.00 34.86 ? 20  SER A C   1 
ATOM   43   O  O   . SER A 1 20  ? -1.463  -8.504  -2.199  1.00 34.02 ? 20  SER A O   1 
ATOM   44   C  CB  . SER A 1 20  ? -3.441  -8.453  -4.599  1.00 36.04 ? 20  SER A CB  1 
ATOM   45   O  OG  . SER A 1 20  ? -4.259  -9.506  -4.120  1.00 39.02 ? 20  SER A OG  1 
ATOM   46   N  N   . LYS A 1 21  ? -3.493  -8.322  -1.258  1.00 36.73 ? 21  LYS A N   1 
ATOM   47   C  CA  . LYS A 1 21  ? -3.079  -8.998  -0.032  1.00 36.67 ? 21  LYS A CA  1 
ATOM   48   C  C   . LYS A 1 21  ? -2.623  -10.417 -0.347  1.00 37.27 ? 21  LYS A C   1 
ATOM   49   O  O   . LYS A 1 21  ? -1.918  -11.042 0.443   1.00 36.62 ? 21  LYS A O   1 
ATOM   50   C  CB  . LYS A 1 21  ? -4.233  -9.058  0.968   1.00 38.33 ? 21  LYS A CB  1 
ATOM   51   C  CG  . LYS A 1 21  ? -4.828  -7.714  1.334   1.00 40.46 ? 21  LYS A CG  1 
ATOM   52   C  CD  . LYS A 1 21  ? -5.913  -7.892  2.381   1.00 44.13 ? 21  LYS A CD  1 
ATOM   53   C  CE  . LYS A 1 21  ? -6.741  -6.636  2.542   1.00 45.69 ? 21  LYS A CE  1 
ATOM   54   N  NZ  . LYS A 1 21  ? -7.435  -6.272  1.276   1.00 47.78 ? 21  LYS A NZ  1 
ATOM   55   N  N   . THR A 1 22  ? -3.032  -10.917 -1.510  1.00 38.77 ? 22  THR A N   1 
ATOM   56   C  CA  . THR A 1 22  ? -2.676  -12.263 -1.947  1.00 40.25 ? 22  THR A CA  1 
ATOM   57   C  C   . THR A 1 22  ? -1.161  -12.449 -2.027  1.00 41.22 ? 22  THR A C   1 
ATOM   58   O  O   . THR A 1 22  ? -0.649  -13.556 -1.841  1.00 40.66 ? 22  THR A O   1 
ATOM   59   C  CB  . THR A 1 22  ? -3.282  -12.575 -3.332  1.00 41.44 ? 22  THR A CB  1 
ATOM   60   O  OG1 . THR A 1 22  ? -4.702  -12.392 -3.286  1.00 42.21 ? 22  THR A OG1 1 
ATOM   61   C  CG2 . THR A 1 22  ? -2.973  -14.012 -3.740  1.00 42.50 ? 22  THR A CG2 1 
ATOM   62   N  N   . LEU A 1 23  ? -0.446  -11.365 -2.304  1.00 40.19 ? 23  LEU A N   1 
ATOM   63   C  CA  . LEU A 1 23  ? 1.006   -11.429 -2.409  1.00 42.27 ? 23  LEU A CA  1 
ATOM   64   C  C   . LEU A 1 23  ? 1.671   -11.955 -1.143  1.00 42.91 ? 23  LEU A C   1 
ATOM   65   O  O   . LEU A 1 23  ? 2.627   -12.723 -1.215  1.00 42.76 ? 23  LEU A O   1 
ATOM   66   C  CB  . LEU A 1 23  ? 1.586   -10.048 -2.733  1.00 43.43 ? 23  LEU A CB  1 
ATOM   67   C  CG  . LEU A 1 23  ? 1.481   -9.525  -4.168  1.00 44.71 ? 23  LEU A CG  1 
ATOM   68   C  CD1 . LEU A 1 23  ? 0.026   -9.349  -4.561  1.00 46.95 ? 23  LEU A CD1 1 
ATOM   69   C  CD2 . LEU A 1 23  ? 2.225   -8.201  -4.270  1.00 46.73 ? 23  LEU A CD2 1 
ATOM   70   N  N   . LEU A 1 24  ? 1.160   -11.543 0.013   1.00 44.39 ? 24  LEU A N   1 
ATOM   71   C  CA  . LEU A 1 24  ? 1.735   -11.952 1.285   1.00 46.51 ? 24  LEU A CA  1 
ATOM   72   C  C   . LEU A 1 24  ? 1.195   -13.273 1.809   1.00 48.98 ? 24  LEU A C   1 
ATOM   73   O  O   . LEU A 1 24  ? 1.846   -13.940 2.614   1.00 49.44 ? 24  LEU A O   1 
ATOM   74   C  CB  . LEU A 1 24  ? 1.517   -10.855 2.327   1.00 46.82 ? 24  LEU A CB  1 
ATOM   75   C  CG  . LEU A 1 24  ? 2.105   -9.487  1.968   1.00 44.45 ? 24  LEU A CG  1 
ATOM   76   C  CD1 . LEU A 1 24  ? 1.912   -8.529  3.134   1.00 46.56 ? 24  LEU A CD1 1 
ATOM   77   C  CD2 . LEU A 1 24  ? 3.583   -9.629  1.637   1.00 44.54 ? 24  LEU A CD2 1 
ATOM   78   N  N   . GLY A 1 25  ? 0.006   -13.647 1.350   1.00 51.41 ? 25  GLY A N   1 
ATOM   79   C  CA  . GLY A 1 25  ? -0.591  -14.898 1.780   1.00 54.88 ? 25  GLY A CA  1 
ATOM   80   C  C   . GLY A 1 25  ? -0.889  -14.970 3.266   1.00 56.76 ? 25  GLY A C   1 
ATOM   81   O  O   . GLY A 1 25  ? -1.605  -14.127 3.809   1.00 57.10 ? 25  GLY A O   1 
ATOM   82   N  N   . THR A 1 26  ? -0.334  -15.982 3.926   1.00 57.78 ? 26  THR A N   1 
ATOM   83   C  CA  . THR A 1 26  ? -0.545  -16.184 5.354   1.00 59.31 ? 26  THR A CA  1 
ATOM   84   C  C   . THR A 1 26  ? 0.275   -15.219 6.204   1.00 59.22 ? 26  THR A C   1 
ATOM   85   O  O   . THR A 1 26  ? 0.025   -15.068 7.399   1.00 59.60 ? 26  THR A O   1 
ATOM   86   C  CB  . THR A 1 26  ? -0.187  -17.629 5.762   1.00 59.96 ? 26  THR A CB  1 
ATOM   87   O  OG1 . THR A 1 26  ? -0.924  -18.549 4.948   1.00 61.24 ? 26  THR A OG1 1 
ATOM   88   C  CG2 . THR A 1 26  ? -0.534  -17.874 7.225   1.00 60.14 ? 26  THR A CG2 1 
ATOM   89   N  N   . LYS A 1 27  ? 1.255   -14.567 5.588   1.00 59.84 ? 27  LYS A N   1 
ATOM   90   C  CA  . LYS A 1 27  ? 2.102   -13.621 6.304   1.00 60.24 ? 27  LYS A CA  1 
ATOM   91   C  C   . LYS A 1 27  ? 1.453   -12.241 6.378   1.00 59.38 ? 27  LYS A C   1 
ATOM   92   O  O   . LYS A 1 27  ? 2.049   -11.291 6.887   1.00 59.24 ? 27  LYS A O   1 
ATOM   93   C  CB  . LYS A 1 27  ? 3.468   -13.516 5.620   1.00 61.58 ? 27  LYS A CB  1 
ATOM   94   C  CG  . LYS A 1 27  ? 4.219   -14.839 5.544   1.00 64.33 ? 27  LYS A CG  1 
ATOM   95   C  CD  . LYS A 1 27  ? 4.522   -15.392 6.931   1.00 65.68 ? 27  LYS A CD  1 
ATOM   96   C  CE  . LYS A 1 27  ? 5.572   -14.559 7.651   1.00 67.35 ? 27  LYS A CE  1 
ATOM   97   N  NZ  . LYS A 1 27  ? 6.889   -14.606 6.949   1.00 68.14 ? 27  LYS A NZ  1 
ATOM   98   N  N   . LEU A 1 28  ? 0.226   -12.140 5.875   1.00 58.41 ? 28  LEU A N   1 
ATOM   99   C  CA  . LEU A 1 28  ? -0.510  -10.879 5.876   1.00 57.54 ? 28  LEU A CA  1 
ATOM   100  C  C   . LEU A 1 28  ? -0.580  -10.302 7.288   1.00 55.92 ? 28  LEU A C   1 
ATOM   101  O  O   . LEU A 1 28  ? -0.873  -11.015 8.246   1.00 55.92 ? 28  LEU A O   1 
ATOM   102  C  CB  . LEU A 1 28  ? -1.926  -11.103 5.332   1.00 58.10 ? 28  LEU A CB  1 
ATOM   103  C  CG  . LEU A 1 28  ? -2.720  -9.892  4.824   1.00 58.26 ? 28  LEU A CG  1 
ATOM   104  C  CD1 . LEU A 1 28  ? -3.001  -8.920  5.956   1.00 59.09 ? 28  LEU A CD1 1 
ATOM   105  C  CD2 . LEU A 1 28  ? -1.935  -9.217  3.711   1.00 58.44 ? 28  LEU A CD2 1 
ATOM   106  N  N   . GLU A 1 29  ? -0.307  -9.005  7.405   1.00 54.81 ? 29  GLU A N   1 
ATOM   107  C  CA  . GLU A 1 29  ? -0.327  -8.316  8.692   1.00 52.60 ? 29  GLU A CA  1 
ATOM   108  C  C   . GLU A 1 29  ? -1.041  -6.975  8.524   1.00 50.92 ? 29  GLU A C   1 
ATOM   109  O  O   . GLU A 1 29  ? -0.970  -6.361  7.462   1.00 49.47 ? 29  GLU A O   1 
ATOM   110  C  CB  . GLU A 1 29  ? 1.104   -8.078  9.175   1.00 53.93 ? 29  GLU A CB  1 
ATOM   111  C  CG  . GLU A 1 29  ? 1.214   -7.549  10.590  1.00 56.72 ? 29  GLU A CG  1 
ATOM   112  C  CD  . GLU A 1 29  ? 1.109   -8.648  11.627  1.00 58.81 ? 29  GLU A CD  1 
ATOM   113  O  OE1 . GLU A 1 29  ? 1.951   -9.570  11.593  1.00 58.96 ? 29  GLU A OE1 1 
ATOM   114  O  OE2 . GLU A 1 29  ? 0.190   -8.590  12.472  1.00 59.31 ? 29  GLU A OE2 1 
ATOM   115  N  N   . ALA A 1 30  ? -1.716  -6.520  9.576   1.00 47.87 ? 30  ALA A N   1 
ATOM   116  C  CA  . ALA A 1 30  ? -2.453  -5.256  9.542   1.00 45.37 ? 30  ALA A CA  1 
ATOM   117  C  C   . ALA A 1 30  ? -1.569  -4.025  9.344   1.00 42.93 ? 30  ALA A C   1 
ATOM   118  O  O   . ALA A 1 30  ? -1.935  -3.093  8.624   1.00 42.35 ? 30  ALA A O   1 
ATOM   119  C  CB  . ALA A 1 30  ? -3.266  -5.102  10.822  1.00 44.80 ? 30  ALA A CB  1 
ATOM   120  N  N   . LYS A 1 31  ? -0.408  -4.022  9.991   1.00 42.37 ? 31  LYS A N   1 
ATOM   121  C  CA  . LYS A 1 31  ? 0.524   -2.902  9.901   1.00 40.26 ? 31  LYS A CA  1 
ATOM   122  C  C   . LYS A 1 31  ? 1.076   -2.679  8.495   1.00 38.33 ? 31  LYS A C   1 
ATOM   123  O  O   . LYS A 1 31  ? 1.648   -1.627  8.208   1.00 37.48 ? 31  LYS A O   1 
ATOM   124  C  CB  . LYS A 1 31  ? 1.683   -3.117  10.875  1.00 43.91 ? 31  LYS A CB  1 
ATOM   125  C  CG  . LYS A 1 31  ? 2.452   -4.405  10.639  1.00 45.47 ? 31  LYS A CG  1 
ATOM   126  C  CD  . LYS A 1 31  ? 3.575   -4.580  11.657  1.00 49.25 ? 31  LYS A CD  1 
ATOM   127  C  CE  . LYS A 1 31  ? 4.286   -5.915  11.464  1.00 51.23 ? 31  LYS A CE  1 
ATOM   128  N  NZ  . LYS A 1 31  ? 5.409   -6.115  12.422  1.00 52.08 ? 31  LYS A NZ  1 
ATOM   129  N  N   . TYR A 1 32  ? 0.904   -3.666  7.622   1.00 36.70 ? 32  TYR A N   1 
ATOM   130  C  CA  . TYR A 1 32  ? 1.395   -3.570  6.247   1.00 37.64 ? 32  TYR A CA  1 
ATOM   131  C  C   . TYR A 1 32  ? 0.320   -3.048  5.303   1.00 35.69 ? 32  TYR A C   1 
ATOM   132  O  O   . TYR A 1 32  ? 0.556   -2.927  4.102   1.00 35.38 ? 32  TYR A O   1 
ATOM   133  C  CB  . TYR A 1 32  ? 1.832   -4.949  5.740   1.00 40.47 ? 32  TYR A CB  1 
ATOM   134  C  CG  . TYR A 1 32  ? 2.891   -5.641  6.563   1.00 43.79 ? 32  TYR A CG  1 
ATOM   135  C  CD1 . TYR A 1 32  ? 2.990   -7.034  6.562   1.00 46.70 ? 32  TYR A CD1 1 
ATOM   136  C  CD2 . TYR A 1 32  ? 3.806   -4.917  7.326   1.00 46.01 ? 32  TYR A CD2 1 
ATOM   137  C  CE1 . TYR A 1 32  ? 3.969   -7.691  7.300   1.00 47.57 ? 32  TYR A CE1 1 
ATOM   138  C  CE2 . TYR A 1 32  ? 4.796   -5.568  8.070   1.00 48.31 ? 32  TYR A CE2 1 
ATOM   139  C  CZ  . TYR A 1 32  ? 4.867   -6.955  8.049   1.00 48.52 ? 32  TYR A CZ  1 
ATOM   140  O  OH  . TYR A 1 32  ? 5.833   -7.612  8.777   1.00 50.65 ? 32  TYR A OH  1 
ATOM   141  N  N   . LEU A 1 33  ? -0.857  -2.735  5.838   1.00 33.55 ? 33  LEU A N   1 
ATOM   142  C  CA  . LEU A 1 33  ? -1.961  -2.277  5.004   1.00 31.46 ? 33  LEU A CA  1 
ATOM   143  C  C   . LEU A 1 33  ? -2.184  -0.775  4.944   1.00 30.99 ? 33  LEU A C   1 
ATOM   144  O  O   . LEU A 1 33  ? -2.021  -0.059  5.933   1.00 31.59 ? 33  LEU A O   1 
ATOM   145  C  CB  . LEU A 1 33  ? -3.265  -2.955  5.442   1.00 32.82 ? 33  LEU A CB  1 
ATOM   146  C  CG  . LEU A 1 33  ? -3.277  -4.486  5.464   1.00 33.36 ? 33  LEU A CG  1 
ATOM   147  C  CD1 . LEU A 1 33  ? -4.650  -4.964  5.911   1.00 34.54 ? 33  LEU A CD1 1 
ATOM   148  C  CD2 . LEU A 1 33  ? -2.941  -5.043  4.083   1.00 32.39 ? 33  LEU A CD2 1 
ATOM   149  N  N   . CYS A 1 34  ? -2.568  -0.318  3.757   1.00 28.46 ? 34  CYS A N   1 
ATOM   150  C  CA  . CYS A 1 34  ? -2.850  1.084   3.507   1.00 27.63 ? 34  CYS A CA  1 
ATOM   151  C  C   . CYS A 1 34  ? -4.122  1.468   4.254   1.00 27.58 ? 34  CYS A C   1 
ATOM   152  O  O   . CYS A 1 34  ? -5.105  0.718   4.257   1.00 25.65 ? 34  CYS A O   1 
ATOM   153  C  CB  . CYS A 1 34  ? -3.049  1.308   2.008   1.00 26.07 ? 34  CYS A CB  1 
ATOM   154  S  SG  . CYS A 1 34  ? -3.559  2.973   1.545   1.00 26.98 ? 34  CYS A SG  1 
ATOM   155  N  N   . SER A 1 35  ? -4.099  2.639   4.877   1.00 28.29 ? 35  SER A N   1 
ATOM   156  C  CA  . SER A 1 35  ? -5.248  3.131   5.627   1.00 30.08 ? 35  SER A CA  1 
ATOM   157  C  C   . SER A 1 35  ? -6.417  3.478   4.709   1.00 32.06 ? 35  SER A C   1 
ATOM   158  O  O   . SER A 1 35  ? -7.546  3.652   5.169   1.00 34.29 ? 35  SER A O   1 
ATOM   159  C  CB  . SER A 1 35  ? -4.846  4.368   6.432   1.00 28.82 ? 35  SER A CB  1 
ATOM   160  O  OG  . SER A 1 35  ? -3.806  4.061   7.344   1.00 28.62 ? 35  SER A OG  1 
ATOM   161  N  N   . ALA A 1 36  ? -6.147  3.566   3.409   1.00 32.27 ? 36  ALA A N   1 
ATOM   162  C  CA  . ALA A 1 36  ? -7.182  3.910   2.443   1.00 32.38 ? 36  ALA A CA  1 
ATOM   163  C  C   . ALA A 1 36  ? -7.735  2.738   1.627   1.00 33.72 ? 36  ALA A C   1 
ATOM   164  O  O   . ALA A 1 36  ? -8.920  2.414   1.729   1.00 33.02 ? 36  ALA A O   1 
ATOM   165  C  CB  . ALA A 1 36  ? -6.669  4.993   1.503   1.00 28.50 ? 36  ALA A CB  1 
ATOM   166  N  N   . CYS A 1 37  ? -6.890  2.105   0.819   1.00 32.10 ? 37  CYS A N   1 
ATOM   167  C  CA  . CYS A 1 37  ? -7.349  1.004   -0.025  1.00 31.01 ? 37  CYS A CA  1 
ATOM   168  C  C   . CYS A 1 37  ? -7.358  -0.348  0.677   1.00 32.04 ? 37  CYS A C   1 
ATOM   169  O  O   . CYS A 1 37  ? -7.885  -1.324  0.146   1.00 31.24 ? 37  CYS A O   1 
ATOM   170  C  CB  . CYS A 1 37  ? -6.496  0.917   -1.291  1.00 31.24 ? 37  CYS A CB  1 
ATOM   171  S  SG  . CYS A 1 37  ? -4.838  0.283   -1.011  1.00 29.99 ? 37  CYS A SG  1 
ATOM   172  N  N   . ARG A 1 38  ? -6.763  -0.402  1.863   1.00 29.82 ? 38  ARG A N   1 
ATOM   173  C  CA  . ARG A 1 38  ? -6.718  -1.627  2.651   1.00 33.20 ? 38  ARG A CA  1 
ATOM   174  C  C   . ARG A 1 38  ? -5.916  -2.759  2.014   1.00 33.04 ? 38  ARG A C   1 
ATOM   175  O  O   . ARG A 1 38  ? -6.023  -3.910  2.429   1.00 32.52 ? 38  ARG A O   1 
ATOM   176  C  CB  . ARG A 1 38  ? -8.143  -2.107  2.958   1.00 36.78 ? 38  ARG A CB  1 
ATOM   177  C  CG  . ARG A 1 38  ? -9.018  -1.031  3.587   1.00 37.69 ? 38  ARG A CG  1 
ATOM   178  C  CD  . ARG A 1 38  ? -8.323  -0.397  4.779   1.00 42.24 ? 38  ARG A CD  1 
ATOM   179  N  NE  . ARG A 1 38  ? -8.167  -1.330  5.891   1.00 45.80 ? 38  ARG A NE  1 
ATOM   180  C  CZ  . ARG A 1 38  ? -7.166  -1.288  6.765   1.00 46.11 ? 38  ARG A CZ  1 
ATOM   181  N  NH1 . ARG A 1 38  ? -6.222  -0.362  6.653   1.00 45.02 ? 38  ARG A NH1 1 
ATOM   182  N  NH2 . ARG A 1 38  ? -7.114  -2.164  7.757   1.00 47.35 ? 38  ARG A NH2 1 
ATOM   183  N  N   . ASN A 1 39  ? -5.127  -2.432  0.996   1.00 33.10 ? 39  ASN A N   1 
ATOM   184  C  CA  . ASN A 1 39  ? -4.272  -3.423  0.351   1.00 30.97 ? 39  ASN A CA  1 
ATOM   185  C  C   . ASN A 1 39  ? -2.866  -3.204  0.906   1.00 29.86 ? 39  ASN A C   1 
ATOM   186  O  O   . ASN A 1 39  ? -2.655  -2.316  1.731   1.00 28.42 ? 39  ASN A O   1 
ATOM   187  C  CB  . ASN A 1 39  ? -4.289  -3.248  -1.172  1.00 31.64 ? 39  ASN A CB  1 
ATOM   188  C  CG  . ASN A 1 39  ? -5.347  -4.106  -1.847  1.00 35.99 ? 39  ASN A CG  1 
ATOM   189  O  OD1 . ASN A 1 39  ? -6.267  -4.603  -1.196  1.00 36.85 ? 39  ASN A OD1 1 
ATOM   190  N  ND2 . ASN A 1 39  ? -5.224  -4.277  -3.162  1.00 37.75 ? 39  ASN A ND2 1 
ATOM   191  N  N   . VAL A 1 40  ? -1.901  -4.006  0.474   1.00 28.62 ? 40  VAL A N   1 
ATOM   192  C  CA  . VAL A 1 40  ? -0.539  -3.843  0.974   1.00 26.93 ? 40  VAL A CA  1 
ATOM   193  C  C   . VAL A 1 40  ? 0.060   -2.523  0.488   1.00 25.84 ? 40  VAL A C   1 
ATOM   194  O  O   . VAL A 1 40  ? -0.033  -2.189  -0.688  1.00 25.95 ? 40  VAL A O   1 
ATOM   195  C  CB  . VAL A 1 40  ? 0.358   -5.007  0.521   1.00 29.02 ? 40  VAL A CB  1 
ATOM   196  C  CG1 . VAL A 1 40  ? 1.769   -4.826  1.068   1.00 28.29 ? 40  VAL A CG1 1 
ATOM   197  C  CG2 . VAL A 1 40  ? -0.232  -6.325  1.006   1.00 29.28 ? 40  VAL A CG2 1 
ATOM   198  N  N   . LEU A 1 41  ? 0.669   -1.780  1.410   1.00 23.86 ? 41  LEU A N   1 
ATOM   199  C  CA  . LEU A 1 41  ? 1.284   -0.489  1.110   1.00 24.15 ? 41  LEU A CA  1 
ATOM   200  C  C   . LEU A 1 41  ? 2.230   -0.474  -0.095  1.00 24.32 ? 41  LEU A C   1 
ATOM   201  O  O   . LEU A 1 41  ? 3.176   -1.256  -0.157  1.00 25.04 ? 41  LEU A O   1 
ATOM   202  C  CB  . LEU A 1 41  ? 2.050   0.011   2.338   1.00 23.47 ? 41  LEU A CB  1 
ATOM   203  C  CG  . LEU A 1 41  ? 1.238   0.439   3.563   1.00 25.88 ? 41  LEU A CG  1 
ATOM   204  C  CD1 . LEU A 1 41  ? 2.143   0.556   4.782   1.00 24.98 ? 41  LEU A CD1 1 
ATOM   205  C  CD2 . LEU A 1 41  ? 0.547   1.764   3.263   1.00 24.24 ? 41  LEU A CD2 1 
ATOM   206  N  N   . ARG A 1 42  ? 1.971   0.430   -1.038  1.00 25.07 ? 42  ARG A N   1 
ATOM   207  C  CA  . ARG A 1 42  ? 2.809   0.594   -2.227  1.00 23.57 ? 42  ARG A CA  1 
ATOM   208  C  C   . ARG A 1 42  ? 3.432   1.988   -2.126  1.00 23.38 ? 42  ARG A C   1 
ATOM   209  O  O   . ARG A 1 42  ? 2.726   2.995   -2.233  1.00 22.58 ? 42  ARG A O   1 
ATOM   210  C  CB  . ARG A 1 42  ? 1.963   0.493   -3.507  1.00 24.40 ? 42  ARG A CB  1 
ATOM   211  C  CG  . ARG A 1 42  ? 2.760   0.705   -4.798  1.00 25.95 ? 42  ARG A CG  1 
ATOM   212  C  CD  . ARG A 1 42  ? 1.847   0.908   -6.007  1.00 28.18 ? 42  ARG A CD  1 
ATOM   213  N  NE  . ARG A 1 42  ? 1.053   -0.273  -6.349  1.00 29.06 ? 42  ARG A NE  1 
ATOM   214  C  CZ  . ARG A 1 42  ? 1.490   -1.296  -7.081  1.00 30.98 ? 42  ARG A CZ  1 
ATOM   215  N  NH1 . ARG A 1 42  ? 2.729   -1.303  -7.563  1.00 30.55 ? 42  ARG A NH1 1 
ATOM   216  N  NH2 . ARG A 1 42  ? 0.679   -2.313  -7.341  1.00 30.38 ? 42  ARG A NH2 1 
ATOM   217  N  N   . ARG A 1 43  ? 4.747   2.041   -1.909  1.00 20.38 ? 43  ARG A N   1 
ATOM   218  C  CA  . ARG A 1 43  ? 5.472   3.307   -1.767  1.00 23.20 ? 43  ARG A CA  1 
ATOM   219  C  C   . ARG A 1 43  ? 4.766   4.138   -0.695  1.00 23.23 ? 43  ARG A C   1 
ATOM   220  O  O   . ARG A 1 43  ? 4.275   5.239   -0.956  1.00 22.22 ? 43  ARG A O   1 
ATOM   221  C  CB  . ARG A 1 43  ? 5.497   4.061   -3.097  1.00 25.46 ? 43  ARG A CB  1 
ATOM   222  C  CG  . ARG A 1 43  ? 6.128   3.270   -4.254  1.00 29.27 ? 43  ARG A CG  1 
ATOM   223  C  CD  . ARG A 1 43  ? 7.545   2.819   -3.915  1.00 33.34 ? 43  ARG A CD  1 
ATOM   224  N  NE  . ARG A 1 43  ? 8.171   2.069   -5.004  1.00 37.49 ? 43  ARG A NE  1 
ATOM   225  C  CZ  . ARG A 1 43  ? 8.642   2.617   -6.120  1.00 39.62 ? 43  ARG A CZ  1 
ATOM   226  N  NH1 . ARG A 1 43  ? 8.564   3.929   -6.301  1.00 39.57 ? 43  ARG A NH1 1 
ATOM   227  N  NH2 . ARG A 1 43  ? 9.192   1.854   -7.056  1.00 38.83 ? 43  ARG A NH2 1 
ATOM   228  N  N   . PRO A 1 44  ? 4.733   3.619   0.539   1.00 23.10 ? 44  PRO A N   1 
ATOM   229  C  CA  . PRO A 1 44  ? 4.079   4.290   1.664   1.00 22.89 ? 44  PRO A CA  1 
ATOM   230  C  C   . PRO A 1 44  ? 4.568   5.657   2.109   1.00 21.92 ? 44  PRO A C   1 
ATOM   231  O  O   . PRO A 1 44  ? 5.760   5.958   2.091   1.00 18.79 ? 44  PRO A O   1 
ATOM   232  C  CB  . PRO A 1 44  ? 4.193   3.261   2.787   1.00 23.81 ? 44  PRO A CB  1 
ATOM   233  C  CG  . PRO A 1 44  ? 5.518   2.613   2.496   1.00 24.40 ? 44  PRO A CG  1 
ATOM   234  C  CD  . PRO A 1 44  ? 5.428   2.399   0.994   1.00 21.16 ? 44  PRO A CD  1 
ATOM   235  N  N   . PHE A 1 45  ? 3.597   6.476   2.496   1.00 20.24 ? 45  PHE A N   1 
ATOM   236  C  CA  . PHE A 1 45  ? 3.819   7.802   3.044   1.00 22.19 ? 45  PHE A CA  1 
ATOM   237  C  C   . PHE A 1 45  ? 3.177   7.710   4.419   1.00 22.96 ? 45  PHE A C   1 
ATOM   238  O  O   . PHE A 1 45  ? 2.209   6.966   4.598   1.00 22.07 ? 45  PHE A O   1 
ATOM   239  C  CB  . PHE A 1 45  ? 3.078   8.876   2.249   1.00 22.37 ? 45  PHE A CB  1 
ATOM   240  C  CG  . PHE A 1 45  ? 3.927   9.582   1.244   1.00 23.18 ? 45  PHE A CG  1 
ATOM   241  C  CD1 . PHE A 1 45  ? 4.427   8.906   0.135   1.00 24.39 ? 45  PHE A CD1 1 
ATOM   242  C  CD2 . PHE A 1 45  ? 4.233   10.928  1.408   1.00 24.03 ? 45  PHE A CD2 1 
ATOM   243  C  CE1 . PHE A 1 45  ? 5.225   9.567   -0.800  1.00 25.21 ? 45  PHE A CE1 1 
ATOM   244  C  CE2 . PHE A 1 45  ? 5.028   11.596  0.484   1.00 26.39 ? 45  PHE A CE2 1 
ATOM   245  C  CZ  . PHE A 1 45  ? 5.525   10.913  -0.625  1.00 26.14 ? 45  PHE A CZ  1 
ATOM   246  N  N   . GLN A 1 46  ? 3.717   8.441   5.387   1.00 21.57 ? 46  GLN A N   1 
ATOM   247  C  CA  . GLN A 1 46  ? 3.149   8.450   6.724   1.00 24.37 ? 46  GLN A CA  1 
ATOM   248  C  C   . GLN A 1 46  ? 2.612   9.860   6.958   1.00 23.45 ? 46  GLN A C   1 
ATOM   249  O  O   . GLN A 1 46  ? 3.323   10.846  6.759   1.00 23.90 ? 46  GLN A O   1 
ATOM   250  C  CB  . GLN A 1 46  ? 4.207   8.100   7.786   1.00 24.40 ? 46  GLN A CB  1 
ATOM   251  C  CG  . GLN A 1 46  ? 3.621   8.016   9.198   1.00 24.01 ? 46  GLN A CG  1 
ATOM   252  C  CD  . GLN A 1 46  ? 4.651   7.721   10.284  1.00 26.35 ? 46  GLN A CD  1 
ATOM   253  O  OE1 . GLN A 1 46  ? 4.571   8.270   11.384  1.00 27.19 ? 46  GLN A OE1 1 
ATOM   254  N  NE2 . GLN A 1 46  ? 5.612   6.840   9.987   1.00 25.33 ? 46  GLN A NE2 1 
ATOM   255  N  N   . ALA A 1 47  ? 1.343   9.951   7.342   1.00 26.20 ? 47  ALA A N   1 
ATOM   256  C  CA  . ALA A 1 47  ? 0.725   11.243  7.611   1.00 24.65 ? 47  ALA A CA  1 
ATOM   257  C  C   . ALA A 1 47  ? 1.178   11.707  8.990   1.00 25.11 ? 47  ALA A C   1 
ATOM   258  O  O   . ALA A 1 47  ? 1.788   10.947  9.735   1.00 26.02 ? 47  ALA A O   1 
ATOM   259  C  CB  . ALA A 1 47  ? -0.800  11.120  7.562   1.00 22.75 ? 47  ALA A CB  1 
ATOM   260  N  N   . GLN A 1 48  ? 0.874   12.956  9.328   1.00 26.51 ? 48  GLN A N   1 
ATOM   261  C  CA  . GLN A 1 48  ? 1.271   13.528  10.611  1.00 28.27 ? 48  GLN A CA  1 
ATOM   262  C  C   . GLN A 1 48  ? 0.777   12.712  11.801  1.00 25.77 ? 48  GLN A C   1 
ATOM   263  O  O   . GLN A 1 48  ? 1.436   12.643  12.840  1.00 26.08 ? 48  GLN A O   1 
ATOM   264  C  CB  . GLN A 1 48  ? 0.754   14.969  10.704  1.00 32.96 ? 48  GLN A CB  1 
ATOM   265  C  CG  . GLN A 1 48  ? 1.038   15.665  12.020  1.00 38.28 ? 48  GLN A CG  1 
ATOM   266  C  CD  . GLN A 1 48  ? 0.715   17.146  11.952  1.00 41.17 ? 48  GLN A CD  1 
ATOM   267  O  OE1 . GLN A 1 48  ? -0.334  17.544  11.444  1.00 42.34 ? 48  GLN A OE1 1 
ATOM   268  N  NE2 . GLN A 1 48  ? 1.615   17.970  12.470  1.00 45.73 ? 48  GLN A NE2 1 
ATOM   269  N  N   . CYS A 1 49  ? -0.383  12.088  11.638  1.00 25.47 ? 49  CYS A N   1 
ATOM   270  C  CA  . CYS A 1 49  ? -0.996  11.275  12.683  1.00 26.47 ? 49  CYS A CA  1 
ATOM   271  C  C   . CYS A 1 49  ? -0.327  9.914   12.879  1.00 26.20 ? 49  CYS A C   1 
ATOM   272  O  O   . CYS A 1 49  ? -0.518  9.261   13.905  1.00 26.85 ? 49  CYS A O   1 
ATOM   273  C  CB  . CYS A 1 49  ? -2.462  11.054  12.352  1.00 27.67 ? 49  CYS A CB  1 
ATOM   274  S  SG  . CYS A 1 49  ? -2.706  10.323  10.714  1.00 26.58 ? 49  CYS A SG  1 
ATOM   275  N  N   . GLY A 1 50  ? 0.440   9.481   11.884  1.00 27.20 ? 50  GLY A N   1 
ATOM   276  C  CA  . GLY A 1 50  ? 1.113   8.201   11.986  1.00 26.42 ? 50  GLY A CA  1 
ATOM   277  C  C   . GLY A 1 50  ? 0.538   7.143   11.063  1.00 26.70 ? 50  GLY A C   1 
ATOM   278  O  O   . GLY A 1 50  ? 1.167   6.109   10.834  1.00 25.82 ? 50  GLY A O   1 
ATOM   279  N  N   . HIS A 1 51  ? -0.655  7.384   10.524  1.00 24.75 ? 51  HIS A N   1 
ATOM   280  C  CA  . HIS A 1 51  ? -1.263  6.410   9.626   1.00 25.12 ? 51  HIS A CA  1 
ATOM   281  C  C   . HIS A 1 51  ? -0.560  6.395   8.272   1.00 23.28 ? 51  HIS A C   1 
ATOM   282  O  O   . HIS A 1 51  ? -0.187  7.432   7.742   1.00 23.04 ? 51  HIS A O   1 
ATOM   283  C  CB  . HIS A 1 51  ? -2.763  6.687   9.451   1.00 26.58 ? 51  HIS A CB  1 
ATOM   284  C  CG  . HIS A 1 51  ? -3.598  6.210   10.599  1.00 26.90 ? 51  HIS A CG  1 
ATOM   285  N  ND1 . HIS A 1 51  ? -4.273  7.067   11.442  1.00 26.97 ? 51  HIS A ND1 1 
ATOM   286  C  CD2 . HIS A 1 51  ? -3.839  4.961   11.063  1.00 28.03 ? 51  HIS A CD2 1 
ATOM   287  C  CE1 . HIS A 1 51  ? -4.892  6.368   12.375  1.00 28.78 ? 51  HIS A CE1 1 
ATOM   288  N  NE2 . HIS A 1 51  ? -4.645  5.087   12.170  1.00 27.77 ? 51  HIS A NE2 1 
ATOM   289  N  N   . ARG A 1 52  ? -0.389  5.204   7.717   1.00 22.87 ? 52  ARG A N   1 
ATOM   290  C  CA  . ARG A 1 52  ? 0.290   5.060   6.437   1.00 23.74 ? 52  ARG A CA  1 
ATOM   291  C  C   . ARG A 1 52  ? -0.670  4.891   5.264   1.00 22.97 ? 52  ARG A C   1 
ATOM   292  O  O   . ARG A 1 52  ? -1.735  4.275   5.388   1.00 22.47 ? 52  ARG A O   1 
ATOM   293  C  CB  . ARG A 1 52  ? 1.247   3.875   6.500   1.00 23.46 ? 52  ARG A CB  1 
ATOM   294  C  CG  . ARG A 1 52  ? 2.214   3.935   7.678   1.00 26.19 ? 52  ARG A CG  1 
ATOM   295  C  CD  . ARG A 1 52  ? 3.165   2.757   7.654   1.00 28.02 ? 52  ARG A CD  1 
ATOM   296  N  NE  . ARG A 1 52  ? 4.190   2.838   8.694   1.00 30.33 ? 52  ARG A NE  1 
ATOM   297  C  CZ  . ARG A 1 52  ? 4.061   2.350   9.922   1.00 32.15 ? 52  ARG A CZ  1 
ATOM   298  N  NH1 . ARG A 1 52  ? 2.938   1.738   10.290  1.00 31.97 ? 52  ARG A NH1 1 
ATOM   299  N  NH2 . ARG A 1 52  ? 5.065   2.461   10.780  1.00 32.75 ? 52  ARG A NH2 1 
ATOM   300  N  N   . TYR A 1 53  ? -0.269  5.438   4.120   1.00 21.20 ? 53  TYR A N   1 
ATOM   301  C  CA  . TYR A 1 53  ? -1.060  5.371   2.897   1.00 22.97 ? 53  TYR A CA  1 
ATOM   302  C  C   . TYR A 1 53  ? -0.155  5.131   1.702   1.00 23.15 ? 53  TYR A C   1 
ATOM   303  O  O   . TYR A 1 53  ? 0.994   5.572   1.703   1.00 20.51 ? 53  TYR A O   1 
ATOM   304  C  CB  . TYR A 1 53  ? -1.771  6.698   2.639   1.00 22.83 ? 53  TYR A CB  1 
ATOM   305  C  CG  . TYR A 1 53  ? -2.831  7.076   3.637   1.00 23.80 ? 53  TYR A CG  1 
ATOM   306  C  CD1 . TYR A 1 53  ? -2.495  7.580   4.894   1.00 23.67 ? 53  TYR A CD1 1 
ATOM   307  C  CD2 . TYR A 1 53  ? -4.177  6.951   3.312   1.00 25.79 ? 53  TYR A CD2 1 
ATOM   308  C  CE1 . TYR A 1 53  ? -3.487  7.954   5.806   1.00 24.55 ? 53  TYR A CE1 1 
ATOM   309  C  CE2 . TYR A 1 53  ? -5.169  7.316   4.209   1.00 26.87 ? 53  TYR A CE2 1 
ATOM   310  C  CZ  . TYR A 1 53  ? -4.823  7.816   5.448   1.00 25.93 ? 53  TYR A CZ  1 
ATOM   311  O  OH  . TYR A 1 53  ? -5.823  8.174   6.322   1.00 28.16 ? 53  TYR A OH  1 
ATOM   312  N  N   . CYS A 1 54  ? -0.679  4.449   0.684   1.00 22.44 ? 54  CYS A N   1 
ATOM   313  C  CA  . CYS A 1 54  ? 0.078   4.236   -0.545  1.00 25.17 ? 54  CYS A CA  1 
ATOM   314  C  C   . CYS A 1 54  ? 0.272   5.633   -1.113  1.00 25.81 ? 54  CYS A C   1 
ATOM   315  O  O   . CYS A 1 54  ? -0.601  6.490   -0.970  1.00 23.67 ? 54  CYS A O   1 
ATOM   316  C  CB  . CYS A 1 54  ? -0.724  3.430   -1.571  1.00 23.27 ? 54  CYS A CB  1 
ATOM   317  S  SG  . CYS A 1 54  ? -1.124  1.766   -1.099  1.00 23.67 ? 54  CYS A SG  1 
ATOM   318  N  N   . SER A 1 55  ? 1.403   5.863   -1.768  1.00 26.02 ? 55  SER A N   1 
ATOM   319  C  CA  . SER A 1 55  ? 1.669   7.163   -2.362  1.00 27.74 ? 55  SER A CA  1 
ATOM   320  C  C   . SER A 1 55  ? 0.501   7.581   -3.261  1.00 27.01 ? 55  SER A C   1 
ATOM   321  O  O   . SER A 1 55  ? 0.025   8.716   -3.193  1.00 26.84 ? 55  SER A O   1 
ATOM   322  C  CB  . SER A 1 55  ? 2.958   7.104   -3.186  1.00 29.88 ? 55  SER A CB  1 
ATOM   323  O  OG  . SER A 1 55  ? 3.256   8.375   -3.726  1.00 40.92 ? 55  SER A OG  1 
ATOM   324  N  N   . PHE A 1 56  ? 0.044   6.655   -4.101  1.00 28.06 ? 56  PHE A N   1 
ATOM   325  C  CA  . PHE A 1 56  ? -1.065  6.923   -5.016  1.00 29.60 ? 56  PHE A CA  1 
ATOM   326  C  C   . PHE A 1 56  ? -2.360  7.249   -4.277  1.00 27.71 ? 56  PHE A C   1 
ATOM   327  O  O   . PHE A 1 56  ? -3.089  8.169   -4.651  1.00 29.74 ? 56  PHE A O   1 
ATOM   328  C  CB  . PHE A 1 56  ? -1.296  5.717   -5.934  1.00 31.24 ? 56  PHE A CB  1 
ATOM   329  C  CG  . PHE A 1 56  ? -0.258  5.564   -7.017  1.00 32.69 ? 56  PHE A CG  1 
ATOM   330  C  CD1 . PHE A 1 56  ? -0.004  4.318   -7.576  1.00 33.83 ? 56  PHE A CD1 1 
ATOM   331  C  CD2 . PHE A 1 56  ? 0.439   6.667   -7.498  1.00 34.63 ? 56  PHE A CD2 1 
ATOM   332  C  CE1 . PHE A 1 56  ? 0.934   4.171   -8.602  1.00 35.59 ? 56  PHE A CE1 1 
ATOM   333  C  CE2 . PHE A 1 56  ? 1.377   6.532   -8.521  1.00 35.90 ? 56  PHE A CE2 1 
ATOM   334  C  CZ  . PHE A 1 56  ? 1.624   5.281   -9.074  1.00 35.09 ? 56  PHE A CZ  1 
ATOM   335  N  N   . CYS A 1 57  ? -2.643  6.487   -3.230  1.00 28.42 ? 57  CYS A N   1 
ATOM   336  C  CA  . CYS A 1 57  ? -3.852  6.694   -2.449  1.00 27.12 ? 57  CYS A CA  1 
ATOM   337  C  C   . CYS A 1 57  ? -3.887  8.039   -1.748  1.00 28.42 ? 57  CYS A C   1 
ATOM   338  O  O   . CYS A 1 57  ? -4.921  8.715   -1.747  1.00 27.00 ? 57  CYS A O   1 
ATOM   339  C  CB  . CYS A 1 57  ? -4.000  5.580   -1.420  1.00 28.80 ? 57  CYS A CB  1 
ATOM   340  S  SG  . CYS A 1 57  ? -4.257  3.977   -2.172  1.00 28.00 ? 57  CYS A SG  1 
ATOM   341  N  N   . LEU A 1 58  ? -2.764  8.427   -1.147  1.00 27.88 ? 58  LEU A N   1 
ATOM   342  C  CA  . LEU A 1 58  ? -2.698  9.698   -0.437  1.00 27.44 ? 58  LEU A CA  1 
ATOM   343  C  C   . LEU A 1 58  ? -2.825  10.858  -1.411  1.00 28.46 ? 58  LEU A C   1 
ATOM   344  O  O   . LEU A 1 58  ? -3.523  11.830  -1.134  1.00 26.57 ? 58  LEU A O   1 
ATOM   345  C  CB  . LEU A 1 58  ? -1.385  9.816   0.349   1.00 26.50 ? 58  LEU A CB  1 
ATOM   346  C  CG  . LEU A 1 58  ? -1.247  11.094  1.187   1.00 27.36 ? 58  LEU A CG  1 
ATOM   347  C  CD1 . LEU A 1 58  ? -2.350  11.131  2.239   1.00 25.78 ? 58  LEU A CD1 1 
ATOM   348  C  CD2 . LEU A 1 58  ? 0.122   11.142  1.849   1.00 26.36 ? 58  LEU A CD2 1 
ATOM   349  N  N   . ALA A 1 59  ? -2.153  10.750  -2.553  1.00 28.66 ? 59  ALA A N   1 
ATOM   350  C  CA  . ALA A 1 59  ? -2.201  11.797  -3.570  1.00 28.76 ? 59  ALA A CA  1 
ATOM   351  C  C   . ALA A 1 59  ? -3.636  12.027  -4.054  1.00 31.23 ? 59  ALA A C   1 
ATOM   352  O  O   . ALA A 1 59  ? -4.063  13.171  -4.248  1.00 31.66 ? 59  ALA A O   1 
ATOM   353  C  CB  . ALA A 1 59  ? -1.304  11.420  -4.748  1.00 28.99 ? 59  ALA A CB  1 
ATOM   354  N  N   . SER A 1 60  ? -4.373  10.937  -4.242  1.00 31.91 ? 60  SER A N   1 
ATOM   355  C  CA  . SER A 1 60  ? -5.755  11.012  -4.697  1.00 33.97 ? 60  SER A CA  1 
ATOM   356  C  C   . SER A 1 60  ? -6.593  11.735  -3.649  1.00 35.25 ? 60  SER A C   1 
ATOM   357  O  O   . SER A 1 60  ? -7.313  12.690  -3.957  1.00 32.60 ? 60  SER A O   1 
ATOM   358  C  CB  . SER A 1 60  ? -6.309  9.603   -4.929  1.00 35.87 ? 60  SER A CB  1 
ATOM   359  O  OG  . SER A 1 60  ? -7.655  9.651   -5.366  1.00 38.92 ? 60  SER A OG  1 
ATOM   360  N  N   . ILE A 1 61  ? -6.483  11.270  -2.408  1.00 34.53 ? 61  ILE A N   1 
ATOM   361  C  CA  . ILE A 1 61  ? -7.212  11.855  -1.292  1.00 35.03 ? 61  ILE A CA  1 
ATOM   362  C  C   . ILE A 1 61  ? -6.936  13.348  -1.175  1.00 36.27 ? 61  ILE A C   1 
ATOM   363  O  O   . ILE A 1 61  ? -7.850  14.134  -0.914  1.00 36.48 ? 61  ILE A O   1 
ATOM   364  C  CB  . ILE A 1 61  ? -6.823  11.173  0.043   1.00 34.70 ? 61  ILE A CB  1 
ATOM   365  C  CG1 . ILE A 1 61  ? -7.351  9.738   0.065   1.00 34.12 ? 61  ILE A CG1 1 
ATOM   366  C  CG2 . ILE A 1 61  ? -7.372  11.964  1.223   1.00 35.44 ? 61  ILE A CG2 1 
ATOM   367  C  CD1 . ILE A 1 61  ? -6.917  8.946   1.287   1.00 34.19 ? 61  ILE A CD1 1 
ATOM   368  N  N   . LEU A 1 62  ? -5.680  13.736  -1.382  1.00 34.49 ? 62  LEU A N   1 
ATOM   369  C  CA  . LEU A 1 62  ? -5.284  15.135  -1.279  1.00 34.85 ? 62  LEU A CA  1 
ATOM   370  C  C   . LEU A 1 62  ? -5.384  15.929  -2.580  1.00 38.39 ? 62  LEU A C   1 
ATOM   371  O  O   . LEU A 1 62  ? -4.879  17.049  -2.660  1.00 38.76 ? 62  LEU A O   1 
ATOM   372  C  CB  . LEU A 1 62  ? -3.850  15.230  -0.745  1.00 34.25 ? 62  LEU A CB  1 
ATOM   373  C  CG  . LEU A 1 62  ? -3.598  14.673  0.660   1.00 32.27 ? 62  LEU A CG  1 
ATOM   374  C  CD1 . LEU A 1 62  ? -2.127  14.846  1.032   1.00 32.61 ? 62  LEU A CD1 1 
ATOM   375  C  CD2 . LEU A 1 62  ? -4.488  15.397  1.657   1.00 33.20 ? 62  LEU A CD2 1 
ATOM   376  N  N   . SER A 1 63  ? -6.033  15.363  -3.593  1.00 39.48 ? 63  SER A N   1 
ATOM   377  C  CA  . SER A 1 63  ? -6.170  16.053  -4.874  1.00 41.43 ? 63  SER A CA  1 
ATOM   378  C  C   . SER A 1 63  ? -6.955  17.356  -4.737  1.00 42.96 ? 63  SER A C   1 
ATOM   379  O  O   . SER A 1 63  ? -6.670  18.336  -5.426  1.00 44.25 ? 63  SER A O   1 
ATOM   380  C  CB  . SER A 1 63  ? -6.849  15.143  -5.903  1.00 41.07 ? 63  SER A CB  1 
ATOM   381  O  OG  . SER A 1 63  ? -8.131  14.738  -5.462  1.00 43.13 ? 63  SER A OG  1 
ATOM   382  N  N   . SER A 1 64  ? -7.939  17.370  -3.844  1.00 43.71 ? 64  SER A N   1 
ATOM   383  C  CA  . SER A 1 64  ? -8.747  18.566  -3.634  1.00 45.22 ? 64  SER A CA  1 
ATOM   384  C  C   . SER A 1 64  ? -8.429  19.262  -2.316  1.00 45.18 ? 64  SER A C   1 
ATOM   385  O  O   . SER A 1 64  ? -9.275  19.952  -1.750  1.00 45.92 ? 64  SER A O   1 
ATOM   386  C  CB  . SER A 1 64  ? -10.236 18.220  -3.688  1.00 46.15 ? 64  SER A CB  1 
ATOM   387  O  OG  . SER A 1 64  ? -10.617 17.858  -5.004  1.00 48.05 ? 64  SER A OG  1 
ATOM   388  N  N   . GLY A 1 65  ? -7.204  19.081  -1.831  1.00 43.83 ? 65  GLY A N   1 
ATOM   389  C  CA  . GLY A 1 65  ? -6.804  19.716  -0.589  1.00 42.10 ? 65  GLY A CA  1 
ATOM   390  C  C   . GLY A 1 65  ? -6.790  18.801  0.621   1.00 40.78 ? 65  GLY A C   1 
ATOM   391  O  O   . GLY A 1 65  ? -7.092  17.611  0.509   1.00 38.41 ? 65  GLY A O   1 
ATOM   392  N  N   . PRO A 1 66  ? -6.443  19.335  1.802   1.00 39.61 ? 66  PRO A N   1 
ATOM   393  C  CA  . PRO A 1 66  ? -6.392  18.558  3.042   1.00 39.62 ? 66  PRO A CA  1 
ATOM   394  C  C   . PRO A 1 66  ? -7.709  17.852  3.331   1.00 39.50 ? 66  PRO A C   1 
ATOM   395  O  O   . PRO A 1 66  ? -8.777  18.304  2.915   1.00 39.06 ? 66  PRO A O   1 
ATOM   396  C  CB  . PRO A 1 66  ? -6.057  19.610  4.096   1.00 40.63 ? 66  PRO A CB  1 
ATOM   397  C  CG  . PRO A 1 66  ? -5.238  20.609  3.325   1.00 40.99 ? 66  PRO A CG  1 
ATOM   398  C  CD  . PRO A 1 66  ? -6.026  20.729  2.041   1.00 40.99 ? 66  PRO A CD  1 
ATOM   399  N  N   . GLN A 1 67  ? -7.623  16.738  4.046   1.00 37.07 ? 67  GLN A N   1 
ATOM   400  C  CA  . GLN A 1 67  ? -8.800  15.962  4.396   1.00 37.73 ? 67  GLN A CA  1 
ATOM   401  C  C   . GLN A 1 67  ? -8.591  15.319  5.757   1.00 37.84 ? 67  GLN A C   1 
ATOM   402  O  O   . GLN A 1 67  ? -7.456  15.081  6.170   1.00 36.71 ? 67  GLN A O   1 
ATOM   403  C  CB  . GLN A 1 67  ? -9.052  14.872  3.351   1.00 39.10 ? 67  GLN A CB  1 
ATOM   404  C  CG  . GLN A 1 67  ? -9.396  15.381  1.961   1.00 42.59 ? 67  GLN A CG  1 
ATOM   405  C  CD  . GLN A 1 67  ? -10.652 16.234  1.945   1.00 44.50 ? 67  GLN A CD  1 
ATOM   406  O  OE1 . GLN A 1 67  ? -11.651 15.897  2.578   1.00 44.94 ? 67  GLN A OE1 1 
ATOM   407  N  NE2 . GLN A 1 67  ? -10.610 17.340  1.209   1.00 46.04 ? 67  GLN A NE2 1 
ATOM   408  N  N   . ASN A 1 68  ? -9.682  15.050  6.463   1.00 37.04 ? 68  ASN A N   1 
ATOM   409  C  CA  . ASN A 1 68  ? -9.572  14.414  7.765   1.00 35.64 ? 68  ASN A CA  1 
ATOM   410  C  C   . ASN A 1 68  ? -9.170  12.964  7.550   1.00 34.26 ? 68  ASN A C   1 
ATOM   411  O  O   . ASN A 1 68  ? -9.644  12.310  6.623   1.00 32.31 ? 68  ASN A O   1 
ATOM   412  C  CB  . ASN A 1 68  ? -10.900 14.467  8.524   1.00 35.42 ? 68  ASN A CB  1 
ATOM   413  C  CG  . ASN A 1 68  ? -11.195 15.843  9.088   1.00 37.39 ? 68  ASN A CG  1 
ATOM   414  O  OD1 . ASN A 1 68  ? -10.303 16.521  9.593   1.00 38.09 ? 68  ASN A OD1 1 
ATOM   415  N  ND2 . ASN A 1 68  ? -12.454 16.254  9.020   1.00 38.29 ? 68  ASN A ND2 1 
ATOM   416  N  N   . CYS A 1 69  ? -8.288  12.466  8.405   1.00 32.87 ? 69  CYS A N   1 
ATOM   417  C  CA  . CYS A 1 69  ? -7.843  11.086  8.298   1.00 30.85 ? 69  CYS A CA  1 
ATOM   418  C  C   . CYS A 1 69  ? -8.960  10.146  8.734   1.00 30.69 ? 69  CYS A C   1 
ATOM   419  O  O   . CYS A 1 69  ? -9.330  10.120  9.907   1.00 31.89 ? 69  CYS A O   1 
ATOM   420  C  CB  . CYS A 1 69  ? -6.611  10.863  9.172   1.00 30.23 ? 69  CYS A CB  1 
ATOM   421  S  SG  . CYS A 1 69  ? -6.093  9.142   9.213   1.00 28.91 ? 69  CYS A SG  1 
ATOM   422  N  N   . ALA A 1 70  ? -9.498  9.379   7.788   1.00 31.38 ? 70  ALA A N   1 
ATOM   423  C  CA  . ALA A 1 70  ? -10.583 8.442   8.073   1.00 31.05 ? 70  ALA A CA  1 
ATOM   424  C  C   . ALA A 1 70  ? -10.159 7.360   9.061   1.00 32.37 ? 70  ALA A C   1 
ATOM   425  O  O   . ALA A 1 70  ? -10.968 6.885   9.859   1.00 31.76 ? 70  ALA A O   1 
ATOM   426  C  CB  . ALA A 1 70  ? -11.079 7.806   6.773   1.00 31.98 ? 70  ALA A CB  1 
ATOM   427  N  N   . ALA A 1 71  ? -8.892  6.966   9.007   1.00 28.97 ? 71  ALA A N   1 
ATOM   428  C  CA  . ALA A 1 71  ? -8.383  5.941   9.910   1.00 29.38 ? 71  ALA A CA  1 
ATOM   429  C  C   . ALA A 1 71  ? -8.395  6.452   11.348  1.00 29.01 ? 71  ALA A C   1 
ATOM   430  O  O   . ALA A 1 71  ? -8.735  5.715   12.272  1.00 28.79 ? 71  ALA A O   1 
ATOM   431  C  CB  . ALA A 1 71  ? -6.963  5.528   9.503   1.00 29.70 ? 71  ALA A CB  1 
ATOM   432  N  N   . CYS A 1 72  ? -8.012  7.710   11.537  1.00 28.57 ? 72  CYS A N   1 
ATOM   433  C  CA  . CYS A 1 72  ? -8.010  8.294   12.873  1.00 31.17 ? 72  CYS A CA  1 
ATOM   434  C  C   . CYS A 1 72  ? -9.434  8.273   13.426  1.00 32.19 ? 72  CYS A C   1 
ATOM   435  O  O   . CYS A 1 72  ? -9.669  7.883   14.573  1.00 33.96 ? 72  CYS A O   1 
ATOM   436  C  CB  . CYS A 1 72  ? -7.500  9.735   12.830  1.00 31.19 ? 72  CYS A CB  1 
ATOM   437  S  SG  . CYS A 1 72  ? -5.717  9.929   13.043  1.00 28.22 ? 72  CYS A SG  1 
ATOM   438  N  N   . VAL A 1 73  ? -10.379 8.694   12.596  1.00 33.15 ? 73  VAL A N   1 
ATOM   439  C  CA  . VAL A 1 73  ? -11.782 8.723   12.984  1.00 35.67 ? 73  VAL A CA  1 
ATOM   440  C  C   . VAL A 1 73  ? -12.269 7.341   13.406  1.00 37.14 ? 73  VAL A C   1 
ATOM   441  O  O   . VAL A 1 73  ? -12.704 7.147   14.539  1.00 37.54 ? 73  VAL A O   1 
ATOM   442  C  CB  . VAL A 1 73  ? -12.662 9.222   11.823  1.00 35.66 ? 73  VAL A CB  1 
ATOM   443  C  CG1 . VAL A 1 73  ? -14.133 9.148   12.210  1.00 36.94 ? 73  VAL A CG1 1 
ATOM   444  C  CG2 . VAL A 1 73  ? -12.279 10.647  11.463  1.00 34.70 ? 73  VAL A CG2 1 
ATOM   445  N  N   . HIS A 1 74  ? -12.181 6.382   12.491  1.00 38.46 ? 74  HIS A N   1 
ATOM   446  C  CA  . HIS A 1 74  ? -12.628 5.019   12.753  1.00 40.74 ? 74  HIS A CA  1 
ATOM   447  C  C   . HIS A 1 74  ? -11.965 4.379   13.969  1.00 40.37 ? 74  HIS A C   1 
ATOM   448  O  O   . HIS A 1 74  ? -12.585 3.582   14.673  1.00 41.85 ? 74  HIS A O   1 
ATOM   449  C  CB  . HIS A 1 74  ? -12.397 4.155   11.512  1.00 43.84 ? 74  HIS A CB  1 
ATOM   450  C  CG  . HIS A 1 74  ? -13.148 4.626   10.305  1.00 48.83 ? 74  HIS A CG  1 
ATOM   451  N  ND1 . HIS A 1 74  ? -13.006 4.044   9.065   1.00 51.02 ? 74  HIS A ND1 1 
ATOM   452  C  CD2 . HIS A 1 74  ? -14.052 5.624   10.151  1.00 51.40 ? 74  HIS A CD2 1 
ATOM   453  C  CE1 . HIS A 1 74  ? -13.789 4.661   8.197   1.00 52.40 ? 74  HIS A CE1 1 
ATOM   454  N  NE2 . HIS A 1 74  ? -14.435 5.624   8.831   1.00 51.97 ? 74  HIS A NE2 1 
ATOM   455  N  N   . GLU A 1 75  ? -10.708 4.728   14.217  1.00 39.09 ? 75  GLU A N   1 
ATOM   456  C  CA  . GLU A 1 75  ? -9.985  4.184   15.358  1.00 38.84 ? 75  GLU A CA  1 
ATOM   457  C  C   . GLU A 1 75  ? -10.248 4.986   16.623  1.00 38.02 ? 75  GLU A C   1 
ATOM   458  O  O   . GLU A 1 75  ? -9.727  4.662   17.687  1.00 37.45 ? 75  GLU A O   1 
ATOM   459  C  CB  . GLU A 1 75  ? -8.483  4.140   15.067  1.00 39.71 ? 75  GLU A CB  1 
ATOM   460  C  CG  . GLU A 1 75  ? -8.053  2.866   14.359  1.00 39.47 ? 75  GLU A CG  1 
ATOM   461  C  CD  . GLU A 1 75  ? -6.738  3.017   13.618  1.00 39.14 ? 75  GLU A CD  1 
ATOM   462  O  OE1 . GLU A 1 75  ? -5.779  3.574   14.192  1.00 36.84 ? 75  GLU A OE1 1 
ATOM   463  O  OE2 . GLU A 1 75  ? -6.668  2.565   12.460  1.00 40.50 ? 75  GLU A OE2 1 
ATOM   464  N  N   . GLY A 1 76  ? -11.058 6.033   16.494  1.00 38.18 ? 76  GLY A N   1 
ATOM   465  C  CA  . GLY A 1 76  ? -11.405 6.861   17.637  1.00 37.38 ? 76  GLY A CA  1 
ATOM   466  C  C   . GLY A 1 76  ? -10.260 7.625   18.267  1.00 37.11 ? 76  GLY A C   1 
ATOM   467  O  O   . GLY A 1 76  ? -10.230 7.814   19.485  1.00 35.99 ? 76  GLY A O   1 
ATOM   468  N  N   . ILE A 1 77  ? -9.318  8.077   17.448  1.00 35.98 ? 77  ILE A N   1 
ATOM   469  C  CA  . ILE A 1 77  ? -8.182  8.826   17.959  1.00 34.37 ? 77  ILE A CA  1 
ATOM   470  C  C   . ILE A 1 77  ? -8.015  10.141  17.214  1.00 33.07 ? 77  ILE A C   1 
ATOM   471  O  O   . ILE A 1 77  ? -6.979  10.795  17.316  1.00 33.86 ? 77  ILE A O   1 
ATOM   472  C  CB  . ILE A 1 77  ? -6.883  8.006   17.848  1.00 35.06 ? 77  ILE A CB  1 
ATOM   473  C  CG1 . ILE A 1 77  ? -6.636  7.604   16.394  1.00 34.19 ? 77  ILE A CG1 1 
ATOM   474  C  CG2 . ILE A 1 77  ? -6.987  6.759   18.724  1.00 37.19 ? 77  ILE A CG2 1 
ATOM   475  C  CD1 . ILE A 1 77  ? -5.369  6.781   16.200  1.00 33.40 ? 77  ILE A CD1 1 
ATOM   476  N  N   . TYR A 1 78  ? -9.048  10.530  16.473  1.00 32.50 ? 78  TYR A N   1 
ATOM   477  C  CA  . TYR A 1 78  ? -9.015  11.775  15.722  1.00 33.76 ? 78  TYR A CA  1 
ATOM   478  C  C   . TYR A 1 78  ? -8.714  12.947  16.642  1.00 36.90 ? 78  TYR A C   1 
ATOM   479  O  O   . TYR A 1 78  ? -9.354  13.115  17.683  1.00 34.38 ? 78  TYR A O   1 
ATOM   480  C  CB  . TYR A 1 78  ? -10.355 12.034  15.029  1.00 33.96 ? 78  TYR A CB  1 
ATOM   481  C  CG  . TYR A 1 78  ? -10.383 13.350  14.284  1.00 34.89 ? 78  TYR A CG  1 
ATOM   482  C  CD1 . TYR A 1 78  ? -9.874  13.453  12.991  1.00 34.06 ? 78  TYR A CD1 1 
ATOM   483  C  CD2 . TYR A 1 78  ? -10.871 14.506  14.894  1.00 34.43 ? 78  TYR A CD2 1 
ATOM   484  C  CE1 . TYR A 1 78  ? -9.848  14.674  12.324  1.00 34.38 ? 78  TYR A CE1 1 
ATOM   485  C  CE2 . TYR A 1 78  ? -10.848 15.730  14.236  1.00 34.42 ? 78  TYR A CE2 1 
ATOM   486  C  CZ  . TYR A 1 78  ? -10.335 15.807  12.952  1.00 34.73 ? 78  TYR A CZ  1 
ATOM   487  O  OH  . TYR A 1 78  ? -10.307 17.020  12.301  1.00 35.88 ? 78  TYR A OH  1 
ATOM   488  N  N   . GLU A 1 79  ? -7.736  13.754  16.245  1.00 37.85 ? 79  GLU A N   1 
ATOM   489  C  CA  . GLU A 1 79  ? -7.339  14.932  17.001  1.00 41.67 ? 79  GLU A CA  1 
ATOM   490  C  C   . GLU A 1 79  ? -7.188  16.085  16.016  1.00 42.00 ? 79  GLU A C   1 
ATOM   491  O  O   . GLU A 1 79  ? -6.517  15.952  14.994  1.00 40.40 ? 79  GLU A O   1 
ATOM   492  C  CB  . GLU A 1 79  ? -6.008  14.686  17.719  1.00 44.80 ? 79  GLU A CB  1 
ATOM   493  C  CG  . GLU A 1 79  ? -6.076  13.627  18.804  1.00 50.04 ? 79  GLU A CG  1 
ATOM   494  C  CD  . GLU A 1 79  ? -4.722  13.331  19.424  1.00 53.55 ? 79  GLU A CD  1 
ATOM   495  O  OE1 . GLU A 1 79  ? -4.662  12.476  20.335  1.00 54.81 ? 79  GLU A OE1 1 
ATOM   496  O  OE2 . GLU A 1 79  ? -3.720  13.948  19.001  1.00 54.84 ? 79  GLU A OE2 1 
ATOM   497  N  N   . GLU A 1 80  ? -7.823  17.211  16.322  1.00 42.82 ? 80  GLU A N   1 
ATOM   498  C  CA  . GLU A 1 80  ? -7.758  18.380  15.458  1.00 44.21 ? 80  GLU A CA  1 
ATOM   499  C  C   . GLU A 1 80  ? -6.318  18.734  15.107  1.00 43.34 ? 80  GLU A C   1 
ATOM   500  O  O   . GLU A 1 80  ? -5.428  18.663  15.952  1.00 41.72 ? 80  GLU A O   1 
ATOM   501  C  CB  . GLU A 1 80  ? -8.414  19.580  16.137  1.00 48.10 ? 80  GLU A CB  1 
ATOM   502  C  CG  . GLU A 1 80  ? -8.297  20.859  15.333  1.00 53.20 ? 80  GLU A CG  1 
ATOM   503  C  CD  . GLU A 1 80  ? -9.068  20.795  14.033  1.00 56.90 ? 80  GLU A CD  1 
ATOM   504  O  OE1 . GLU A 1 80  ? -10.312 20.897  14.077  1.00 60.28 ? 80  GLU A OE1 1 
ATOM   505  O  OE2 . GLU A 1 80  ? -8.433  20.634  12.970  1.00 58.29 ? 80  GLU A OE2 1 
ATOM   506  N  N   . GLY A 1 81  ? -6.101  19.120  13.855  1.00 43.21 ? 81  GLY A N   1 
ATOM   507  C  CA  . GLY A 1 81  ? -4.769  19.489  13.418  1.00 45.53 ? 81  GLY A CA  1 
ATOM   508  C  C   . GLY A 1 81  ? -3.906  18.299  13.049  1.00 45.12 ? 81  GLY A C   1 
ATOM   509  O  O   . GLY A 1 81  ? -3.526  18.138  11.889  1.00 46.06 ? 81  GLY A O   1 
ATOM   510  N  N   . ILE A 1 82  ? -3.601  17.463  14.037  1.00 43.11 ? 82  ILE A N   1 
ATOM   511  C  CA  . ILE A 1 82  ? -2.767  16.287  13.829  1.00 40.57 ? 82  ILE A CA  1 
ATOM   512  C  C   . ILE A 1 82  ? -3.393  15.224  12.935  1.00 37.44 ? 82  ILE A C   1 
ATOM   513  O  O   . ILE A 1 82  ? -2.691  14.561  12.175  1.00 34.24 ? 82  ILE A O   1 
ATOM   514  C  CB  . ILE A 1 82  ? -2.368  15.659  15.192  1.00 42.51 ? 82  ILE A CB  1 
ATOM   515  C  CG1 . ILE A 1 82  ? -1.070  16.300  15.693  1.00 44.39 ? 82  ILE A CG1 1 
ATOM   516  C  CG2 . ILE A 1 82  ? -2.187  14.152  15.066  1.00 43.22 ? 82  ILE A CG2 1 
ATOM   517  C  CD1 . ILE A 1 82  ? -1.129  17.809  15.835  1.00 47.27 ? 82  ILE A CD1 1 
ATOM   518  N  N   . SER A 1 83  ? -4.711  15.066  13.012  1.00 35.45 ? 83  SER A N   1 
ATOM   519  C  CA  . SER A 1 83  ? -5.398  14.059  12.208  1.00 32.66 ? 83  SER A CA  1 
ATOM   520  C  C   . SER A 1 83  ? -5.855  14.570  10.845  1.00 32.32 ? 83  SER A C   1 
ATOM   521  O  O   . SER A 1 83  ? -6.739  13.987  10.219  1.00 32.13 ? 83  SER A O   1 
ATOM   522  C  CB  . SER A 1 83  ? -6.595  13.498  12.981  1.00 32.94 ? 83  SER A CB  1 
ATOM   523  O  OG  . SER A 1 83  ? -6.171  12.804  14.143  1.00 31.65 ? 83  SER A OG  1 
ATOM   524  N  N   . ILE A 1 84  ? -5.249  15.658  10.385  1.00 33.46 ? 84  ILE A N   1 
ATOM   525  C  CA  . ILE A 1 84  ? -5.595  16.224  9.084   1.00 35.38 ? 84  ILE A CA  1 
ATOM   526  C  C   . ILE A 1 84  ? -4.535  15.840  8.058   1.00 33.30 ? 84  ILE A C   1 
ATOM   527  O  O   . ILE A 1 84  ? -3.366  16.184  8.211   1.00 32.88 ? 84  ILE A O   1 
ATOM   528  C  CB  . ILE A 1 84  ? -5.652  17.761  9.127   1.00 37.62 ? 84  ILE A CB  1 
ATOM   529  C  CG1 . ILE A 1 84  ? -6.434  18.223  10.358  1.00 41.83 ? 84  ILE A CG1 1 
ATOM   530  C  CG2 . ILE A 1 84  ? -6.290  18.287  7.843   1.00 39.31 ? 84  ILE A CG2 1 
ATOM   531  C  CD1 . ILE A 1 84  ? -7.840  17.693  10.437  1.00 44.05 ? 84  ILE A CD1 1 
ATOM   532  N  N   . LEU A 1 85  ? -4.945  15.124  7.018   1.00 32.74 ? 85  LEU A N   1 
ATOM   533  C  CA  . LEU A 1 85  ? -4.019  14.714  5.968   1.00 32.03 ? 85  LEU A CA  1 
ATOM   534  C  C   . LEU A 1 85  ? -3.640  15.947  5.159   1.00 33.24 ? 85  LEU A C   1 
ATOM   535  O  O   . LEU A 1 85  ? -4.510  16.629  4.612   1.00 33.82 ? 85  LEU A O   1 
ATOM   536  C  CB  . LEU A 1 85  ? -4.677  13.672  5.061   1.00 29.12 ? 85  LEU A CB  1 
ATOM   537  C  CG  . LEU A 1 85  ? -5.188  12.420  5.781   1.00 29.78 ? 85  LEU A CG  1 
ATOM   538  C  CD1 . LEU A 1 85  ? -5.853  11.473  4.788   1.00 26.28 ? 85  LEU A CD1 1 
ATOM   539  C  CD2 . LEU A 1 85  ? -4.022  11.729  6.486   1.00 26.59 ? 85  LEU A CD2 1 
ATOM   540  N  N   . GLU A 1 86  ? -2.342  16.233  5.091   1.00 34.30 ? 86  GLU A N   1 
ATOM   541  C  CA  . GLU A 1 86  ? -1.845  17.400  4.365   1.00 35.56 ? 86  GLU A CA  1 
ATOM   542  C  C   . GLU A 1 86  ? -0.529  17.084  3.671   1.00 34.96 ? 86  GLU A C   1 
ATOM   543  O  O   . GLU A 1 86  ? 0.269   16.287  4.167   1.00 34.67 ? 86  GLU A O   1 
ATOM   544  C  CB  . GLU A 1 86  ? -1.589  18.561  5.326   1.00 36.56 ? 86  GLU A CB  1 
ATOM   545  C  CG  . GLU A 1 86  ? -2.649  18.776  6.383   1.00 41.69 ? 86  GLU A CG  1 
ATOM   546  C  CD  . GLU A 1 86  ? -2.156  19.681  7.494   1.00 43.98 ? 86  GLU A CD  1 
ATOM   547  O  OE1 . GLU A 1 86  ? -1.152  19.322  8.149   1.00 46.41 ? 86  GLU A OE1 1 
ATOM   548  O  OE2 . GLU A 1 86  ? -2.766  20.749  7.709   1.00 47.96 ? 86  GLU A OE2 1 
ATOM   549  N  N   . SER A 1 87  ? -0.298  17.736  2.536   1.00 33.63 ? 87  SER A N   1 
ATOM   550  C  CA  . SER A 1 87  ? 0.934   17.550  1.778   1.00 33.61 ? 87  SER A CA  1 
ATOM   551  C  C   . SER A 1 87  ? 2.153   17.979  2.585   1.00 32.55 ? 87  SER A C   1 
ATOM   552  O  O   . SER A 1 87  ? 3.198   17.327  2.548   1.00 31.73 ? 87  SER A O   1 
ATOM   553  C  CB  . SER A 1 87  ? 0.886   18.370  0.484   1.00 34.27 ? 87  SER A CB  1 
ATOM   554  O  OG  . SER A 1 87  ? 2.169   18.432  -0.117  1.00 37.02 ? 87  SER A OG  1 
ATOM   555  N  N   . SER A 1 88  ? 2.013   19.080  3.314   1.00 31.70 ? 88  SER A N   1 
ATOM   556  C  CA  . SER A 1 88  ? 3.109   19.622  4.107   1.00 33.13 ? 88  SER A CA  1 
ATOM   557  C  C   . SER A 1 88  ? 3.526   18.770  5.299   1.00 33.03 ? 88  SER A C   1 
ATOM   558  O  O   . SER A 1 88  ? 4.647   18.908  5.792   1.00 33.44 ? 88  SER A O   1 
ATOM   559  C  CB  . SER A 1 88  ? 2.761   21.028  4.601   1.00 35.46 ? 88  SER A CB  1 
ATOM   560  O  OG  . SER A 1 88  ? 1.625   21.001  5.447   1.00 37.77 ? 88  SER A OG  1 
ATOM   561  N  N   . SER A 1 89  ? 2.636   17.898  5.767   1.00 31.24 ? 89  SER A N   1 
ATOM   562  C  CA  . SER A 1 89  ? 2.958   17.061  6.919   1.00 31.68 ? 89  SER A CA  1 
ATOM   563  C  C   . SER A 1 89  ? 3.037   15.559  6.643   1.00 30.84 ? 89  SER A C   1 
ATOM   564  O  O   . SER A 1 89  ? 3.249   14.781  7.569   1.00 30.65 ? 89  SER A O   1 
ATOM   565  C  CB  . SER A 1 89  ? 1.960   17.321  8.057   1.00 29.35 ? 89  SER A CB  1 
ATOM   566  O  OG  . SER A 1 89  ? 0.632   17.057  7.640   1.00 31.40 ? 89  SER A OG  1 
ATOM   567  N  N   . ALA A 1 90  ? 2.859   15.144  5.391   1.00 29.25 ? 90  ALA A N   1 
ATOM   568  C  CA  . ALA A 1 90  ? 2.956   13.718  5.063   1.00 27.40 ? 90  ALA A CA  1 
ATOM   569  C  C   . ALA A 1 90  ? 4.325   13.470  4.433   1.00 26.56 ? 90  ALA A C   1 
ATOM   570  O  O   . ALA A 1 90  ? 4.775   14.255  3.605   1.00 26.38 ? 90  ALA A O   1 
ATOM   571  C  CB  . ALA A 1 90  ? 1.848   13.309  4.103   1.00 28.18 ? 90  ALA A CB  1 
ATOM   572  N  N   . PHE A 1 91  ? 4.979   12.372  4.810   1.00 25.96 ? 91  PHE A N   1 
ATOM   573  C  CA  . PHE A 1 91  ? 6.313   12.085  4.296   1.00 28.37 ? 91  PHE A CA  1 
ATOM   574  C  C   . PHE A 1 91  ? 6.534   10.638  3.875   1.00 26.22 ? 91  PHE A C   1 
ATOM   575  O  O   . PHE A 1 91  ? 5.852   9.730   4.349   1.00 24.29 ? 91  PHE A O   1 
ATOM   576  C  CB  . PHE A 1 91  ? 7.333   12.442  5.370   1.00 34.46 ? 91  PHE A CB  1 
ATOM   577  C  CG  . PHE A 1 91  ? 7.013   13.706  6.103   1.00 41.36 ? 91  PHE A CG  1 
ATOM   578  C  CD1 . PHE A 1 91  ? 7.221   14.940  5.510   1.00 46.69 ? 91  PHE A CD1 1 
ATOM   579  C  CD2 . PHE A 1 91  ? 6.496   13.663  7.387   1.00 45.39 ? 91  PHE A CD2 1 
ATOM   580  C  CE1 . PHE A 1 91  ? 6.923   16.123  6.190   1.00 49.20 ? 91  PHE A CE1 1 
ATOM   581  C  CE2 . PHE A 1 91  ? 6.196   14.839  8.072   1.00 50.32 ? 91  PHE A CE2 1 
ATOM   582  C  CZ  . PHE A 1 91  ? 6.411   16.070  7.471   1.00 49.74 ? 91  PHE A CZ  1 
ATOM   583  N  N   . PRO A 1 92  ? 7.499   10.408  2.968   1.00 25.60 ? 92  PRO A N   1 
ATOM   584  C  CA  . PRO A 1 92  ? 7.784   9.046   2.514   1.00 25.52 ? 92  PRO A CA  1 
ATOM   585  C  C   . PRO A 1 92  ? 8.212   8.212   3.716   1.00 24.82 ? 92  PRO A C   1 
ATOM   586  O  O   . PRO A 1 92  ? 9.145   8.582   4.422   1.00 23.41 ? 92  PRO A O   1 
ATOM   587  C  CB  . PRO A 1 92  ? 8.938   9.238   1.530   1.00 27.58 ? 92  PRO A CB  1 
ATOM   588  C  CG  . PRO A 1 92  ? 8.709   10.616  0.998   1.00 27.84 ? 92  PRO A CG  1 
ATOM   589  C  CD  . PRO A 1 92  ? 8.315   11.392  2.234   1.00 24.91 ? 92  PRO A CD  1 
ATOM   590  N  N   . ASP A 1 93  ? 7.530   7.096   3.957   1.00 24.27 ? 93  ASP A N   1 
ATOM   591  C  CA  . ASP A 1 93  ? 7.882   6.239   5.087   1.00 22.74 ? 93  ASP A CA  1 
ATOM   592  C  C   . ASP A 1 93  ? 8.825   5.166   4.563   1.00 22.14 ? 93  ASP A C   1 
ATOM   593  O  O   . ASP A 1 93  ? 8.411   4.056   4.233   1.00 22.52 ? 93  ASP A O   1 
ATOM   594  C  CB  . ASP A 1 93  ? 6.626   5.594   5.689   1.00 21.67 ? 93  ASP A CB  1 
ATOM   595  C  CG  . ASP A 1 93  ? 6.871   5.026   7.076   1.00 24.71 ? 93  ASP A CG  1 
ATOM   596  O  OD1 . ASP A 1 93  ? 8.024   4.625   7.366   1.00 21.85 ? 93  ASP A OD1 1 
ATOM   597  O  OD2 . ASP A 1 93  ? 5.910   4.969   7.875   1.00 24.00 ? 93  ASP A OD2 1 
ATOM   598  N  N   . ASN A 1 94  ? 10.103  5.504   4.478   1.00 25.31 ? 94  ASN A N   1 
ATOM   599  C  CA  . ASN A 1 94  ? 11.076  4.563   3.955   1.00 25.49 ? 94  ASN A CA  1 
ATOM   600  C  C   . ASN A 1 94  ? 11.361  3.367   4.854   1.00 24.73 ? 94  ASN A C   1 
ATOM   601  O  O   . ASN A 1 94  ? 11.797  2.324   4.371   1.00 24.65 ? 94  ASN A O   1 
ATOM   602  C  CB  . ASN A 1 94  ? 12.357  5.312   3.585   1.00 28.70 ? 94  ASN A CB  1 
ATOM   603  C  CG  . ASN A 1 94  ? 12.184  6.151   2.325   1.00 33.98 ? 94  ASN A CG  1 
ATOM   604  O  OD1 . ASN A 1 94  ? 11.961  5.611   1.241   1.00 40.34 ? 94  ASN A OD1 1 
ATOM   605  N  ND2 . ASN A 1 94  ? 12.271  7.472   2.463   1.00 36.47 ? 94  ASN A ND2 1 
ATOM   606  N  N   . ALA A 1 95  ? 11.104  3.501   6.153   1.00 23.96 ? 95  ALA A N   1 
ATOM   607  C  CA  . ALA A 1 95  ? 11.319  2.383   7.068   1.00 24.03 ? 95  ALA A CA  1 
ATOM   608  C  C   . ALA A 1 95  ? 10.225  1.351   6.765   1.00 24.08 ? 95  ALA A C   1 
ATOM   609  O  O   . ALA A 1 95  ? 10.471  0.139   6.731   1.00 23.44 ? 95  ALA A O   1 
ATOM   610  C  CB  . ALA A 1 95  ? 11.222  2.858   8.519   1.00 24.40 ? 95  ALA A CB  1 
ATOM   611  N  N   . ALA A 1 96  ? 9.012   1.843   6.545   1.00 22.70 ? 96  ALA A N   1 
ATOM   612  C  CA  . ALA A 1 96  ? 7.888   0.966   6.222   1.00 24.11 ? 96  ALA A CA  1 
ATOM   613  C  C   . ALA A 1 96  ? 8.093   0.370   4.830   1.00 23.96 ? 96  ALA A C   1 
ATOM   614  O  O   . ALA A 1 96  ? 7.823   -0.806  4.605   1.00 25.04 ? 96  ALA A O   1 
ATOM   615  C  CB  . ALA A 1 96  ? 6.576   1.753   6.258   1.00 22.05 ? 96  ALA A CB  1 
ATOM   616  N  N   . ARG A 1 97  ? 8.563   1.190   3.895   1.00 24.81 ? 97  ARG A N   1 
ATOM   617  C  CA  . ARG A 1 97  ? 8.789   0.720   2.535   1.00 28.05 ? 97  ARG A CA  1 
ATOM   618  C  C   . ARG A 1 97  ? 9.790   -0.435  2.513   1.00 29.31 ? 97  ARG A C   1 
ATOM   619  O  O   . ARG A 1 97  ? 9.529   -1.487  1.918   1.00 29.17 ? 97  ARG A O   1 
ATOM   620  C  CB  . ARG A 1 97  ? 9.298   1.863   1.645   1.00 28.33 ? 97  ARG A CB  1 
ATOM   621  C  CG  . ARG A 1 97  ? 9.589   1.437   0.202   1.00 32.65 ? 97  ARG A CG  1 
ATOM   622  C  CD  . ARG A 1 97  ? 10.130  2.591   -0.643  1.00 35.49 ? 97  ARG A CD  1 
ATOM   623  N  NE  . ARG A 1 97  ? 10.435  2.173   -2.012  1.00 37.84 ? 97  ARG A NE  1 
ATOM   624  C  CZ  . ARG A 1 97  ? 10.843  2.997   -2.975  1.00 37.73 ? 97  ARG A CZ  1 
ATOM   625  N  NH1 . ARG A 1 97  ? 10.994  4.290   -2.727  1.00 37.26 ? 97  ARG A NH1 1 
ATOM   626  N  NH2 . ARG A 1 97  ? 11.109  2.527   -4.186  1.00 39.40 ? 97  ARG A NH2 1 
ATOM   627  N  N   . ARG A 1 98  ? 10.928  -0.243  3.171   1.00 30.47 ? 98  ARG A N   1 
ATOM   628  C  CA  . ARG A 1 98  ? 11.962  -1.272  3.207   1.00 32.52 ? 98  ARG A CA  1 
ATOM   629  C  C   . ARG A 1 98  ? 11.464  -2.560  3.847   1.00 32.33 ? 98  ARG A C   1 
ATOM   630  O  O   . ARG A 1 98  ? 11.795  -3.651  3.385   1.00 30.78 ? 98  ARG A O   1 
ATOM   631  C  CB  . ARG A 1 98  ? 13.197  -0.766  3.952   1.00 34.80 ? 98  ARG A CB  1 
ATOM   632  C  CG  . ARG A 1 98  ? 13.925  0.362   3.242   1.00 41.29 ? 98  ARG A CG  1 
ATOM   633  C  CD  . ARG A 1 98  ? 15.184  0.767   3.998   1.00 45.94 ? 98  ARG A CD  1 
ATOM   634  N  NE  . ARG A 1 98  ? 16.141  -0.332  4.098   1.00 48.46 ? 98  ARG A NE  1 
ATOM   635  C  CZ  . ARG A 1 98  ? 16.799  -0.848  3.064   1.00 51.03 ? 98  ARG A CZ  1 
ATOM   636  N  NH1 . ARG A 1 98  ? 16.608  -0.363  1.845   1.00 52.33 ? 98  ARG A NH1 1 
ATOM   637  N  NH2 . ARG A 1 98  ? 17.643  -1.854  3.244   1.00 52.27 ? 98  ARG A NH2 1 
ATOM   638  N  N   . GLU A 1 99  ? 10.659  -2.438  4.899   1.00 31.87 ? 99  GLU A N   1 
ATOM   639  C  CA  . GLU A 1 99  ? 10.129  -3.617  5.574   1.00 32.87 ? 99  GLU A CA  1 
ATOM   640  C  C   . GLU A 1 99  ? 9.169   -4.387  4.665   1.00 31.96 ? 99  GLU A C   1 
ATOM   641  O  O   . GLU A 1 99  ? 9.236   -5.613  4.568   1.00 32.16 ? 99  GLU A O   1 
ATOM   642  C  CB  . GLU A 1 99  ? 9.414   -3.211  6.864   1.00 35.67 ? 99  GLU A CB  1 
ATOM   643  C  CG  . GLU A 1 99  ? 8.886   -4.382  7.676   1.00 42.52 ? 99  GLU A CG  1 
ATOM   644  C  CD  . GLU A 1 99  ? 8.375   -3.957  9.041   1.00 45.59 ? 99  GLU A CD  1 
ATOM   645  O  OE1 . GLU A 1 99  ? 9.156   -3.351  9.806   1.00 50.40 ? 99  GLU A OE1 1 
ATOM   646  O  OE2 . GLU A 1 99  ? 7.196   -4.224  9.350   1.00 48.23 ? 99  GLU A OE2 1 
ATOM   647  N  N   . VAL A 1 100 ? 8.279   -3.663  3.998   1.00 30.00 ? 100 VAL A N   1 
ATOM   648  C  CA  . VAL A 1 100 ? 7.319   -4.289  3.104   1.00 28.26 ? 100 VAL A CA  1 
ATOM   649  C  C   . VAL A 1 100 ? 8.006   -4.902  1.882   1.00 28.86 ? 100 VAL A C   1 
ATOM   650  O  O   . VAL A 1 100 ? 7.616   -5.971  1.416   1.00 29.56 ? 100 VAL A O   1 
ATOM   651  C  CB  . VAL A 1 100 ? 6.243   -3.270  2.667   1.00 26.90 ? 100 VAL A CB  1 
ATOM   652  C  CG1 . VAL A 1 100 ? 5.354   -3.863  1.598   1.00 29.35 ? 100 VAL A CG1 1 
ATOM   653  C  CG2 . VAL A 1 100 ? 5.406   -2.876  3.869   1.00 27.35 ? 100 VAL A CG2 1 
ATOM   654  N  N   . GLU A 1 101 ? 9.034   -4.235  1.370   1.00 30.13 ? 101 GLU A N   1 
ATOM   655  C  CA  . GLU A 1 101 ? 9.760   -4.750  0.211   1.00 31.23 ? 101 GLU A CA  1 
ATOM   656  C  C   . GLU A 1 101 ? 10.493  -6.053  0.525   1.00 32.81 ? 101 GLU A C   1 
ATOM   657  O  O   . GLU A 1 101 ? 10.775  -6.844  -0.375  1.00 33.36 ? 101 GLU A O   1 
ATOM   658  C  CB  . GLU A 1 101 ? 10.779  -3.721  -0.288  1.00 32.32 ? 101 GLU A CB  1 
ATOM   659  C  CG  . GLU A 1 101 ? 10.175  -2.433  -0.811  1.00 33.69 ? 101 GLU A CG  1 
ATOM   660  C  CD  . GLU A 1 101 ? 11.234  -1.457  -1.285  1.00 34.35 ? 101 GLU A CD  1 
ATOM   661  O  OE1 . GLU A 1 101 ? 12.354  -1.488  -0.736  1.00 35.72 ? 101 GLU A OE1 1 
ATOM   662  O  OE2 . GLU A 1 101 ? 10.943  -0.653  -2.190  1.00 36.53 ? 101 GLU A OE2 1 
ATOM   663  N  N   . SER A 1 102 ? 10.798  -6.279  1.799   1.00 34.50 ? 102 SER A N   1 
ATOM   664  C  CA  . SER A 1 102 ? 11.523  -7.480  2.206   1.00 36.17 ? 102 SER A CA  1 
ATOM   665  C  C   . SER A 1 102 ? 10.639  -8.697  2.441   1.00 36.64 ? 102 SER A C   1 
ATOM   666  O  O   . SER A 1 102 ? 11.139  -9.808  2.612   1.00 38.40 ? 102 SER A O   1 
ATOM   667  C  CB  . SER A 1 102 ? 12.322  -7.203  3.482   1.00 38.70 ? 102 SER A CB  1 
ATOM   668  O  OG  . SER A 1 102 ? 11.460  -7.108  4.604   1.00 39.09 ? 102 SER A OG  1 
ATOM   669  N  N   . LEU A 1 103 ? 9.328   -8.497  2.455   1.00 36.40 ? 103 LEU A N   1 
ATOM   670  C  CA  . LEU A 1 103 ? 8.400   -9.596  2.689   1.00 36.62 ? 103 LEU A CA  1 
ATOM   671  C  C   . LEU A 1 103 ? 8.340   -10.600 1.543   1.00 37.60 ? 103 LEU A C   1 
ATOM   672  O  O   . LEU A 1 103 ? 8.481   -10.235 0.375   1.00 36.46 ? 103 LEU A O   1 
ATOM   673  C  CB  . LEU A 1 103 ? 6.995   -9.053  2.941   1.00 37.24 ? 103 LEU A CB  1 
ATOM   674  C  CG  . LEU A 1 103 ? 6.815   -8.108  4.129   1.00 37.75 ? 103 LEU A CG  1 
ATOM   675  C  CD1 . LEU A 1 103 ? 5.380   -7.622  4.166   1.00 37.73 ? 103 LEU A CD1 1 
ATOM   676  C  CD2 . LEU A 1 103 ? 7.176   -8.824  5.423   1.00 39.01 ? 103 LEU A CD2 1 
ATOM   677  N  N   . PRO A 1 104 ? 8.145   -11.889 1.873   1.00 38.52 ? 104 PRO A N   1 
ATOM   678  C  CA  . PRO A 1 104 ? 8.054   -12.967 0.881   1.00 38.58 ? 104 PRO A CA  1 
ATOM   679  C  C   . PRO A 1 104 ? 6.767   -12.751 0.094   1.00 37.86 ? 104 PRO A C   1 
ATOM   680  O  O   . PRO A 1 104 ? 5.722   -12.491 0.684   1.00 38.21 ? 104 PRO A O   1 
ATOM   681  C  CB  . PRO A 1 104 ? 7.980   -14.227 1.743   1.00 39.88 ? 104 PRO A CB  1 
ATOM   682  C  CG  . PRO A 1 104 ? 8.709   -13.836 2.992   1.00 40.56 ? 104 PRO A CG  1 
ATOM   683  C  CD  . PRO A 1 104 ? 8.197   -12.442 3.238   1.00 38.38 ? 104 PRO A CD  1 
ATOM   684  N  N   . ALA A 1 105 ? 6.832   -12.866 -1.228  1.00 36.80 ? 105 ALA A N   1 
ATOM   685  C  CA  . ALA A 1 105 ? 5.643   -12.650 -2.041  1.00 38.65 ? 105 ALA A CA  1 
ATOM   686  C  C   . ALA A 1 105 ? 5.433   -13.681 -3.140  1.00 38.71 ? 105 ALA A C   1 
ATOM   687  O  O   . ALA A 1 105 ? 6.384   -14.285 -3.637  1.00 39.96 ? 105 ALA A O   1 
ATOM   688  C  CB  . ALA A 1 105 ? 5.688   -11.253 -2.656  1.00 37.30 ? 105 ALA A CB  1 
ATOM   689  N  N   . VAL A 1 106 ? 4.170   -13.868 -3.509  1.00 38.71 ? 106 VAL A N   1 
ATOM   690  C  CA  . VAL A 1 106 ? 3.787   -14.792 -4.571  1.00 39.66 ? 106 VAL A CA  1 
ATOM   691  C  C   . VAL A 1 106 ? 2.854   -14.021 -5.499  1.00 39.21 ? 106 VAL A C   1 
ATOM   692  O  O   . VAL A 1 106 ? 2.046   -13.219 -5.032  1.00 40.13 ? 106 VAL A O   1 
ATOM   693  C  CB  . VAL A 1 106 ? 3.050   -16.027 -4.005  1.00 40.15 ? 106 VAL A CB  1 
ATOM   694  C  CG1 . VAL A 1 106 ? 3.967   -16.785 -3.063  1.00 40.84 ? 106 VAL A CG1 1 
ATOM   695  C  CG2 . VAL A 1 106 ? 1.781   -15.598 -3.279  1.00 41.18 ? 106 VAL A CG2 1 
ATOM   696  N  N   . CYS A 1 107 ? 2.965   -14.242 -6.807  1.00 38.04 ? 107 CYS A N   1 
ATOM   697  C  CA  . CYS A 1 107 ? 2.105   -13.521 -7.742  1.00 37.13 ? 107 CYS A CA  1 
ATOM   698  C  C   . CYS A 1 107 ? 0.634   -13.739 -7.423  1.00 37.76 ? 107 CYS A C   1 
ATOM   699  O  O   . CYS A 1 107 ? 0.210   -14.853 -7.128  1.00 37.65 ? 107 CYS A O   1 
ATOM   700  C  CB  . CYS A 1 107 ? 2.369   -13.941 -9.187  1.00 35.25 ? 107 CYS A CB  1 
ATOM   701  S  SG  . CYS A 1 107 ? 1.297   -13.063 -10.354 1.00 34.41 ? 107 CYS A SG  1 
ATOM   702  N  N   . PRO A 1 108 ? -0.166  -12.667 -7.481  1.00 38.72 ? 108 PRO A N   1 
ATOM   703  C  CA  . PRO A 1 108 ? -1.598  -12.761 -7.193  1.00 39.76 ? 108 PRO A CA  1 
ATOM   704  C  C   . PRO A 1 108 ? -2.414  -13.431 -8.301  1.00 41.34 ? 108 PRO A C   1 
ATOM   705  O  O   . PRO A 1 108 ? -3.522  -13.910 -8.054  1.00 41.91 ? 108 PRO A O   1 
ATOM   706  C  CB  . PRO A 1 108 ? -1.993  -11.304 -6.963  1.00 39.99 ? 108 PRO A CB  1 
ATOM   707  C  CG  . PRO A 1 108 ? -1.100  -10.576 -7.915  1.00 38.28 ? 108 PRO A CG  1 
ATOM   708  C  CD  . PRO A 1 108 ? 0.232   -11.265 -7.706  1.00 39.10 ? 108 PRO A CD  1 
ATOM   709  N  N   . SER A 1 109 ? -1.870  -13.471 -9.515  1.00 42.31 ? 109 SER A N   1 
ATOM   710  C  CA  . SER A 1 109 ? -2.568  -14.094 -10.640 1.00 43.50 ? 109 SER A CA  1 
ATOM   711  C  C   . SER A 1 109 ? -2.873  -15.560 -10.335 1.00 45.77 ? 109 SER A C   1 
ATOM   712  O  O   . SER A 1 109 ? -1.965  -16.367 -10.135 1.00 44.81 ? 109 SER A O   1 
ATOM   713  C  CB  . SER A 1 109 ? -1.727  -13.998 -11.919 1.00 41.39 ? 109 SER A CB  1 
ATOM   714  O  OG  . SER A 1 109 ? -1.555  -12.648 -12.324 1.00 37.86 ? 109 SER A OG  1 
ATOM   715  N  N   . ASP A 1 110 ? -4.157  -15.899 -10.299 1.00 49.02 ? 110 ASP A N   1 
ATOM   716  C  CA  . ASP A 1 110 ? -4.576  -17.264 -10.007 1.00 52.26 ? 110 ASP A CA  1 
ATOM   717  C  C   . ASP A 1 110 ? -4.042  -18.230 -11.058 1.00 51.87 ? 110 ASP A C   1 
ATOM   718  O  O   . ASP A 1 110 ? -4.609  -18.355 -12.144 1.00 53.50 ? 110 ASP A O   1 
ATOM   719  C  CB  . ASP A 1 110 ? -6.106  -17.348 -9.956  1.00 55.73 ? 110 ASP A CB  1 
ATOM   720  C  CG  . ASP A 1 110 ? -6.600  -18.679 -9.418  1.00 58.88 ? 110 ASP A CG  1 
ATOM   721  O  OD1 . ASP A 1 110 ? -6.302  -18.996 -8.246  1.00 60.09 ? 110 ASP A OD1 1 
ATOM   722  O  OD2 . ASP A 1 110 ? -7.283  -19.410 -10.167 1.00 61.05 ? 110 ASP A OD2 1 
ATOM   723  N  N   . GLY A 1 111 ? -2.947  -18.906 -10.733 1.00 50.57 ? 111 GLY A N   1 
ATOM   724  C  CA  . GLY A 1 111 ? -2.362  -19.851 -11.666 1.00 48.32 ? 111 GLY A CA  1 
ATOM   725  C  C   . GLY A 1 111 ? -0.901  -19.584 -11.972 1.00 46.96 ? 111 GLY A C   1 
ATOM   726  O  O   . GLY A 1 111 ? -0.281  -20.323 -12.733 1.00 46.44 ? 111 GLY A O   1 
ATOM   727  N  N   . CYS A 1 112 ? -0.342  -18.529 -11.387 1.00 44.86 ? 112 CYS A N   1 
ATOM   728  C  CA  . CYS A 1 112 ? 1.059   -18.203 -11.622 1.00 42.39 ? 112 CYS A CA  1 
ATOM   729  C  C   . CYS A 1 112 ? 1.937   -18.776 -10.517 1.00 41.98 ? 112 CYS A C   1 
ATOM   730  O  O   . CYS A 1 112 ? 1.518   -18.854 -9.362  1.00 41.87 ? 112 CYS A O   1 
ATOM   731  C  CB  . CYS A 1 112 ? 1.254   -16.691 -11.703 1.00 41.30 ? 112 CYS A CB  1 
ATOM   732  S  SG  . CYS A 1 112 ? 2.927   -16.229 -12.183 1.00 38.03 ? 112 CYS A SG  1 
ATOM   733  N  N   . THR A 1 113 ? 3.157   -19.168 -10.873 1.00 41.27 ? 113 THR A N   1 
ATOM   734  C  CA  . THR A 1 113 ? 4.079   -19.755 -9.907  1.00 40.98 ? 113 THR A CA  1 
ATOM   735  C  C   . THR A 1 113 ? 5.219   -18.839 -9.479  1.00 40.23 ? 113 THR A C   1 
ATOM   736  O  O   . THR A 1 113 ? 6.077   -19.244 -8.692  1.00 40.01 ? 113 THR A O   1 
ATOM   737  C  CB  . THR A 1 113 ? 4.700   -21.056 -10.457 1.00 42.03 ? 113 THR A CB  1 
ATOM   738  O  OG1 . THR A 1 113 ? 5.472   -20.759 -11.627 1.00 42.40 ? 113 THR A OG1 1 
ATOM   739  C  CG2 . THR A 1 113 ? 3.609   -22.059 -10.812 1.00 41.74 ? 113 THR A CG2 1 
ATOM   740  N  N   . TRP A 1 114 ? 5.237   -17.611 -9.990  1.00 38.65 ? 114 TRP A N   1 
ATOM   741  C  CA  . TRP A 1 114 ? 6.295   -16.674 -9.634  1.00 37.47 ? 114 TRP A CA  1 
ATOM   742  C  C   . TRP A 1 114 ? 6.335   -16.437 -8.126  1.00 37.56 ? 114 TRP A C   1 
ATOM   743  O  O   . TRP A 1 114 ? 5.300   -16.235 -7.490  1.00 35.65 ? 114 TRP A O   1 
ATOM   744  C  CB  . TRP A 1 114 ? 6.105   -15.331 -10.345 1.00 35.07 ? 114 TRP A CB  1 
ATOM   745  C  CG  . TRP A 1 114 ? 7.238   -14.388 -10.086 1.00 34.59 ? 114 TRP A CG  1 
ATOM   746  C  CD1 . TRP A 1 114 ? 8.364   -14.231 -10.840 1.00 35.57 ? 114 TRP A CD1 1 
ATOM   747  C  CD2 . TRP A 1 114 ? 7.405   -13.543 -8.938  1.00 35.40 ? 114 TRP A CD2 1 
ATOM   748  N  NE1 . TRP A 1 114 ? 9.225   -13.347 -10.234 1.00 35.03 ? 114 TRP A NE1 1 
ATOM   749  C  CE2 . TRP A 1 114 ? 8.661   -12.908 -9.065  1.00 36.15 ? 114 TRP A CE2 1 
ATOM   750  C  CE3 . TRP A 1 114 ? 6.617   -13.265 -7.812  1.00 36.06 ? 114 TRP A CE3 1 
ATOM   751  C  CZ2 . TRP A 1 114 ? 9.149   -12.012 -8.107  1.00 36.51 ? 114 TRP A CZ2 1 
ATOM   752  C  CZ3 . TRP A 1 114 ? 7.104   -12.374 -6.859  1.00 34.71 ? 114 TRP A CZ3 1 
ATOM   753  C  CH2 . TRP A 1 114 ? 8.359   -11.759 -7.016  1.00 34.95 ? 114 TRP A CH2 1 
ATOM   754  N  N   . LYS A 1 115 ? 7.540   -16.463 -7.567  1.00 37.56 ? 115 LYS A N   1 
ATOM   755  C  CA  . LYS A 1 115 ? 7.745   -16.242 -6.142  1.00 39.54 ? 115 LYS A CA  1 
ATOM   756  C  C   . LYS A 1 115 ? 9.024   -15.459 -5.900  1.00 40.02 ? 115 LYS A C   1 
ATOM   757  O  O   . LYS A 1 115 ? 10.013  -15.623 -6.617  1.00 40.17 ? 115 LYS A O   1 
ATOM   758  C  CB  . LYS A 1 115 ? 7.823   -17.573 -5.386  1.00 42.13 ? 115 LYS A CB  1 
ATOM   759  C  CG  . LYS A 1 115 ? 6.488   -18.271 -5.197  1.00 45.17 ? 115 LYS A CG  1 
ATOM   760  C  CD  . LYS A 1 115 ? 6.586   -19.352 -4.128  1.00 47.99 ? 115 LYS A CD  1 
ATOM   761  C  CE  . LYS A 1 115 ? 5.208   -19.897 -3.768  1.00 49.55 ? 115 LYS A CE  1 
ATOM   762  N  NZ  . LYS A 1 115 ? 5.239   -20.763 -2.556  1.00 49.71 ? 115 LYS A NZ  1 
ATOM   763  N  N   . GLY A 1 116 ? 8.999   -14.608 -4.881  1.00 38.66 ? 116 GLY A N   1 
ATOM   764  C  CA  . GLY A 1 116 ? 10.161  -13.805 -4.547  1.00 37.55 ? 116 GLY A CA  1 
ATOM   765  C  C   . GLY A 1 116 ? 9.772   -12.758 -3.520  1.00 37.25 ? 116 GLY A C   1 
ATOM   766  O  O   . GLY A 1 116 ? 8.701   -12.847 -2.927  1.00 36.86 ? 116 GLY A O   1 
ATOM   767  N  N   . THR A 1 117 ? 10.634  -11.772 -3.300  1.00 36.86 ? 117 THR A N   1 
ATOM   768  C  CA  . THR A 1 117 ? 10.330  -10.722 -2.338  1.00 33.89 ? 117 THR A CA  1 
ATOM   769  C  C   . THR A 1 117 ? 9.349   -9.763  -2.999  1.00 33.10 ? 117 THR A C   1 
ATOM   770  O  O   . THR A 1 117 ? 9.218   -9.748  -4.223  1.00 30.89 ? 117 THR A O   1 
ATOM   771  C  CB  . THR A 1 117 ? 11.595  -9.941  -1.927  1.00 35.15 ? 117 THR A CB  1 
ATOM   772  O  OG1 . THR A 1 117 ? 12.100  -9.216  -3.055  1.00 36.90 ? 117 THR A OG1 1 
ATOM   773  C  CG2 . THR A 1 117 ? 12.673  -10.899 -1.427  1.00 36.29 ? 117 THR A CG2 1 
ATOM   774  N  N   . LEU A 1 118 ? 8.652   -8.968  -2.193  1.00 30.59 ? 118 LEU A N   1 
ATOM   775  C  CA  . LEU A 1 118 ? 7.697   -8.018  -2.739  1.00 29.48 ? 118 LEU A CA  1 
ATOM   776  C  C   . LEU A 1 118 ? 8.429   -7.015  -3.628  1.00 28.90 ? 118 LEU A C   1 
ATOM   777  O  O   . LEU A 1 118 ? 7.890   -6.565  -4.633  1.00 29.19 ? 118 LEU A O   1 
ATOM   778  C  CB  . LEU A 1 118 ? 6.957   -7.305  -1.603  1.00 29.96 ? 118 LEU A CB  1 
ATOM   779  C  CG  . LEU A 1 118 ? 5.859   -6.309  -1.988  1.00 29.19 ? 118 LEU A CG  1 
ATOM   780  C  CD1 . LEU A 1 118 ? 4.845   -6.219  -0.859  1.00 30.62 ? 118 LEU A CD1 1 
ATOM   781  C  CD2 . LEU A 1 118 ? 6.470   -4.946  -2.283  1.00 30.50 ? 118 LEU A CD2 1 
ATOM   782  N  N   . LYS A 1 119 ? 9.661   -6.676  -3.258  1.00 30.37 ? 119 LYS A N   1 
ATOM   783  C  CA  . LYS A 1 119 ? 10.447  -5.735  -4.050  1.00 32.07 ? 119 LYS A CA  1 
ATOM   784  C  C   . LYS A 1 119 ? 10.710  -6.328  -5.434  1.00 31.38 ? 119 LYS A C   1 
ATOM   785  O  O   . LYS A 1 119 ? 10.590  -5.638  -6.446  1.00 30.51 ? 119 LYS A O   1 
ATOM   786  C  CB  . LYS A 1 119 ? 11.781  -5.417  -3.362  1.00 33.24 ? 119 LYS A CB  1 
ATOM   787  C  CG  . LYS A 1 119 ? 12.574  -4.326  -4.071  1.00 37.93 ? 119 LYS A CG  1 
ATOM   788  C  CD  . LYS A 1 119 ? 13.890  -4.026  -3.370  1.00 43.25 ? 119 LYS A CD  1 
ATOM   789  C  CE  . LYS A 1 119 ? 14.623  -2.885  -4.057  1.00 43.98 ? 119 LYS A CE  1 
ATOM   790  N  NZ  . LYS A 1 119 ? 14.920  -3.196  -5.485  1.00 49.03 ? 119 LYS A NZ  1 
ATOM   791  N  N   . GLU A 1 120 ? 11.066  -7.609  -5.474  1.00 31.36 ? 120 GLU A N   1 
ATOM   792  C  CA  . GLU A 1 120 ? 11.329  -8.278  -6.748  1.00 32.06 ? 120 GLU A CA  1 
ATOM   793  C  C   . GLU A 1 120 ? 10.042  -8.343  -7.562  1.00 30.74 ? 120 GLU A C   1 
ATOM   794  O  O   . GLU A 1 120 ? 10.063  -8.247  -8.792  1.00 32.40 ? 120 GLU A O   1 
ATOM   795  C  CB  . GLU A 1 120 ? 11.871  -9.689  -6.507  1.00 33.81 ? 120 GLU A CB  1 
ATOM   796  C  CG  . GLU A 1 120 ? 13.139  -9.722  -5.673  1.00 36.80 ? 120 GLU A CG  1 
ATOM   797  C  CD  . GLU A 1 120 ? 13.642  -11.133 -5.429  1.00 39.84 ? 120 GLU A CD  1 
ATOM   798  O  OE1 . GLU A 1 120 ? 12.819  -12.009 -5.090  1.00 39.70 ? 120 GLU A OE1 1 
ATOM   799  O  OE2 . GLU A 1 120 ? 14.864  -11.360 -5.570  1.00 42.00 ? 120 GLU A OE2 1 
ATOM   800  N  N   . TYR A 1 121 ? 8.918   -8.499  -6.871  1.00 30.20 ? 121 TYR A N   1 
ATOM   801  C  CA  . TYR A 1 121 ? 7.629   -8.552  -7.541  1.00 30.10 ? 121 TYR A CA  1 
ATOM   802  C  C   . TYR A 1 121 ? 7.383   -7.231  -8.255  1.00 29.65 ? 121 TYR A C   1 
ATOM   803  O  O   . TYR A 1 121 ? 7.054   -7.197  -9.441  1.00 29.78 ? 121 TYR A O   1 
ATOM   804  C  CB  . TYR A 1 121 ? 6.501   -8.781  -6.534  1.00 30.46 ? 121 TYR A CB  1 
ATOM   805  C  CG  . TYR A 1 121 ? 5.133   -8.692  -7.167  1.00 31.30 ? 121 TYR A CG  1 
ATOM   806  C  CD1 . TYR A 1 121 ? 4.642   -9.727  -7.965  1.00 30.38 ? 121 TYR A CD1 1 
ATOM   807  C  CD2 . TYR A 1 121 ? 4.350   -7.549  -7.017  1.00 30.55 ? 121 TYR A CD2 1 
ATOM   808  C  CE1 . TYR A 1 121 ? 3.409   -9.624  -8.600  1.00 31.72 ? 121 TYR A CE1 1 
ATOM   809  C  CE2 . TYR A 1 121 ? 3.115   -7.436  -7.648  1.00 29.97 ? 121 TYR A CE2 1 
ATOM   810  C  CZ  . TYR A 1 121 ? 2.653   -8.476  -8.437  1.00 30.77 ? 121 TYR A CZ  1 
ATOM   811  O  OH  . TYR A 1 121 ? 1.440   -8.366  -9.072  1.00 31.83 ? 121 TYR A OH  1 
ATOM   812  N  N   . GLU A 1 122 ? 7.542   -6.142  -7.512  1.00 29.95 ? 122 GLU A N   1 
ATOM   813  C  CA  . GLU A 1 122 ? 7.324   -4.807  -8.050  1.00 31.48 ? 122 GLU A CA  1 
ATOM   814  C  C   . GLU A 1 122 ? 8.238   -4.479  -9.226  1.00 32.78 ? 122 GLU A C   1 
ATOM   815  O  O   . GLU A 1 122 ? 7.778   -4.014  -10.273 1.00 34.98 ? 122 GLU A O   1 
ATOM   816  C  CB  . GLU A 1 122 ? 7.533   -3.771  -6.944  1.00 29.41 ? 122 GLU A CB  1 
ATOM   817  C  CG  . GLU A 1 122 ? 7.326   -2.331  -7.377  1.00 31.89 ? 122 GLU A CG  1 
ATOM   818  C  CD  . GLU A 1 122 ? 7.676   -1.343  -6.273  1.00 36.33 ? 122 GLU A CD  1 
ATOM   819  O  OE1 . GLU A 1 122 ? 8.860   -1.289  -5.877  1.00 38.82 ? 122 GLU A OE1 1 
ATOM   820  O  OE2 . GLU A 1 122 ? 6.772   -0.626  -5.796  1.00 33.51 ? 122 GLU A OE2 1 
ATOM   821  N  N   . SER A 1 123 ? 9.529   -4.735  -9.060  1.00 34.37 ? 123 SER A N   1 
ATOM   822  C  CA  . SER A 1 123 ? 10.503  -4.413  -10.098 1.00 36.34 ? 123 SER A CA  1 
ATOM   823  C  C   . SER A 1 123 ? 10.693  -5.428  -11.219 1.00 37.57 ? 123 SER A C   1 
ATOM   824  O  O   . SER A 1 123 ? 11.100  -5.057  -12.322 1.00 37.65 ? 123 SER A O   1 
ATOM   825  C  CB  . SER A 1 123 ? 11.865  -4.127  -9.457  1.00 37.83 ? 123 SER A CB  1 
ATOM   826  O  OG  . SER A 1 123 ? 12.393  -5.288  -8.841  1.00 42.01 ? 123 SER A OG  1 
ATOM   827  N  N   . CYS A 1 124 ? 10.390  -6.694  -10.956 1.00 37.66 ? 124 CYS A N   1 
ATOM   828  C  CA  . CYS A 1 124 ? 10.596  -7.726  -11.964 1.00 38.17 ? 124 CYS A CA  1 
ATOM   829  C  C   . CYS A 1 124 ? 9.373   -8.445  -12.513 1.00 37.33 ? 124 CYS A C   1 
ATOM   830  O  O   . CYS A 1 124 ? 9.337   -8.779  -13.698 1.00 39.20 ? 124 CYS A O   1 
ATOM   831  C  CB  . CYS A 1 124 ? 11.568  -8.777  -11.423 1.00 40.28 ? 124 CYS A CB  1 
ATOM   832  S  SG  . CYS A 1 124 ? 13.155  -8.109  -10.884 1.00 47.62 ? 124 CYS A SG  1 
ATOM   833  N  N   . HIS A 1 125 ? 8.369   -8.693  -11.680 1.00 34.46 ? 125 HIS A N   1 
ATOM   834  C  CA  . HIS A 1 125 ? 7.212   -9.429  -12.165 1.00 33.14 ? 125 HIS A CA  1 
ATOM   835  C  C   . HIS A 1 125 ? 5.946   -8.644  -12.472 1.00 33.80 ? 125 HIS A C   1 
ATOM   836  O  O   . HIS A 1 125 ? 5.288   -8.911  -13.477 1.00 33.55 ? 125 HIS A O   1 
ATOM   837  C  CB  . HIS A 1 125 ? 6.872   -10.559 -11.192 1.00 33.16 ? 125 HIS A CB  1 
ATOM   838  C  CG  . HIS A 1 125 ? 5.993   -11.612 -11.788 1.00 33.10 ? 125 HIS A CG  1 
ATOM   839  N  ND1 . HIS A 1 125 ? 6.381   -12.377 -12.869 1.00 33.51 ? 125 HIS A ND1 1 
ATOM   840  C  CD2 . HIS A 1 125 ? 4.738   -12.011 -11.474 1.00 32.18 ? 125 HIS A CD2 1 
ATOM   841  C  CE1 . HIS A 1 125 ? 5.400   -13.201 -13.195 1.00 32.67 ? 125 HIS A CE1 1 
ATOM   842  N  NE2 . HIS A 1 125 ? 4.394   -13.000 -12.364 1.00 32.04 ? 125 HIS A NE2 1 
ATOM   843  N  N   . GLU A 1 126 ? 5.591   -7.689  -11.618 1.00 32.69 ? 126 GLU A N   1 
ATOM   844  C  CA  . GLU A 1 126 ? 4.379   -6.918  -11.853 1.00 32.10 ? 126 GLU A CA  1 
ATOM   845  C  C   . GLU A 1 126 ? 4.408   -6.308  -13.249 1.00 31.47 ? 126 GLU A C   1 
ATOM   846  O  O   . GLU A 1 126 ? 5.401   -5.706  -13.648 1.00 33.01 ? 126 GLU A O   1 
ATOM   847  C  CB  . GLU A 1 126 ? 4.224   -5.810  -10.808 1.00 30.82 ? 126 GLU A CB  1 
ATOM   848  C  CG  . GLU A 1 126 ? 2.821   -5.233  -10.766 1.00 30.25 ? 126 GLU A CG  1 
ATOM   849  C  CD  . GLU A 1 126 ? 2.639   -4.200  -9.673  1.00 31.90 ? 126 GLU A CD  1 
ATOM   850  O  OE1 . GLU A 1 126 ? 1.492   -4.031  -9.213  1.00 32.49 ? 126 GLU A OE1 1 
ATOM   851  O  OE2 . GLU A 1 126 ? 3.633   -3.554  -9.281  1.00 30.99 ? 126 GLU A OE2 1 
ATOM   852  N  N   . GLY A 1 127 ? 3.316   -6.474  -13.988 1.00 32.41 ? 127 GLY A N   1 
ATOM   853  C  CA  . GLY A 1 127 ? 3.244   -5.938  -15.337 1.00 34.57 ? 127 GLY A CA  1 
ATOM   854  C  C   . GLY A 1 127 ? 3.916   -6.841  -16.359 1.00 35.37 ? 127 GLY A C   1 
ATOM   855  O  O   . GLY A 1 127 ? 3.954   -6.527  -17.548 1.00 34.77 ? 127 GLY A O   1 
ATOM   856  N  N   . ARG A 1 128 ? 4.447   -7.966  -15.891 1.00 35.12 ? 128 ARG A N   1 
ATOM   857  C  CA  . ARG A 1 128 ? 5.131   -8.923  -16.755 1.00 35.22 ? 128 ARG A CA  1 
ATOM   858  C  C   . ARG A 1 128 ? 4.648   -10.337 -16.456 1.00 34.51 ? 128 ARG A C   1 
ATOM   859  O  O   . ARG A 1 128 ? 5.382   -11.307 -16.656 1.00 32.53 ? 128 ARG A O   1 
ATOM   860  C  CB  . ARG A 1 128 ? 6.643   -8.855  -16.523 1.00 38.18 ? 128 ARG A CB  1 
ATOM   861  C  CG  . ARG A 1 128 ? 7.262   -7.483  -16.737 1.00 41.04 ? 128 ARG A CG  1 
ATOM   862  C  CD  . ARG A 1 128 ? 8.724   -7.477  -16.313 1.00 45.25 ? 128 ARG A CD  1 
ATOM   863  N  NE  . ARG A 1 128 ? 9.306   -6.140  -16.364 1.00 50.49 ? 128 ARG A NE  1 
ATOM   864  C  CZ  . ARG A 1 128 ? 9.580   -5.482  -17.487 1.00 51.63 ? 128 ARG A CZ  1 
ATOM   865  N  NH1 . ARG A 1 128 ? 9.330   -6.037  -18.665 1.00 53.46 ? 128 ARG A NH1 1 
ATOM   866  N  NH2 . ARG A 1 128 ? 10.098  -4.264  -17.429 1.00 52.97 ? 128 ARG A NH2 1 
ATOM   867  N  N   . CYS A 1 129 ? 3.412   -10.448 -15.978 1.00 33.38 ? 129 CYS A N   1 
ATOM   868  C  CA  . CYS A 1 129 ? 2.836   -11.744 -15.631 1.00 34.96 ? 129 CYS A CA  1 
ATOM   869  C  C   . CYS A 1 129 ? 2.212   -12.490 -16.809 1.00 34.28 ? 129 CYS A C   1 
ATOM   870  O  O   . CYS A 1 129 ? 1.361   -11.952 -17.517 1.00 33.78 ? 129 CYS A O   1 
ATOM   871  C  CB  . CYS A 1 129 ? 1.779   -11.582 -14.536 1.00 35.09 ? 129 CYS A CB  1 
ATOM   872  S  SG  . CYS A 1 129 ? 0.959   -13.138 -14.115 1.00 36.99 ? 129 CYS A SG  1 
ATOM   873  N  N   . PRO A 1 130 ? 2.619   -13.754 -17.014 1.00 33.35 ? 130 PRO A N   1 
ATOM   874  C  CA  . PRO A 1 130 ? 2.140   -14.631 -18.088 1.00 34.40 ? 130 PRO A CA  1 
ATOM   875  C  C   . PRO A 1 130 ? 0.618   -14.763 -18.130 1.00 33.33 ? 130 PRO A C   1 
ATOM   876  O  O   . PRO A 1 130 ? 0.017   -14.707 -19.199 1.00 33.35 ? 130 PRO A O   1 
ATOM   877  C  CB  . PRO A 1 130 ? 2.816   -15.964 -17.771 1.00 34.03 ? 130 PRO A CB  1 
ATOM   878  C  CG  . PRO A 1 130 ? 4.089   -15.548 -17.141 1.00 34.01 ? 130 PRO A CG  1 
ATOM   879  C  CD  . PRO A 1 130 ? 3.660   -14.432 -16.220 1.00 32.06 ? 130 PRO A CD  1 
ATOM   880  N  N   . LEU A 1 131 ? 0.004   -14.940 -16.964 1.00 33.49 ? 131 LEU A N   1 
ATOM   881  C  CA  . LEU A 1 131 ? -1.446  -15.087 -16.876 1.00 35.58 ? 131 LEU A CA  1 
ATOM   882  C  C   . LEU A 1 131 ? -2.187  -13.840 -17.330 1.00 37.03 ? 131 LEU A C   1 
ATOM   883  O  O   . LEU A 1 131 ? -3.355  -13.908 -17.715 1.00 38.12 ? 131 LEU A O   1 
ATOM   884  C  CB  . LEU A 1 131 ? -1.863  -15.421 -15.441 1.00 36.06 ? 131 LEU A CB  1 
ATOM   885  C  CG  . LEU A 1 131 ? -1.607  -16.845 -14.938 1.00 34.14 ? 131 LEU A CG  1 
ATOM   886  C  CD1 . LEU A 1 131 ? -2.515  -17.805 -15.683 1.00 37.01 ? 131 LEU A CD1 1 
ATOM   887  C  CD2 . LEU A 1 131 ? -0.149  -17.219 -15.127 1.00 34.86 ? 131 LEU A CD2 1 
ATOM   888  N  N   . MET A 1 132 ? -1.508  -12.700 -17.282 1.00 37.93 ? 132 MET A N   1 
ATOM   889  C  CA  . MET A 1 132 ? -2.116  -11.436 -17.677 1.00 37.07 ? 132 MET A CA  1 
ATOM   890  C  C   . MET A 1 132 ? -1.831  -11.045 -19.126 1.00 36.34 ? 132 MET A C   1 
ATOM   891  O  O   . MET A 1 132 ? -2.707  -10.527 -19.819 1.00 37.30 ? 132 MET A O   1 
ATOM   892  C  CB  . MET A 1 132 ? -1.623  -10.309 -16.762 1.00 39.78 ? 132 MET A CB  1 
ATOM   893  C  CG  . MET A 1 132 ? -1.930  -10.495 -15.283 1.00 43.99 ? 132 MET A CG  1 
ATOM   894  S  SD  . MET A 1 132 ? -3.693  -10.664 -14.958 1.00 48.36 ? 132 MET A SD  1 
ATOM   895  C  CE  . MET A 1 132 ? -4.229  -8.967  -15.122 1.00 47.46 ? 132 MET A CE  1 
ATOM   896  N  N   . LEU A 1 133 ? -0.605  -11.296 -19.579 1.00 33.41 ? 133 LEU A N   1 
ATOM   897  C  CA  . LEU A 1 133 ? -0.189  -10.924 -20.929 1.00 33.14 ? 133 LEU A CA  1 
ATOM   898  C  C   . LEU A 1 133 ? -0.374  -11.960 -22.039 1.00 33.49 ? 133 LEU A C   1 
ATOM   899  O  O   . LEU A 1 133 ? -0.599  -11.594 -23.190 1.00 34.45 ? 133 LEU A O   1 
ATOM   900  C  CB  . LEU A 1 133 ? 1.271   -10.462 -20.890 1.00 32.84 ? 133 LEU A CB  1 
ATOM   901  C  CG  . LEU A 1 133 ? 1.491   -9.167  -20.097 1.00 35.20 ? 133 LEU A CG  1 
ATOM   902  C  CD1 . LEU A 1 133 ? 2.975   -8.916  -19.872 1.00 35.08 ? 133 LEU A CD1 1 
ATOM   903  C  CD2 . LEU A 1 133 ? 0.855   -8.007  -20.859 1.00 34.98 ? 133 LEU A CD2 1 
ATOM   904  N  N   . LEU A 1 134 ? -0.272  -13.240 -21.702 1.00 32.86 ? 134 LEU A N   1 
ATOM   905  C  CA  . LEU A 1 134 ? -0.430  -14.310 -22.689 1.00 34.83 ? 134 LEU A CA  1 
ATOM   906  C  C   . LEU A 1 134 ? -1.858  -14.847 -22.662 1.00 34.70 ? 134 LEU A C   1 
ATOM   907  O  O   . LEU A 1 134 ? -2.190  -15.727 -21.871 1.00 36.10 ? 134 LEU A O   1 
ATOM   908  C  CB  . LEU A 1 134 ? 0.573   -15.432 -22.396 1.00 34.36 ? 134 LEU A CB  1 
ATOM   909  C  CG  . LEU A 1 134 ? 2.019   -15.237 -22.884 1.00 36.68 ? 134 LEU A CG  1 
ATOM   910  C  CD1 . LEU A 1 134 ? 2.404   -13.766 -22.919 1.00 36.59 ? 134 LEU A CD1 1 
ATOM   911  C  CD2 . LEU A 1 134 ? 2.956   -16.024 -21.984 1.00 32.64 ? 134 LEU A CD2 1 
ATOM   912  N  N   . GLU A 1 135 ? -2.693  -14.315 -23.547 1.00 36.01 ? 135 GLU A N   1 
ATOM   913  C  CA  . GLU A 1 135 ? -4.102  -14.689 -23.618 1.00 36.88 ? 135 GLU A CA  1 
ATOM   914  C  C   . GLU A 1 135 ? -4.394  -16.171 -23.824 1.00 37.21 ? 135 GLU A C   1 
ATOM   915  O  O   . GLU A 1 135 ? -5.466  -16.646 -23.452 1.00 36.79 ? 135 GLU A O   1 
ATOM   916  C  CB  . GLU A 1 135 ? -4.791  -13.885 -24.720 1.00 38.40 ? 135 GLU A CB  1 
ATOM   917  C  CG  . GLU A 1 135 ? -4.433  -14.323 -26.125 1.00 39.55 ? 135 GLU A CG  1 
ATOM   918  C  CD  . GLU A 1 135 ? -4.871  -13.320 -27.166 1.00 39.82 ? 135 GLU A CD  1 
ATOM   919  O  OE1 . GLU A 1 135 ? -4.338  -12.191 -27.152 1.00 40.17 ? 135 GLU A OE1 1 
ATOM   920  O  OE2 . GLU A 1 135 ? -5.745  -13.657 -27.993 1.00 41.16 ? 135 GLU A OE2 1 
ATOM   921  N  N   . HIS A 1 136 ? -3.462  -16.910 -24.420 1.00 35.65 ? 136 HIS A N   1 
ATOM   922  C  CA  . HIS A 1 136 ? -3.699  -18.330 -24.637 1.00 36.53 ? 136 HIS A CA  1 
ATOM   923  C  C   . HIS A 1 136 ? -3.138  -19.191 -23.522 1.00 36.39 ? 136 HIS A C   1 
ATOM   924  O  O   . HIS A 1 136 ? -3.114  -20.416 -23.624 1.00 37.18 ? 136 HIS A O   1 
ATOM   925  C  CB  . HIS A 1 136 ? -3.128  -18.756 -25.988 1.00 35.85 ? 136 HIS A CB  1 
ATOM   926  C  CG  . HIS A 1 136 ? -3.778  -18.068 -27.142 1.00 35.67 ? 136 HIS A CG  1 
ATOM   927  N  ND1 . HIS A 1 136 ? -5.112  -18.231 -27.447 1.00 35.38 ? 136 HIS A ND1 1 
ATOM   928  C  CD2 . HIS A 1 136 ? -3.297  -17.170 -28.034 1.00 34.27 ? 136 HIS A CD2 1 
ATOM   929  C  CE1 . HIS A 1 136 ? -5.423  -17.466 -28.476 1.00 34.77 ? 136 HIS A CE1 1 
ATOM   930  N  NE2 . HIS A 1 136 ? -4.339  -16.812 -28.851 1.00 35.41 ? 136 HIS A NE2 1 
ATOM   931  N  N   . HIS A 1 137 ? -2.694  -18.543 -22.451 1.00 35.48 ? 137 HIS A N   1 
ATOM   932  C  CA  . HIS A 1 137 ? -2.152  -19.260 -21.308 1.00 36.37 ? 137 HIS A CA  1 
ATOM   933  C  C   . HIS A 1 137 ? -3.243  -20.146 -20.712 1.00 37.28 ? 137 HIS A C   1 
ATOM   934  O  O   . HIS A 1 137 ? -2.933  -21.279 -20.288 1.00 37.08 ? 137 HIS A O   1 
ATOM   935  C  CB  . HIS A 1 137 ? -1.643  -18.275 -20.252 1.00 36.22 ? 137 HIS A CB  1 
ATOM   936  C  CG  . HIS A 1 137 ? -0.846  -18.919 -19.165 1.00 34.82 ? 137 HIS A CG  1 
ATOM   937  N  ND1 . HIS A 1 137 ? -1.400  -19.790 -18.251 1.00 36.49 ? 137 HIS A ND1 1 
ATOM   938  C  CD2 . HIS A 1 137 ? 0.471   -18.842 -18.859 1.00 35.14 ? 137 HIS A CD2 1 
ATOM   939  C  CE1 . HIS A 1 137 ? -0.458  -20.221 -17.431 1.00 36.72 ? 137 HIS A CE1 1 
ATOM   940  N  NE2 . HIS A 1 137 ? 0.686   -19.660 -17.779 1.00 35.23 ? 137 HIS A NE2 1 
HETATM 941  ZN ZN  . ZN  B 2 .   ? -4.729  9.143   11.046  1.00 30.22 ? 201 ZN  A ZN  1 
HETATM 942  ZN ZN  . ZN  C 2 .   ? -3.477  2.351   -0.847  1.00 32.26 ? 202 ZN  A ZN  1 
HETATM 943  ZN ZN  . ZN  D 2 .   ? 2.408   -13.828 -12.345 1.00 37.86 ? 203 ZN  A ZN  1 
HETATM 944  O  O   . HOH E 3 .   ? -2.280  -3.244  -7.263  1.00 35.55 ? 142 HOH A O   1 
HETATM 945  O  O   . HOH E 3 .   ? -1.614  -6.114  -6.683  1.00 39.37 ? 143 HOH A O   1 
HETATM 946  O  O   . HOH E 3 .   ? -6.301  -7.709  -1.757  1.00 44.93 ? 144 HOH A O   1 
HETATM 947  O  O   . HOH E 3 .   ? 3.163   -15.568 0.596   1.00 60.01 ? 145 HOH A O   1 
HETATM 948  O  O   . HOH E 3 .   ? 3.948   -11.104 8.604   1.00 65.50 ? 146 HOH A O   1 
HETATM 949  O  O   . HOH E 3 .   ? -7.062  -4.568  11.820  1.00 54.22 ? 147 HOH A O   1 
HETATM 950  O  O   . HOH E 3 .   ? -0.440  -5.592  12.342  1.00 50.27 ? 148 HOH A O   1 
HETATM 951  O  O   . HOH E 3 .   ? -4.144  0.005   8.145   1.00 47.08 ? 149 HOH A O   1 
HETATM 952  O  O   . HOH E 3 .   ? 5.000   -1.290  9.626   1.00 48.70 ? 150 HOH A O   1 
HETATM 953  O  O   . HOH E 3 .   ? -1.245  2.958   9.157   1.00 29.38 ? 151 HOH A O   1 
HETATM 954  O  O   . HOH E 3 .   ? 0.004   0.819   7.976   1.00 56.64 ? 152 HOH A O   1 
HETATM 955  O  O   . HOH E 3 .   ? 0.681   3.552   11.179  1.00 42.83 ? 153 HOH A O   1 
HETATM 956  O  O   . HOH E 3 .   ? 1.451   4.179   -4.466  1.00 31.81 ? 154 HOH A O   1 
HETATM 957  O  O   . HOH E 3 .   ? 5.925   -0.505  -0.482  1.00 35.33 ? 155 HOH A O   1 
HETATM 958  O  O   . HOH E 3 .   ? 7.627   5.301   0.167   1.00 26.05 ? 156 HOH A O   1 
HETATM 959  O  O   . HOH E 3 .   ? 7.484   7.175   -2.139  1.00 50.31 ? 157 HOH A O   1 
HETATM 960  O  O   . HOH E 3 .   ? 3.740   10.728  11.696  1.00 35.95 ? 158 HOH A O   1 
HETATM 961  O  O   . HOH E 3 .   ? 4.562   12.986  11.570  1.00 39.75 ? 159 HOH A O   1 
HETATM 962  O  O   . HOH E 3 .   ? -0.711  14.737  7.576   1.00 31.33 ? 160 HOH A O   1 
HETATM 963  O  O   . HOH E 3 .   ? -2.560  13.317  9.524   1.00 33.61 ? 161 HOH A O   1 
HETATM 964  O  O   . HOH E 3 .   ? -0.890  4.955   13.834  1.00 45.31 ? 162 HOH A O   1 
HETATM 965  O  O   . HOH E 3 .   ? 3.166   1.047   13.460  1.00 58.44 ? 163 HOH A O   1 
HETATM 966  O  O   . HOH E 3 .   ? -8.433  8.951   5.149   1.00 33.80 ? 164 HOH A O   1 
HETATM 967  O  O   . HOH E 3 .   ? -9.058  11.243  4.059   1.00 40.70 ? 165 HOH A O   1 
HETATM 968  O  O   . HOH E 3 .   ? 3.510   -19.531 -14.199 1.00 60.72 ? 166 HOH A O   1 
HETATM 969  O  O   . HOH E 3 .   ? -3.547  18.875  -1.380  1.00 44.80 ? 167 HOH A O   1 
HETATM 970  O  O   . HOH E 3 .   ? -8.720  15.437  -10.001 1.00 51.97 ? 168 HOH A O   1 
HETATM 971  O  O   . HOH E 3 .   ? -8.525  16.553  -1.266  1.00 41.78 ? 169 HOH A O   1 
HETATM 972  O  O   . HOH E 3 .   ? -12.097 15.565  5.387   1.00 43.60 ? 170 HOH A O   1 
HETATM 973  O  O   . HOH E 3 .   ? -8.526  20.605  6.540   1.00 62.45 ? 171 HOH A O   1 
HETATM 974  O  O   . HOH E 3 .   ? -14.847 14.309  8.489   1.00 40.85 ? 172 HOH A O   1 
HETATM 975  O  O   . HOH E 3 .   ? -10.518 3.722   7.466   1.00 59.00 ? 173 HOH A O   1 
HETATM 976  O  O   . HOH E 3 .   ? -13.745 2.895   18.213  0.50 50.69 ? 174 HOH A O   1 
HETATM 977  O  O   . HOH E 3 .   ? -8.186  12.045  20.435  1.00 48.38 ? 175 HOH A O   1 
HETATM 978  O  O   . HOH E 3 .   ? -9.691  14.757  19.857  1.00 51.26 ? 176 HOH A O   1 
HETATM 979  O  O   . HOH E 3 .   ? -13.430 22.920  16.046  1.00 46.54 ? 177 HOH A O   1 
HETATM 980  O  O   . HOH E 3 .   ? -13.266 13.292  5.461   1.00 63.67 ? 178 HOH A O   1 
HETATM 981  O  O   . HOH E 3 .   ? -2.092  20.729  11.117  1.00 58.06 ? 179 HOH A O   1 
HETATM 982  O  O   . HOH E 3 .   ? -2.549  18.962  1.289   1.00 32.98 ? 180 HOH A O   1 
HETATM 983  O  O   . HOH E 3 .   ? -3.239  22.183  5.282   1.00 51.89 ? 181 HOH A O   1 
HETATM 984  O  O   . HOH E 3 .   ? -0.209  21.068  2.869   1.00 37.67 ? 182 HOH A O   1 
HETATM 985  O  O   . HOH E 3 .   ? 4.374   15.355  1.033   1.00 28.90 ? 183 HOH A O   1 
HETATM 986  O  O   . HOH E 3 .   ? 9.681   10.957  4.686   1.00 84.12 ? 184 HOH A O   1 
HETATM 987  O  O   . HOH E 3 .   ? 8.237   10.092  7.683   1.00 75.44 ? 185 HOH A O   1 
HETATM 988  O  O   . HOH E 3 .   ? 12.245  10.003  0.607   1.00 40.55 ? 186 HOH A O   1 
HETATM 989  O  O   . HOH E 3 .   ? 9.382   9.113   -2.147  1.00 33.97 ? 187 HOH A O   1 
HETATM 990  O  O   . HOH E 3 .   ? 12.565  -0.981  7.778   1.00 31.23 ? 188 HOH A O   1 
HETATM 991  O  O   . HOH E 3 .   ? 8.543   -0.195  9.849   1.00 51.22 ? 189 HOH A O   1 
HETATM 992  O  O   . HOH E 3 .   ? 12.709  5.540   -5.460  1.00 58.36 ? 190 HOH A O   1 
HETATM 993  O  O   . HOH E 3 .   ? 16.730  2.070   6.005   1.00 73.67 ? 191 HOH A O   1 
HETATM 994  O  O   . HOH E 3 .   ? 14.546  -2.301  0.037   1.00 60.68 ? 192 HOH A O   1 
HETATM 995  O  O   . HOH E 3 .   ? 14.060  -4.098  1.942   1.00 50.64 ? 193 HOH A O   1 
HETATM 996  O  O   . HOH E 3 .   ? 14.189  -10.102 2.044   1.00 62.58 ? 194 HOH A O   1 
HETATM 997  O  O   . HOH E 3 .   ? 0.050   -17.388 -7.373  1.00 54.49 ? 195 HOH A O   1 
HETATM 998  O  O   . HOH E 3 .   ? -3.126  -16.481 -7.115  1.00 57.24 ? 196 HOH A O   1 
HETATM 999  O  O   . HOH E 3 .   ? 1.753   -1.055  -10.963 1.00 73.90 ? 197 HOH A O   1 
HETATM 1000 O  O   . HOH E 3 .   ? 14.727  -7.970  -2.628  1.00 44.73 ? 198 HOH A O   1 
HETATM 1001 O  O   . HOH E 3 .   ? 0.858   -9.873  -11.361 1.00 43.09 ? 199 HOH A O   1 
HETATM 1002 O  O   . HOH E 3 .   ? 1.007   -7.961  -13.135 1.00 31.00 ? 200 HOH A O   1 
HETATM 1003 O  O   . HOH E 3 .   ? 1.062   -8.380  -16.009 1.00 34.19 ? 204 HOH A O   1 
HETATM 1004 O  O   . HOH E 3 .   ? 5.656   -2.492  -10.753 1.00 30.42 ? 205 HOH A O   1 
HETATM 1005 O  O   . HOH E 3 .   ? 5.032   0.376   -7.469  1.00 31.83 ? 206 HOH A O   1 
HETATM 1006 O  O   . HOH E 3 .   ? 2.517   1.460   -10.472 1.00 43.57 ? 207 HOH A O   1 
HETATM 1007 O  O   . HOH E 3 .   ? 5.005   -2.212  -13.423 1.00 43.57 ? 208 HOH A O   1 
HETATM 1008 O  O   . HOH E 3 .   ? 2.359   -2.988  -13.657 1.00 49.88 ? 209 HOH A O   1 
HETATM 1009 O  O   . HOH E 3 .   ? 6.098   -0.005  -9.917  1.00 42.32 ? 210 HOH A O   1 
HETATM 1010 O  O   . HOH E 3 .   ? 7.713   -12.461 -16.647 1.00 37.94 ? 211 HOH A O   1 
HETATM 1011 O  O   . HOH E 3 .   ? 8.770   -12.421 -14.215 1.00 36.88 ? 212 HOH A O   1 
HETATM 1012 O  O   . HOH E 3 .   ? -5.681  -17.918 -18.475 1.00 54.36 ? 213 HOH A O   1 
HETATM 1013 O  O   . HOH E 3 .   ? 3.294   -19.753 -16.730 1.00 37.90 ? 214 HOH A O   1 
HETATM 1014 O  O   . HOH E 3 .   ? -4.221  -10.978 -22.798 1.00 61.68 ? 215 HOH A O   1 
HETATM 1015 O  O   . HOH E 3 .   ? 11.454  7.938   -0.714  1.00 59.81 ? 216 HOH A O   1 
HETATM 1016 O  O   . HOH E 3 .   ? -4.670  -22.466 -14.743 1.00 69.25 ? 217 HOH A O   1 
HETATM 1017 O  O   . HOH E 3 .   ? -3.032  -24.077 -13.475 1.00 62.45 ? 218 HOH A O   1 
HETATM 1018 O  O   . HOH E 3 .   ? 11.030  4.653   -7.136  1.00 77.30 ? 219 HOH A O   1 
HETATM 1019 O  O   . HOH E 3 .   ? -0.156  -6.396  -8.830  1.00 38.34 ? 220 HOH A O   1 
HETATM 1020 O  O   . HOH E 3 .   ? -9.203  6.917   3.675   1.00 49.18 ? 221 HOH A O   1 
HETATM 1021 O  O   . HOH E 3 .   ? -7.130  4.832   -2.681  1.00 48.76 ? 222 HOH A O   1 
HETATM 1022 O  O   . HOH E 3 .   ? 6.735   -0.608  -2.753  1.00 42.18 ? 223 HOH A O   1 
HETATM 1023 O  O   . HOH E 3 .   ? 8.178   6.275   -4.530  1.00 54.90 ? 224 HOH A O   1 
HETATM 1024 O  O   . HOH E 3 .   ? -2.033  10.335  16.286  1.00 44.82 ? 225 HOH A O   1 
HETATM 1025 O  O   . HOH E 3 .   ? -10.852 10.383  -2.060  1.00 52.13 ? 226 HOH A O   1 
HETATM 1026 O  O   . HOH E 3 .   ? -10.222 20.073  1.501   1.00 51.48 ? 227 HOH A O   1 
HETATM 1027 O  O   . HOH E 3 .   ? -2.120  -9.606  -23.266 1.00 69.93 ? 228 HOH A O   1 
HETATM 1028 O  O   . HOH E 3 .   ? -11.691 19.145  13.194  1.00 53.11 ? 229 HOH A O   1 
HETATM 1029 O  O   . HOH E 3 .   ? 8.193   -16.037 -1.723  1.00 47.91 ? 230 HOH A O   1 
HETATM 1030 O  O   . HOH E 3 .   ? 13.319  -14.771 -2.119  1.00 52.89 ? 231 HOH A O   1 
HETATM 1031 O  O   . HOH E 3 .   ? 11.002  -2.782  -6.283  1.00 42.07 ? 232 HOH A O   1 
HETATM 1032 O  O   . HOH E 3 .   ? 7.725   -4.790  -13.065 1.00 42.54 ? 233 HOH A O   1 
HETATM 1033 O  O   . HOH E 3 .   ? -0.205  -8.628  -24.285 1.00 41.76 ? 234 HOH A O   1 
HETATM 1034 O  O   . HOH E 3 .   ? -4.614  -22.746 -24.612 1.00 46.08 ? 235 HOH A O   1 
HETATM 1035 O  O   . HOH E 3 .   ? -3.380  -24.378 -26.159 1.00 47.81 ? 236 HOH A O   1 
# 
